data_8HNI
#
_entry.id   8HNI
#
_cell.length_a   225.252
_cell.length_b   98.306
_cell.length_c   145.928
_cell.angle_alpha   90.00
_cell.angle_beta   130.37
_cell.angle_gamma   90.00
#
_symmetry.space_group_name_H-M   'C 1 2 1'
#
loop_
_entity.id
_entity.type
_entity.pdbx_description
1 polymer 'Heterogeneous nuclear ribonucleoproteins A2/B1'
2 polymer "DNA (5'-D(P*TP*AP*GP*GP*GP*TP*TP*AP*GP*GP*GP*T)-3')"
#
loop_
_entity_poly.entity_id
_entity_poly.type
_entity_poly.pdbx_seq_one_letter_code
_entity_poly.pdbx_strand_id
1 'polypeptide(L)'
;REKEQFRKLFIGGLSFETTEESLRNYYEQWGKLTDCVVMRDPASKRSRGFGFVTFSSMAEVDAAMAARPHSIDGRVVEPK
RAVAREESGKPGAHVTVKKLFVGGIKEDTEEHHLRDYFEEYGKIDTIEIITDRQSGKKRGFGFVTFDDHDPVDKIVLQKY
HTINGHNAEVRKALSRQEM
;
A,B,C,D,E,F,G,H,I,J,K,L
2 'polydeoxyribonucleotide' (DT)(DA)(DG)(DG)(DG)(DT)(DT)(DA)(DG)(DG)(DG)(DT) M,N,O,P,Q,R,S,T,U,V,W,X
#
loop_
_chem_comp.id
_chem_comp.type
_chem_comp.name
_chem_comp.formula
DA DNA linking 2'-DEOXYADENOSINE-5'-MONOPHOSPHATE 'C10 H14 N5 O6 P'
DG DNA linking 2'-DEOXYGUANOSINE-5'-MONOPHOSPHATE 'C10 H14 N5 O7 P'
DT DNA linking THYMIDINE-5'-MONOPHOSPHATE 'C10 H15 N2 O8 P'
#
# COMPACT_ATOMS: atom_id res chain seq x y z
N ARG A 1 -16.49 -28.01 -7.13
CA ARG A 1 -17.19 -27.49 -5.95
C ARG A 1 -17.62 -26.05 -6.19
N GLU A 2 -18.55 -25.58 -5.36
CA GLU A 2 -19.04 -24.22 -5.48
C GLU A 2 -17.92 -23.22 -5.23
N LYS A 3 -18.17 -21.96 -5.61
CA LYS A 3 -17.20 -20.91 -5.38
C LYS A 3 -17.17 -20.53 -3.90
N GLU A 4 -16.11 -19.80 -3.52
CA GLU A 4 -15.90 -19.48 -2.11
C GLU A 4 -17.11 -18.78 -1.51
N GLN A 5 -17.72 -17.85 -2.24
CA GLN A 5 -18.84 -17.08 -1.69
C GLN A 5 -19.92 -18.00 -1.15
N PHE A 6 -20.17 -19.11 -1.82
CA PHE A 6 -21.21 -20.04 -1.40
C PHE A 6 -20.75 -20.98 -0.30
N ARG A 7 -19.47 -20.95 0.06
CA ARG A 7 -18.94 -21.77 1.13
C ARG A 7 -18.43 -20.92 2.29
N LYS A 8 -18.74 -19.62 2.30
CA LYS A 8 -18.21 -18.68 3.28
C LYS A 8 -19.36 -18.13 4.12
N LEU A 9 -19.10 -17.94 5.41
CA LEU A 9 -20.09 -17.39 6.33
C LEU A 9 -19.57 -16.09 6.92
N PHE A 10 -20.40 -15.06 6.88
CA PHE A 10 -20.15 -13.84 7.64
C PHE A 10 -20.55 -14.08 9.09
N ILE A 11 -19.62 -13.88 10.01
CA ILE A 11 -19.84 -14.13 11.43
C ILE A 11 -19.90 -12.78 12.12
N GLY A 12 -21.10 -12.34 12.46
CA GLY A 12 -21.31 -11.04 13.07
C GLY A 12 -21.40 -11.10 14.58
N GLY A 13 -20.99 -10.01 15.22
CA GLY A 13 -21.10 -9.90 16.66
C GLY A 13 -20.08 -10.71 17.43
N LEU A 14 -18.88 -10.90 16.88
CA LEU A 14 -17.84 -11.62 17.59
C LEU A 14 -17.39 -10.84 18.82
N SER A 15 -17.04 -11.59 19.88
CA SER A 15 -16.35 -10.99 21.00
C SER A 15 -15.02 -10.43 20.53
N PHE A 16 -14.67 -9.24 21.01
CA PHE A 16 -13.43 -8.59 20.58
C PHE A 16 -12.20 -9.41 20.95
N GLU A 17 -12.30 -10.33 21.91
CA GLU A 17 -11.15 -11.14 22.28
C GLU A 17 -10.98 -12.36 21.37
N THR A 18 -12.03 -12.77 20.65
CA THR A 18 -11.92 -13.93 19.78
C THR A 18 -10.86 -13.70 18.70
N THR A 19 -10.04 -14.72 18.49
CA THR A 19 -8.97 -14.69 17.50
C THR A 19 -9.25 -15.71 16.41
N GLU A 20 -8.42 -15.69 15.38
CA GLU A 20 -8.60 -16.62 14.27
C GLU A 20 -8.46 -18.06 14.73
N GLU A 21 -7.66 -18.31 15.77
CA GLU A 21 -7.48 -19.67 16.27
C GLU A 21 -8.77 -20.19 16.91
N SER A 22 -9.35 -19.40 17.83
CA SER A 22 -10.55 -19.84 18.51
C SER A 22 -11.75 -19.89 17.56
N LEU A 23 -11.81 -18.98 16.59
CA LEU A 23 -12.89 -19.02 15.62
C LEU A 23 -12.81 -20.29 14.77
N ARG A 24 -11.61 -20.61 14.29
CA ARG A 24 -11.42 -21.87 13.56
C ARG A 24 -11.78 -23.06 14.44
N ASN A 25 -11.22 -23.10 15.65
CA ASN A 25 -11.48 -24.23 16.55
C ASN A 25 -12.97 -24.49 16.70
N TYR A 26 -13.78 -23.43 16.70
CA TYR A 26 -15.21 -23.60 16.91
C TYR A 26 -15.89 -24.17 15.68
N TYR A 27 -15.73 -23.50 14.54
CA TYR A 27 -16.43 -23.90 13.33
C TYR A 27 -15.86 -25.14 12.66
N GLU A 28 -14.67 -25.59 13.06
CA GLU A 28 -14.16 -26.85 12.54
C GLU A 28 -14.98 -28.06 12.99
N GLN A 29 -15.92 -27.88 13.93
CA GLN A 29 -16.79 -28.97 14.32
C GLN A 29 -17.59 -29.51 13.16
N TRP A 30 -17.76 -28.73 12.09
CA TRP A 30 -18.62 -29.10 10.97
C TRP A 30 -17.83 -29.35 9.69
N GLY A 31 -16.51 -29.34 9.75
CA GLY A 31 -15.71 -29.65 8.58
C GLY A 31 -14.42 -28.86 8.57
N LYS A 32 -13.65 -29.09 7.52
CA LYS A 32 -12.37 -28.40 7.35
C LYS A 32 -12.59 -27.01 6.78
N LEU A 33 -11.88 -26.04 7.32
CA LEU A 33 -11.97 -24.65 6.86
C LEU A 33 -10.84 -24.35 5.91
N THR A 34 -11.18 -23.79 4.74
CA THR A 34 -10.19 -23.37 3.77
C THR A 34 -9.75 -21.93 3.99
N ASP A 35 -10.46 -21.18 4.84
CA ASP A 35 -10.10 -19.80 5.14
C ASP A 35 -10.80 -19.41 6.43
N CYS A 36 -10.16 -18.48 7.15
CA CYS A 36 -10.71 -18.00 8.41
C CYS A 36 -10.01 -16.71 8.78
N VAL A 37 -10.78 -15.69 9.11
CA VAL A 37 -10.23 -14.36 9.36
C VAL A 37 -11.12 -13.63 10.35
N VAL A 38 -10.47 -12.94 11.29
CA VAL A 38 -11.13 -11.99 12.18
C VAL A 38 -10.72 -10.60 11.72
N MET A 39 -11.71 -9.77 11.41
CA MET A 39 -11.45 -8.44 10.89
C MET A 39 -11.02 -7.51 11.99
N ARG A 40 -10.03 -6.66 11.70
CA ARG A 40 -9.45 -5.78 12.70
C ARG A 40 -9.17 -4.41 12.08
N ASP A 41 -9.08 -3.42 12.94
CA ASP A 41 -8.73 -2.07 12.52
C ASP A 41 -7.25 -2.02 12.16
N PRO A 42 -6.89 -1.65 10.92
CA PRO A 42 -5.45 -1.71 10.55
C PRO A 42 -4.57 -0.86 11.44
N ALA A 43 -5.04 0.30 11.89
CA ALA A 43 -4.20 1.20 12.67
C ALA A 43 -4.04 0.71 14.10
N SER A 44 -5.15 0.52 14.81
CA SER A 44 -5.11 0.15 16.23
C SER A 44 -5.14 -1.36 16.46
N LYS A 45 -5.35 -2.15 15.42
CA LYS A 45 -5.39 -3.61 15.51
C LYS A 45 -6.53 -4.12 16.38
N ARG A 46 -7.48 -3.25 16.73
CA ARG A 46 -8.64 -3.69 17.51
C ARG A 46 -9.60 -4.47 16.63
N SER A 47 -10.24 -5.48 17.21
CA SER A 47 -11.21 -6.28 16.47
C SER A 47 -12.40 -5.43 16.04
N ARG A 48 -12.82 -5.62 14.79
CA ARG A 48 -13.97 -4.92 14.24
C ARG A 48 -15.29 -5.60 14.59
N GLY A 49 -15.25 -6.73 15.28
CA GLY A 49 -16.46 -7.40 15.75
C GLY A 49 -17.07 -8.38 14.77
N PHE A 50 -16.35 -8.80 13.74
CA PHE A 50 -16.86 -9.78 12.80
C PHE A 50 -15.70 -10.43 12.07
N GLY A 51 -16.00 -11.50 11.36
CA GLY A 51 -15.01 -12.21 10.59
C GLY A 51 -15.67 -13.12 9.59
N PHE A 52 -14.87 -13.93 8.91
CA PHE A 52 -15.37 -14.84 7.87
C PHE A 52 -14.71 -16.22 8.04
N VAL A 53 -15.46 -17.30 7.84
CA VAL A 53 -14.95 -18.69 7.82
C VAL A 53 -15.42 -19.27 6.50
N THR A 54 -14.59 -20.02 5.79
CA THR A 54 -14.94 -20.64 4.51
C THR A 54 -14.75 -22.15 4.62
N PHE A 55 -15.82 -22.92 4.46
CA PHE A 55 -15.77 -24.38 4.50
C PHE A 55 -15.42 -24.94 3.12
N SER A 56 -15.06 -26.22 3.10
CA SER A 56 -14.67 -26.89 1.88
C SER A 56 -15.85 -27.29 0.98
N SER A 57 -17.08 -27.23 1.49
CA SER A 57 -18.23 -27.61 0.70
C SER A 57 -19.46 -26.91 1.25
N MET A 58 -20.54 -26.92 0.46
CA MET A 58 -21.78 -26.29 0.89
C MET A 58 -22.50 -27.14 1.94
N ALA A 59 -22.27 -28.44 1.96
CA ALA A 59 -22.89 -29.28 2.97
C ALA A 59 -22.38 -28.93 4.37
N GLU A 60 -21.11 -28.54 4.48
CA GLU A 60 -20.55 -28.19 5.78
C GLU A 60 -21.15 -26.90 6.33
N VAL A 61 -21.27 -25.86 5.50
CA VAL A 61 -21.92 -24.64 5.96
C VAL A 61 -23.36 -24.94 6.38
N ASP A 62 -24.08 -25.70 5.56
CA ASP A 62 -25.46 -26.05 5.92
C ASP A 62 -25.49 -26.81 7.24
N ALA A 63 -24.53 -27.71 7.45
CA ALA A 63 -24.44 -28.41 8.73
C ALA A 63 -24.16 -27.43 9.86
N ALA A 64 -23.24 -26.49 9.64
CA ALA A 64 -22.94 -25.48 10.65
C ALA A 64 -24.17 -24.65 10.96
N MET A 65 -24.88 -24.21 9.93
CA MET A 65 -26.07 -23.39 10.14
C MET A 65 -27.19 -24.20 10.77
N ALA A 66 -27.21 -25.52 10.55
CA ALA A 66 -28.22 -26.36 11.18
C ALA A 66 -28.01 -26.46 12.69
N ALA A 67 -26.84 -26.08 13.20
CA ALA A 67 -26.51 -26.23 14.61
C ALA A 67 -26.59 -24.91 15.37
N ARG A 68 -27.29 -23.92 14.84
CA ARG A 68 -27.47 -22.65 15.54
C ARG A 68 -28.38 -22.84 16.74
N PRO A 69 -28.29 -21.95 17.74
CA PRO A 69 -27.42 -20.77 17.82
C PRO A 69 -25.96 -21.13 18.07
N HIS A 70 -25.05 -20.21 17.71
CA HIS A 70 -23.62 -20.40 17.91
C HIS A 70 -23.11 -19.42 18.95
N SER A 71 -22.36 -19.94 19.92
CA SER A 71 -21.73 -19.14 20.95
C SER A 71 -20.24 -19.40 20.91
N ILE A 72 -19.45 -18.32 20.85
CA ILE A 72 -18.01 -18.42 20.73
C ILE A 72 -17.39 -17.51 21.78
N ASP A 73 -16.54 -18.10 22.63
CA ASP A 73 -15.85 -17.34 23.67
C ASP A 73 -16.84 -16.55 24.53
N GLY A 74 -17.99 -17.17 24.82
CA GLY A 74 -18.97 -16.59 25.70
C GLY A 74 -19.89 -15.56 25.09
N ARG A 75 -19.94 -15.45 23.78
CA ARG A 75 -20.82 -14.48 23.11
C ARG A 75 -21.59 -15.20 22.01
N VAL A 76 -22.88 -14.93 21.94
CA VAL A 76 -23.71 -15.50 20.88
C VAL A 76 -23.49 -14.69 19.62
N VAL A 77 -23.12 -15.36 18.53
CA VAL A 77 -22.80 -14.72 17.28
C VAL A 77 -23.95 -14.91 16.30
N GLU A 78 -23.90 -14.17 15.19
CA GLU A 78 -24.93 -14.24 14.14
C GLU A 78 -24.22 -14.61 12.85
N PRO A 79 -24.17 -15.89 12.50
CA PRO A 79 -23.57 -16.28 11.22
C PRO A 79 -24.56 -16.09 10.08
N LYS A 80 -24.05 -15.67 8.93
CA LYS A 80 -24.89 -15.39 7.77
C LYS A 80 -24.14 -15.78 6.51
N ARG A 81 -24.91 -16.21 5.51
CA ARG A 81 -24.35 -16.47 4.19
C ARG A 81 -23.72 -15.20 3.64
N ALA A 82 -22.53 -15.33 3.06
CA ALA A 82 -21.76 -14.18 2.62
C ALA A 82 -22.43 -13.49 1.44
N VAL A 83 -22.62 -12.17 1.56
CA VAL A 83 -23.10 -11.35 0.46
C VAL A 83 -21.90 -10.82 -0.32
N ALA A 84 -21.93 -10.97 -1.63
CA ALA A 84 -20.81 -10.59 -2.47
C ALA A 84 -20.52 -9.10 -2.36
N ARG A 85 -19.23 -8.75 -2.51
CA ARG A 85 -18.82 -7.37 -2.43
C ARG A 85 -19.49 -6.51 -3.48
N GLU A 86 -19.80 -7.09 -4.65
CA GLU A 86 -20.44 -6.31 -5.71
C GLU A 86 -21.82 -5.80 -5.31
N GLU A 87 -22.45 -6.41 -4.31
CA GLU A 87 -23.77 -5.98 -3.88
C GLU A 87 -23.73 -4.79 -2.93
N SER A 88 -22.56 -4.37 -2.47
CA SER A 88 -22.47 -3.22 -1.58
C SER A 88 -23.02 -1.98 -2.29
N GLY A 89 -23.83 -1.21 -1.56
CA GLY A 89 -24.47 -0.04 -2.11
C GLY A 89 -25.89 -0.26 -2.58
N LYS A 90 -26.35 -1.53 -2.67
CA LYS A 90 -27.72 -1.80 -3.07
C LYS A 90 -28.62 -1.81 -1.84
N PRO A 91 -29.83 -1.24 -1.92
CA PRO A 91 -30.73 -1.27 -0.76
C PRO A 91 -31.00 -2.70 -0.29
N GLY A 92 -30.85 -2.92 1.01
CA GLY A 92 -31.14 -4.20 1.61
C GLY A 92 -30.09 -5.27 1.40
N ALA A 93 -28.92 -4.91 0.85
CA ALA A 93 -27.91 -5.91 0.56
C ALA A 93 -27.55 -6.72 1.80
N HIS A 94 -27.47 -6.06 2.97
CA HIS A 94 -26.98 -6.69 4.18
C HIS A 94 -28.06 -6.83 5.25
N VAL A 95 -29.32 -6.63 4.89
CA VAL A 95 -30.42 -6.77 5.84
C VAL A 95 -30.71 -8.25 6.05
N THR A 96 -31.07 -8.61 7.28
CA THR A 96 -31.42 -9.98 7.64
C THR A 96 -32.92 -10.04 7.88
N VAL A 97 -33.62 -10.81 7.04
CA VAL A 97 -35.07 -10.90 7.10
C VAL A 97 -35.50 -12.34 6.89
N LYS A 98 -36.73 -12.65 7.32
CA LYS A 98 -37.32 -13.96 7.12
C LYS A 98 -38.25 -14.02 5.92
N LYS A 99 -38.48 -12.89 5.24
CA LYS A 99 -39.46 -12.83 4.17
C LYS A 99 -38.77 -12.63 2.83
N LEU A 100 -39.34 -13.24 1.79
CA LEU A 100 -38.75 -13.28 0.46
C LEU A 100 -39.73 -12.68 -0.54
N PHE A 101 -39.24 -11.75 -1.35
CA PHE A 101 -40.03 -11.18 -2.44
C PHE A 101 -39.86 -12.04 -3.67
N VAL A 102 -40.98 -12.34 -4.34
CA VAL A 102 -40.98 -13.17 -5.54
C VAL A 102 -41.75 -12.42 -6.61
N GLY A 103 -41.06 -12.06 -7.70
CA GLY A 103 -41.66 -11.33 -8.80
C GLY A 103 -41.65 -12.14 -10.08
N GLY A 104 -42.43 -11.67 -11.05
CA GLY A 104 -42.50 -12.31 -12.34
C GLY A 104 -43.34 -13.56 -12.41
N ILE A 105 -44.19 -13.80 -11.40
CA ILE A 105 -45.02 -15.00 -11.38
C ILE A 105 -46.36 -14.79 -12.07
N LYS A 106 -46.64 -13.58 -12.56
CA LYS A 106 -47.82 -13.32 -13.36
C LYS A 106 -49.09 -13.70 -12.61
N GLU A 107 -50.20 -13.87 -13.33
CA GLU A 107 -51.51 -14.03 -12.72
C GLU A 107 -51.90 -15.49 -12.50
N ASP A 108 -51.08 -16.45 -12.93
CA ASP A 108 -51.44 -17.86 -12.90
C ASP A 108 -50.68 -18.64 -11.84
N THR A 109 -50.14 -17.96 -10.83
CA THR A 109 -49.37 -18.60 -9.77
C THR A 109 -50.11 -18.43 -8.46
N GLU A 110 -50.26 -19.51 -7.72
CA GLU A 110 -51.00 -19.55 -6.47
C GLU A 110 -50.08 -19.96 -5.33
N GLU A 111 -50.62 -19.89 -4.12
CA GLU A 111 -49.83 -20.20 -2.93
C GLU A 111 -49.17 -21.57 -3.02
N HIS A 112 -49.90 -22.58 -3.50
CA HIS A 112 -49.36 -23.93 -3.49
C HIS A 112 -48.15 -24.05 -4.42
N HIS A 113 -48.10 -23.25 -5.48
CA HIS A 113 -46.94 -23.26 -6.35
C HIS A 113 -45.70 -22.78 -5.60
N LEU A 114 -45.83 -21.67 -4.86
CA LEU A 114 -44.71 -21.19 -4.05
C LEU A 114 -44.40 -22.17 -2.93
N ARG A 115 -45.44 -22.74 -2.32
CA ARG A 115 -45.23 -23.73 -1.27
C ARG A 115 -44.44 -24.92 -1.80
N ASP A 116 -44.88 -25.48 -2.93
CA ASP A 116 -44.22 -26.66 -3.47
C ASP A 116 -42.76 -26.39 -3.79
N TYR A 117 -42.45 -25.20 -4.31
CA TYR A 117 -41.09 -24.91 -4.72
C TYR A 117 -40.17 -24.62 -3.53
N PHE A 118 -40.62 -23.79 -2.60
CA PHE A 118 -39.74 -23.28 -1.56
C PHE A 118 -39.72 -24.15 -0.30
N GLU A 119 -40.64 -25.11 -0.16
CA GLU A 119 -40.67 -25.92 1.05
C GLU A 119 -39.35 -26.65 1.29
N GLU A 120 -38.59 -26.93 0.23
CA GLU A 120 -37.34 -27.66 0.39
C GLU A 120 -36.24 -26.81 1.02
N TYR A 121 -36.38 -25.48 1.00
CA TYR A 121 -35.35 -24.61 1.57
C TYR A 121 -35.50 -24.42 3.08
N GLY A 122 -36.68 -24.67 3.62
CA GLY A 122 -36.91 -24.48 5.03
C GLY A 122 -38.39 -24.44 5.32
N LYS A 123 -38.70 -24.34 6.61
CA LYS A 123 -40.10 -24.31 7.03
C LYS A 123 -40.73 -22.97 6.69
N ILE A 124 -41.90 -23.00 6.07
CA ILE A 124 -42.60 -21.81 5.61
C ILE A 124 -43.64 -21.43 6.65
N ASP A 125 -43.62 -20.16 7.08
CA ASP A 125 -44.59 -19.68 8.04
C ASP A 125 -45.86 -19.17 7.36
N THR A 126 -45.72 -18.32 6.34
CA THR A 126 -46.88 -17.79 5.63
C THR A 126 -46.50 -17.52 4.18
N ILE A 127 -47.51 -17.48 3.33
CA ILE A 127 -47.34 -17.13 1.92
C ILE A 127 -48.42 -16.12 1.54
N GLU A 128 -48.04 -15.10 0.79
CA GLU A 128 -48.97 -14.05 0.37
C GLU A 128 -48.85 -13.85 -1.13
N ILE A 129 -49.98 -13.92 -1.82
CA ILE A 129 -50.07 -13.61 -3.24
C ILE A 129 -50.78 -12.27 -3.35
N ILE A 130 -50.05 -11.24 -3.77
CA ILE A 130 -50.58 -9.88 -3.77
C ILE A 130 -51.58 -9.72 -4.91
N THR A 131 -52.69 -9.06 -4.61
CA THR A 131 -53.74 -8.79 -5.58
C THR A 131 -54.14 -7.32 -5.47
N ASP A 132 -54.93 -6.88 -6.44
CA ASP A 132 -55.49 -5.54 -6.40
C ASP A 132 -56.77 -5.57 -5.57
N ARG A 133 -56.81 -4.77 -4.50
CA ARG A 133 -57.94 -4.84 -3.57
C ARG A 133 -59.25 -4.49 -4.26
N GLN A 134 -59.19 -3.71 -5.35
CA GLN A 134 -60.40 -3.28 -6.03
C GLN A 134 -60.73 -4.19 -7.20
N SER A 135 -59.75 -4.47 -8.05
CA SER A 135 -59.99 -5.34 -9.21
C SER A 135 -59.98 -6.82 -8.82
N GLY A 136 -59.18 -7.20 -7.82
CA GLY A 136 -59.06 -8.58 -7.44
C GLY A 136 -58.08 -9.39 -8.26
N LYS A 137 -57.53 -8.81 -9.33
CA LYS A 137 -56.59 -9.54 -10.18
C LYS A 137 -55.22 -9.62 -9.53
N LYS A 138 -54.54 -10.74 -9.74
CA LYS A 138 -53.22 -10.94 -9.18
C LYS A 138 -52.21 -10.03 -9.89
N ARG A 139 -51.32 -9.42 -9.10
CA ARG A 139 -50.41 -8.40 -9.61
C ARG A 139 -49.06 -8.96 -10.04
N GLY A 140 -48.86 -10.27 -9.96
CA GLY A 140 -47.66 -10.88 -10.50
C GLY A 140 -46.51 -11.01 -9.55
N PHE A 141 -46.73 -10.89 -8.25
CA PHE A 141 -45.67 -11.08 -7.28
C PHE A 141 -46.29 -11.45 -5.94
N GLY A 142 -45.48 -12.05 -5.07
CA GLY A 142 -45.93 -12.48 -3.77
C GLY A 142 -44.76 -12.51 -2.81
N PHE A 143 -45.06 -12.92 -1.57
CA PHE A 143 -44.06 -12.97 -0.52
C PHE A 143 -44.10 -14.32 0.17
N VAL A 144 -42.93 -14.82 0.55
CA VAL A 144 -42.80 -16.06 1.30
C VAL A 144 -42.06 -15.75 2.59
N THR A 145 -42.66 -16.08 3.72
CA THR A 145 -42.10 -15.82 5.04
C THR A 145 -41.71 -17.15 5.66
N PHE A 146 -40.43 -17.29 5.98
CA PHE A 146 -39.93 -18.48 6.66
C PHE A 146 -39.88 -18.24 8.16
N ASP A 147 -39.61 -19.31 8.91
CA ASP A 147 -39.39 -19.19 10.34
C ASP A 147 -37.97 -18.78 10.67
N ASP A 148 -37.10 -18.70 9.67
CA ASP A 148 -35.71 -18.32 9.88
C ASP A 148 -35.23 -17.52 8.67
N HIS A 149 -34.16 -16.77 8.87
CA HIS A 149 -33.62 -15.94 7.81
C HIS A 149 -32.73 -16.72 6.84
N ASP A 150 -32.14 -17.83 7.29
CA ASP A 150 -31.16 -18.52 6.48
C ASP A 150 -31.75 -19.06 5.17
N PRO A 151 -32.94 -19.66 5.14
CA PRO A 151 -33.51 -20.07 3.85
C PRO A 151 -33.56 -18.94 2.85
N VAL A 152 -33.98 -17.74 3.29
CA VAL A 152 -33.98 -16.58 2.41
C VAL A 152 -32.59 -16.31 1.89
N ASP A 153 -31.59 -16.29 2.79
CA ASP A 153 -30.22 -15.99 2.37
C ASP A 153 -29.72 -16.99 1.34
N LYS A 154 -30.02 -18.28 1.52
CA LYS A 154 -29.56 -19.28 0.57
C LYS A 154 -30.28 -19.14 -0.76
N ILE A 155 -31.59 -18.84 -0.73
CA ILE A 155 -32.35 -18.70 -1.95
C ILE A 155 -31.82 -17.55 -2.80
N VAL A 156 -31.49 -16.42 -2.17
CA VAL A 156 -31.16 -15.21 -2.93
C VAL A 156 -29.77 -15.29 -3.54
N LEU A 157 -28.97 -16.29 -3.17
CA LEU A 157 -27.69 -16.50 -3.83
C LEU A 157 -27.87 -16.87 -5.29
N GLN A 158 -29.05 -17.33 -5.67
CA GLN A 158 -29.43 -17.58 -7.05
C GLN A 158 -30.54 -16.60 -7.40
N LYS A 159 -30.22 -15.60 -8.23
CA LYS A 159 -31.16 -14.53 -8.51
C LYS A 159 -32.43 -15.03 -9.20
N TYR A 160 -32.29 -15.95 -10.15
CA TYR A 160 -33.39 -16.36 -11.00
C TYR A 160 -33.83 -17.78 -10.65
N HIS A 161 -35.15 -17.96 -10.53
CA HIS A 161 -35.76 -19.21 -10.11
C HIS A 161 -36.95 -19.52 -11.01
N THR A 162 -36.93 -20.67 -11.67
CA THR A 162 -38.06 -21.08 -12.50
C THR A 162 -39.18 -21.59 -11.61
N ILE A 163 -40.30 -20.88 -11.59
CA ILE A 163 -41.46 -21.21 -10.77
C ILE A 163 -42.69 -21.21 -11.67
N ASN A 164 -43.43 -22.32 -11.68
CA ASN A 164 -44.68 -22.41 -12.42
C ASN A 164 -44.49 -21.97 -13.87
N GLY A 165 -43.35 -22.35 -14.45
CA GLY A 165 -43.09 -22.03 -15.85
C GLY A 165 -42.75 -20.58 -16.11
N HIS A 166 -42.35 -19.82 -15.10
CA HIS A 166 -41.99 -18.43 -15.25
C HIS A 166 -40.56 -18.19 -14.80
N ASN A 167 -39.89 -17.24 -15.46
CA ASN A 167 -38.61 -16.76 -14.97
C ASN A 167 -38.85 -15.84 -13.78
N ALA A 168 -38.87 -16.41 -12.58
CA ALA A 168 -39.16 -15.64 -11.39
C ALA A 168 -37.88 -15.06 -10.80
N GLU A 169 -38.01 -13.88 -10.20
CA GLU A 169 -36.91 -13.20 -9.54
C GLU A 169 -37.18 -13.13 -8.05
N VAL A 170 -36.16 -13.42 -7.25
CA VAL A 170 -36.27 -13.42 -5.79
C VAL A 170 -35.43 -12.29 -5.24
N ARG A 171 -35.95 -11.63 -4.22
CA ARG A 171 -35.25 -10.55 -3.53
C ARG A 171 -35.58 -10.64 -2.05
N LYS A 172 -34.63 -10.25 -1.19
CA LYS A 172 -34.95 -10.14 0.22
C LYS A 172 -36.00 -9.05 0.41
N ALA A 173 -37.02 -9.37 1.21
CA ALA A 173 -38.15 -8.47 1.38
C ALA A 173 -37.73 -7.24 2.16
N LEU A 174 -38.09 -6.06 1.66
CA LEU A 174 -37.77 -4.79 2.29
C LEU A 174 -39.04 -4.06 2.68
N SER A 175 -38.96 -3.31 3.77
CA SER A 175 -40.04 -2.45 4.21
C SER A 175 -40.07 -1.17 3.36
N ARG A 176 -41.18 -0.43 3.49
CA ARG A 176 -41.33 0.80 2.73
C ARG A 176 -40.19 1.76 3.01
N GLN A 177 -39.79 1.87 4.27
CA GLN A 177 -38.71 2.77 4.64
C GLN A 177 -37.39 2.37 3.98
N GLU A 178 -37.13 1.06 3.87
CA GLU A 178 -35.88 0.60 3.30
C GLU A 178 -35.83 0.76 1.79
N MET A 179 -36.98 0.99 1.15
CA MET A 179 -37.02 1.16 -0.31
C MET A 179 -37.17 2.62 -0.70
N ARG B 1 2.06 -1.47 5.56
CA ARG B 1 1.80 -1.57 4.13
C ARG B 1 0.33 -1.36 3.83
N GLU B 2 0.04 -1.00 2.59
CA GLU B 2 -1.35 -0.80 2.16
C GLU B 2 -1.98 -2.13 1.77
N LYS B 3 -3.31 -2.17 1.80
CA LYS B 3 -4.04 -3.38 1.47
C LYS B 3 -3.70 -3.83 0.04
N GLU B 4 -4.00 -5.10 -0.23
CA GLU B 4 -3.72 -5.64 -1.56
C GLU B 4 -4.43 -4.86 -2.66
N GLN B 5 -5.62 -4.34 -2.37
CA GLN B 5 -6.38 -3.64 -3.39
C GLN B 5 -5.62 -2.45 -3.96
N PHE B 6 -4.77 -1.83 -3.15
CA PHE B 6 -3.97 -0.71 -3.59
C PHE B 6 -2.65 -1.12 -4.24
N ARG B 7 -2.34 -2.42 -4.23
CA ARG B 7 -1.13 -2.95 -4.84
C ARG B 7 -1.45 -3.89 -6.00
N LYS B 8 -2.68 -3.84 -6.52
CA LYS B 8 -3.18 -4.79 -7.49
C LYS B 8 -3.37 -4.10 -8.83
N LEU B 9 -3.04 -4.82 -9.90
CA LEU B 9 -3.19 -4.32 -11.26
C LEU B 9 -4.13 -5.23 -12.03
N PHE B 10 -5.13 -4.64 -12.67
CA PHE B 10 -5.96 -5.35 -13.63
C PHE B 10 -5.21 -5.42 -14.96
N ILE B 11 -5.01 -6.63 -15.46
CA ILE B 11 -4.27 -6.87 -16.70
C ILE B 11 -5.29 -7.31 -17.74
N GLY B 12 -5.67 -6.40 -18.62
CA GLY B 12 -6.69 -6.67 -19.63
C GLY B 12 -6.08 -7.06 -20.97
N GLY B 13 -6.88 -7.81 -21.73
CA GLY B 13 -6.55 -8.27 -23.09
C GLY B 13 -5.38 -9.23 -23.14
N LEU B 14 -5.25 -10.07 -22.13
CA LEU B 14 -4.18 -11.09 -22.02
C LEU B 14 -4.40 -12.15 -23.10
N SER B 15 -3.32 -12.75 -23.60
CA SER B 15 -3.36 -13.82 -24.61
C SER B 15 -4.07 -15.02 -23.99
N PHE B 16 -4.98 -15.68 -24.69
CA PHE B 16 -5.66 -16.83 -24.11
C PHE B 16 -4.71 -17.96 -23.75
N GLU B 17 -3.47 -17.91 -24.23
CA GLU B 17 -2.46 -18.90 -23.87
C GLU B 17 -1.63 -18.49 -22.67
N THR B 18 -1.76 -17.24 -22.22
CA THR B 18 -1.03 -16.80 -21.04
C THR B 18 -1.51 -17.56 -19.81
N THR B 19 -0.56 -18.04 -19.01
CA THR B 19 -0.86 -18.79 -17.80
C THR B 19 -0.36 -18.00 -16.59
N GLU B 20 -0.75 -18.47 -15.41
CA GLU B 20 -0.28 -17.84 -14.17
C GLU B 20 1.24 -17.80 -14.10
N GLU B 21 1.91 -18.82 -14.65
CA GLU B 21 3.36 -18.84 -14.66
C GLU B 21 3.93 -17.73 -15.53
N SER B 22 3.42 -17.58 -16.75
CA SER B 22 3.95 -16.57 -17.66
C SER B 22 3.63 -15.16 -17.18
N LEU B 23 2.44 -14.96 -16.59
CA LEU B 23 2.12 -13.65 -16.03
C LEU B 23 3.02 -13.31 -14.86
N ARG B 24 3.24 -14.27 -13.95
CA ARG B 24 4.11 -14.04 -12.81
C ARG B 24 5.52 -13.71 -13.26
N ASN B 25 6.08 -14.53 -14.16
CA ASN B 25 7.45 -14.30 -14.62
C ASN B 25 7.62 -12.92 -15.22
N TYR B 26 6.58 -12.40 -15.90
CA TYR B 26 6.72 -11.12 -16.57
C TYR B 26 6.72 -9.97 -15.57
N TYR B 27 5.69 -9.87 -14.75
CA TYR B 27 5.57 -8.74 -13.83
C TYR B 27 6.50 -8.83 -12.64
N GLU B 28 7.14 -9.98 -12.42
CA GLU B 28 8.19 -10.05 -11.39
C GLU B 28 9.40 -9.21 -11.76
N GLN B 29 9.49 -8.71 -13.00
CA GLN B 29 10.59 -7.84 -13.37
C GLN B 29 10.64 -6.58 -12.52
N TRP B 30 9.52 -6.20 -11.90
CA TRP B 30 9.43 -4.94 -11.17
C TRP B 30 9.25 -5.13 -9.67
N GLY B 31 9.34 -6.35 -9.17
CA GLY B 31 9.26 -6.58 -7.74
C GLY B 31 8.61 -7.92 -7.43
N LYS B 32 8.48 -8.17 -6.13
CA LYS B 32 7.90 -9.41 -5.64
C LYS B 32 6.38 -9.35 -5.71
N LEU B 33 5.77 -10.42 -6.20
CA LEU B 33 4.32 -10.53 -6.30
C LEU B 33 3.79 -11.34 -5.13
N THR B 34 2.79 -10.81 -4.44
CA THR B 34 2.11 -11.52 -3.38
C THR B 34 0.92 -12.32 -3.88
N ASP B 35 0.48 -12.09 -5.11
CA ASP B 35 -0.65 -12.81 -5.68
C ASP B 35 -0.61 -12.64 -7.20
N CYS B 36 -1.12 -13.64 -7.91
CA CYS B 36 -1.13 -13.61 -9.36
C CYS B 36 -2.13 -14.65 -9.85
N VAL B 37 -3.03 -14.24 -10.74
CA VAL B 37 -4.12 -15.10 -11.18
C VAL B 37 -4.52 -14.73 -12.60
N VAL B 38 -4.81 -15.75 -13.40
CA VAL B 38 -5.46 -15.60 -14.69
C VAL B 38 -6.89 -16.07 -14.51
N MET B 39 -7.85 -15.19 -14.78
CA MET B 39 -9.25 -15.50 -14.53
C MET B 39 -9.79 -16.38 -15.66
N ARG B 40 -10.54 -17.41 -15.26
CA ARG B 40 -11.05 -18.41 -16.19
C ARG B 40 -12.53 -18.62 -15.97
N ASP B 41 -13.20 -19.09 -17.01
CA ASP B 41 -14.60 -19.45 -16.89
C ASP B 41 -14.75 -20.61 -15.91
N PRO B 42 -15.57 -20.48 -14.87
CA PRO B 42 -15.63 -21.55 -13.86
C PRO B 42 -16.04 -22.90 -14.43
N ALA B 43 -16.93 -22.90 -15.43
CA ALA B 43 -17.34 -24.15 -16.05
C ALA B 43 -16.26 -24.68 -16.99
N SER B 44 -15.93 -23.91 -18.02
CA SER B 44 -15.07 -24.40 -19.09
C SER B 44 -13.58 -24.22 -18.82
N LYS B 45 -13.21 -23.29 -17.93
CA LYS B 45 -11.82 -22.99 -17.58
C LYS B 45 -11.04 -22.33 -18.71
N ARG B 46 -11.72 -21.82 -19.73
CA ARG B 46 -11.02 -21.08 -20.77
C ARG B 46 -10.60 -19.73 -20.22
N SER B 47 -9.45 -19.25 -20.68
CA SER B 47 -8.99 -17.94 -20.23
C SER B 47 -10.00 -16.88 -20.63
N ARG B 48 -10.33 -16.00 -19.69
CA ARG B 48 -11.26 -14.92 -19.91
C ARG B 48 -10.60 -13.68 -20.53
N GLY B 49 -9.29 -13.72 -20.74
CA GLY B 49 -8.60 -12.62 -21.37
C GLY B 49 -8.11 -11.54 -20.45
N PHE B 50 -8.05 -11.81 -19.15
CA PHE B 50 -7.54 -10.84 -18.19
C PHE B 50 -7.12 -11.57 -16.93
N GLY B 51 -6.43 -10.85 -16.07
CA GLY B 51 -5.99 -11.40 -14.80
C GLY B 51 -5.60 -10.29 -13.86
N PHE B 52 -5.06 -10.66 -12.71
CA PHE B 52 -4.65 -9.70 -11.69
C PHE B 52 -3.25 -10.06 -11.20
N VAL B 53 -2.42 -9.07 -10.89
CA VAL B 53 -1.06 -9.27 -10.32
C VAL B 53 -0.99 -8.31 -9.13
N THR B 54 -0.56 -8.76 -7.96
CA THR B 54 -0.47 -7.92 -6.75
C THR B 54 1.01 -7.75 -6.39
N PHE B 55 1.51 -6.52 -6.26
CA PHE B 55 2.92 -6.24 -5.94
C PHE B 55 3.07 -6.12 -4.43
N SER B 56 4.30 -6.22 -3.95
CA SER B 56 4.56 -6.13 -2.53
C SER B 56 4.49 -4.70 -2.01
N SER B 57 4.48 -3.71 -2.89
CA SER B 57 4.41 -2.31 -2.47
C SER B 57 3.86 -1.49 -3.63
N MET B 58 3.18 -0.40 -3.29
CA MET B 58 2.67 0.51 -4.31
C MET B 58 3.81 1.06 -5.17
N ALA B 59 5.01 1.18 -4.60
CA ALA B 59 6.14 1.67 -5.39
C ALA B 59 6.48 0.72 -6.53
N GLU B 60 6.34 -0.59 -6.29
CA GLU B 60 6.59 -1.56 -7.34
C GLU B 60 5.51 -1.50 -8.41
N VAL B 61 4.29 -1.12 -8.03
CA VAL B 61 3.23 -0.92 -9.02
C VAL B 61 3.56 0.27 -9.91
N ASP B 62 4.01 1.37 -9.29
CA ASP B 62 4.34 2.58 -10.06
C ASP B 62 5.45 2.30 -11.05
N ALA B 63 6.45 1.50 -10.65
CA ALA B 63 7.54 1.16 -11.57
C ALA B 63 7.02 0.37 -12.76
N ALA B 64 6.14 -0.60 -12.53
CA ALA B 64 5.60 -1.38 -13.63
C ALA B 64 4.82 -0.51 -14.61
N MET B 65 3.97 0.39 -14.09
CA MET B 65 3.18 1.24 -14.96
C MET B 65 4.05 2.26 -15.68
N ALA B 66 5.17 2.65 -15.08
CA ALA B 66 6.09 3.56 -15.75
C ALA B 66 6.80 2.90 -16.92
N ALA B 67 6.79 1.57 -16.99
CA ALA B 67 7.51 0.82 -18.01
C ALA B 67 6.58 0.28 -19.10
N ARG B 68 5.41 0.87 -19.27
CA ARG B 68 4.51 0.49 -20.36
C ARG B 68 5.11 0.94 -21.68
N PRO B 69 4.69 0.31 -22.80
CA PRO B 69 3.70 -0.75 -22.90
C PRO B 69 4.22 -2.11 -22.43
N HIS B 70 3.31 -3.01 -22.08
CA HIS B 70 3.66 -4.36 -21.65
C HIS B 70 3.16 -5.36 -22.69
N SER B 71 4.03 -6.26 -23.10
CA SER B 71 3.71 -7.32 -24.04
C SER B 71 4.03 -8.66 -23.40
N ILE B 72 3.05 -9.56 -23.39
CA ILE B 72 3.18 -10.86 -22.75
C ILE B 72 2.70 -11.93 -23.72
N ASP B 73 3.55 -12.93 -23.99
CA ASP B 73 3.21 -14.03 -24.88
C ASP B 73 2.75 -13.52 -26.24
N GLY B 74 3.40 -12.47 -26.72
CA GLY B 74 3.12 -11.95 -28.04
C GLY B 74 1.90 -11.08 -28.14
N ARG B 75 1.36 -10.62 -27.02
CA ARG B 75 0.17 -9.78 -27.02
C ARG B 75 0.41 -8.55 -26.15
N VAL B 76 0.02 -7.39 -26.66
CA VAL B 76 0.09 -6.16 -25.88
C VAL B 76 -1.12 -6.12 -24.96
N VAL B 77 -0.87 -5.97 -23.65
CA VAL B 77 -1.92 -5.97 -22.65
C VAL B 77 -2.12 -4.54 -22.17
N GLU B 78 -3.20 -4.33 -21.41
CA GLU B 78 -3.54 -3.02 -20.86
C GLU B 78 -3.61 -3.14 -19.34
N PRO B 79 -2.54 -2.83 -18.63
CA PRO B 79 -2.61 -2.83 -17.17
C PRO B 79 -3.34 -1.61 -16.64
N LYS B 80 -4.10 -1.82 -15.57
CA LYS B 80 -4.88 -0.76 -14.96
C LYS B 80 -4.88 -0.94 -13.44
N ARG B 81 -4.94 0.17 -12.73
CA ARG B 81 -5.15 0.10 -11.29
C ARG B 81 -6.47 -0.61 -11.02
N ALA B 82 -6.45 -1.54 -10.06
CA ALA B 82 -7.62 -2.37 -9.82
C ALA B 82 -8.74 -1.54 -9.20
N VAL B 83 -9.93 -1.64 -9.79
CA VAL B 83 -11.14 -1.04 -9.24
C VAL B 83 -11.80 -2.06 -8.32
N ALA B 84 -12.14 -1.63 -7.11
CA ALA B 84 -12.69 -2.53 -6.11
C ALA B 84 -14.02 -3.11 -6.58
N ARG B 85 -14.30 -4.33 -6.15
CA ARG B 85 -15.56 -4.98 -6.51
C ARG B 85 -16.77 -4.20 -6.02
N GLU B 86 -16.63 -3.48 -4.91
CA GLU B 86 -17.75 -2.70 -4.39
C GLU B 86 -18.19 -1.60 -5.35
N GLU B 87 -17.33 -1.21 -6.29
CA GLU B 87 -17.67 -0.19 -7.27
C GLU B 87 -18.46 -0.72 -8.45
N SER B 88 -18.62 -2.04 -8.56
CA SER B 88 -19.39 -2.60 -9.66
C SER B 88 -20.83 -2.08 -9.62
N GLY B 89 -21.35 -1.71 -10.78
CA GLY B 89 -22.68 -1.13 -10.89
C GLY B 89 -22.70 0.38 -10.93
N LYS B 90 -21.60 1.04 -10.61
CA LYS B 90 -21.54 2.49 -10.69
C LYS B 90 -21.28 2.90 -12.13
N PRO B 91 -21.98 3.94 -12.63
CA PRO B 91 -21.64 4.45 -13.96
C PRO B 91 -20.16 4.82 -14.04
N GLY B 92 -19.49 4.34 -15.08
CA GLY B 92 -18.11 4.67 -15.29
C GLY B 92 -17.13 3.92 -14.41
N ALA B 93 -17.58 2.90 -13.68
CA ALA B 93 -16.70 2.20 -12.76
C ALA B 93 -15.43 1.70 -13.44
N HIS B 94 -15.57 1.18 -14.67
CA HIS B 94 -14.46 0.52 -15.35
C HIS B 94 -14.00 1.23 -16.61
N VAL B 95 -14.42 2.47 -16.84
CA VAL B 95 -13.97 3.21 -18.01
C VAL B 95 -12.57 3.73 -17.76
N THR B 96 -11.76 3.74 -18.80
CA THR B 96 -10.39 4.23 -18.74
C THR B 96 -10.33 5.57 -19.47
N VAL B 97 -10.02 6.64 -18.74
CA VAL B 97 -10.01 7.98 -19.29
C VAL B 97 -8.80 8.73 -18.75
N LYS B 98 -8.42 9.79 -19.47
CA LYS B 98 -7.33 10.66 -19.06
C LYS B 98 -7.83 11.92 -18.38
N LYS B 99 -9.13 12.09 -18.23
CA LYS B 99 -9.73 13.30 -17.71
C LYS B 99 -10.32 13.06 -16.33
N LEU B 100 -10.19 14.05 -15.46
CA LEU B 100 -10.58 13.92 -14.06
C LEU B 100 -11.56 15.02 -13.69
N PHE B 101 -12.68 14.63 -13.09
CA PHE B 101 -13.65 15.58 -12.55
C PHE B 101 -13.27 15.94 -11.12
N VAL B 102 -13.32 17.23 -10.80
CA VAL B 102 -12.99 17.73 -9.47
C VAL B 102 -14.15 18.60 -8.99
N GLY B 103 -14.79 18.20 -7.90
CA GLY B 103 -15.91 18.94 -7.34
C GLY B 103 -15.61 19.47 -5.96
N GLY B 104 -16.42 20.43 -5.50
CA GLY B 104 -16.25 20.99 -4.18
C GLY B 104 -15.19 22.07 -4.08
N ILE B 105 -14.86 22.73 -5.18
CA ILE B 105 -13.82 23.76 -5.19
C ILE B 105 -14.39 25.17 -5.06
N LYS B 106 -15.70 25.32 -5.08
CA LYS B 106 -16.34 26.61 -4.84
C LYS B 106 -15.83 27.65 -5.85
N GLU B 107 -15.91 28.93 -5.50
CA GLU B 107 -15.66 30.02 -6.44
C GLU B 107 -14.27 30.65 -6.28
N ASP B 108 -13.42 30.10 -5.42
CA ASP B 108 -12.12 30.70 -5.13
C ASP B 108 -10.96 29.81 -5.57
N THR B 109 -11.19 28.90 -6.50
CA THR B 109 -10.16 28.01 -7.00
C THR B 109 -9.95 28.27 -8.48
N GLU B 110 -8.69 28.43 -8.87
CA GLU B 110 -8.29 28.74 -10.24
C GLU B 110 -7.41 27.62 -10.78
N GLU B 111 -7.06 27.74 -12.06
CA GLU B 111 -6.28 26.70 -12.72
C GLU B 111 -5.00 26.39 -11.95
N HIS B 112 -4.31 27.41 -11.45
CA HIS B 112 -3.01 27.17 -10.82
C HIS B 112 -3.14 26.35 -9.55
N HIS B 113 -4.27 26.46 -8.85
CA HIS B 113 -4.49 25.64 -7.65
C HIS B 113 -4.52 24.15 -8.01
N LEU B 114 -5.26 23.79 -9.05
CA LEU B 114 -5.33 22.40 -9.47
C LEU B 114 -4.00 21.90 -10.01
N ARG B 115 -3.27 22.75 -10.75
CA ARG B 115 -1.99 22.33 -11.29
C ARG B 115 -1.00 22.03 -10.18
N ASP B 116 -0.87 22.93 -9.20
CA ASP B 116 0.07 22.72 -8.10
C ASP B 116 -0.22 21.42 -7.38
N TYR B 117 -1.50 21.08 -7.21
CA TYR B 117 -1.87 19.89 -6.46
C TYR B 117 -1.65 18.62 -7.27
N PHE B 118 -2.13 18.60 -8.51
CA PHE B 118 -2.15 17.38 -9.31
C PHE B 118 -0.90 17.15 -10.13
N GLU B 119 -0.08 18.18 -10.35
CA GLU B 119 1.06 18.02 -11.25
C GLU B 119 2.03 16.96 -10.77
N GLU B 120 1.97 16.57 -9.49
CA GLU B 120 2.84 15.51 -8.99
C GLU B 120 2.38 14.13 -9.44
N TYR B 121 1.13 13.98 -9.88
CA TYR B 121 0.62 12.69 -10.30
C TYR B 121 0.97 12.35 -11.74
N GLY B 122 1.29 13.34 -12.56
CA GLY B 122 1.62 13.09 -13.95
C GLY B 122 1.56 14.35 -14.77
N LYS B 123 1.77 14.17 -16.07
CA LYS B 123 1.77 15.29 -17.01
C LYS B 123 0.34 15.75 -17.25
N ILE B 124 0.11 17.05 -17.11
CA ILE B 124 -1.21 17.64 -17.30
C ILE B 124 -1.26 18.31 -18.66
N ASP B 125 -2.26 17.97 -19.46
CA ASP B 125 -2.45 18.57 -20.77
C ASP B 125 -3.28 19.85 -20.69
N THR B 126 -4.41 19.80 -20.00
CA THR B 126 -5.30 20.95 -19.91
C THR B 126 -6.01 20.95 -18.56
N ILE B 127 -6.47 22.13 -18.16
CA ILE B 127 -7.26 22.32 -16.96
C ILE B 127 -8.43 23.22 -17.30
N GLU B 128 -9.61 22.88 -16.81
CA GLU B 128 -10.84 23.62 -17.09
C GLU B 128 -11.55 23.93 -15.78
N ILE B 129 -11.84 25.20 -15.55
CA ILE B 129 -12.66 25.64 -14.43
C ILE B 129 -14.00 26.07 -15.01
N ILE B 130 -15.05 25.30 -14.70
CA ILE B 130 -16.35 25.51 -15.33
C ILE B 130 -17.01 26.77 -14.77
N THR B 131 -17.61 27.55 -15.66
CA THR B 131 -18.32 28.76 -15.30
C THR B 131 -19.67 28.76 -16.00
N ASP B 132 -20.52 29.73 -15.65
CA ASP B 132 -21.78 29.93 -16.32
C ASP B 132 -21.58 30.86 -17.51
N ARG B 133 -21.97 30.40 -18.70
CA ARG B 133 -21.72 31.17 -19.91
C ARG B 133 -22.40 32.54 -19.83
N GLN B 134 -23.60 32.61 -19.25
CA GLN B 134 -24.29 33.88 -19.10
C GLN B 134 -23.80 34.64 -17.88
N SER B 135 -23.70 33.95 -16.75
CA SER B 135 -23.35 34.61 -15.49
C SER B 135 -21.85 34.80 -15.33
N GLY B 136 -21.05 33.87 -15.86
CA GLY B 136 -19.61 33.98 -15.78
C GLY B 136 -19.00 33.55 -14.46
N LYS B 137 -19.81 33.16 -13.48
CA LYS B 137 -19.30 32.73 -12.19
C LYS B 137 -18.70 31.34 -12.27
N LYS B 138 -17.75 31.08 -11.38
CA LYS B 138 -17.26 29.72 -11.19
C LYS B 138 -18.36 28.88 -10.57
N ARG B 139 -18.61 27.71 -11.14
CA ARG B 139 -19.69 26.85 -10.71
C ARG B 139 -19.27 25.84 -9.64
N GLY B 140 -18.00 25.84 -9.23
CA GLY B 140 -17.56 24.99 -8.16
C GLY B 140 -17.03 23.63 -8.57
N PHE B 141 -16.60 23.47 -9.81
CA PHE B 141 -16.00 22.23 -10.25
C PHE B 141 -15.24 22.47 -11.54
N GLY B 142 -14.31 21.58 -11.84
CA GLY B 142 -13.49 21.69 -13.03
C GLY B 142 -13.01 20.32 -13.45
N PHE B 143 -12.23 20.30 -14.53
CA PHE B 143 -11.70 19.07 -15.09
C PHE B 143 -10.20 19.20 -15.31
N VAL B 144 -9.49 18.10 -15.08
CA VAL B 144 -8.05 18.02 -15.32
C VAL B 144 -7.79 16.87 -16.29
N THR B 145 -7.12 17.16 -17.39
CA THR B 145 -6.81 16.17 -18.42
C THR B 145 -5.33 15.87 -18.40
N PHE B 146 -4.98 14.61 -18.17
CA PHE B 146 -3.60 14.14 -18.19
C PHE B 146 -3.25 13.55 -19.55
N ASP B 147 -1.97 13.26 -19.73
CA ASP B 147 -1.51 12.60 -20.94
C ASP B 147 -1.69 11.09 -20.90
N ASP B 148 -2.11 10.54 -19.76
CA ASP B 148 -2.28 9.10 -19.61
C ASP B 148 -3.43 8.84 -18.66
N HIS B 149 -3.97 7.63 -18.73
CA HIS B 149 -5.08 7.25 -17.86
C HIS B 149 -4.62 6.87 -16.46
N ASP B 150 -3.37 6.43 -16.31
CA ASP B 150 -2.91 5.93 -15.02
C ASP B 150 -2.97 6.97 -13.92
N PRO B 151 -2.56 8.23 -14.13
CA PRO B 151 -2.73 9.24 -13.07
C PRO B 151 -4.16 9.34 -12.58
N VAL B 152 -5.13 9.33 -13.50
CA VAL B 152 -6.54 9.34 -13.10
C VAL B 152 -6.85 8.13 -12.24
N ASP B 153 -6.43 6.95 -12.69
CA ASP B 153 -6.74 5.72 -11.95
C ASP B 153 -6.17 5.77 -10.54
N LYS B 154 -4.95 6.29 -10.38
CA LYS B 154 -4.34 6.36 -9.06
C LYS B 154 -5.01 7.43 -8.21
N ILE B 155 -5.35 8.57 -8.80
CA ILE B 155 -5.96 9.66 -8.05
C ILE B 155 -7.30 9.22 -7.47
N VAL B 156 -8.11 8.50 -8.25
CA VAL B 156 -9.48 8.22 -7.81
C VAL B 156 -9.54 7.15 -6.73
N LEU B 157 -8.43 6.47 -6.46
CA LEU B 157 -8.39 5.54 -5.33
C LEU B 157 -8.57 6.25 -4.00
N GLN B 158 -8.34 7.56 -3.95
CA GLN B 158 -8.62 8.38 -2.78
C GLN B 158 -9.73 9.35 -3.15
N LYS B 159 -10.92 9.12 -2.61
CA LYS B 159 -12.09 9.89 -3.03
C LYS B 159 -11.94 11.36 -2.68
N TYR B 160 -11.40 11.67 -1.51
CA TYR B 160 -11.37 13.02 -0.98
C TYR B 160 -9.96 13.58 -1.01
N HIS B 161 -9.83 14.81 -1.50
CA HIS B 161 -8.55 15.49 -1.68
C HIS B 161 -8.68 16.93 -1.21
N THR B 162 -7.84 17.33 -0.26
CA THR B 162 -7.84 18.71 0.23
C THR B 162 -7.18 19.60 -0.82
N ILE B 163 -7.96 20.52 -1.40
CA ILE B 163 -7.50 21.40 -2.45
C ILE B 163 -7.97 22.81 -2.14
N ASN B 164 -7.02 23.76 -2.11
CA ASN B 164 -7.34 25.17 -1.89
C ASN B 164 -8.26 25.35 -0.69
N GLY B 165 -8.00 24.60 0.37
CA GLY B 165 -8.77 24.73 1.59
C GLY B 165 -10.17 24.16 1.53
N HIS B 166 -10.45 23.29 0.56
CA HIS B 166 -11.77 22.70 0.39
C HIS B 166 -11.68 21.18 0.42
N ASN B 167 -12.76 20.55 0.89
CA ASN B 167 -12.93 19.11 0.79
C ASN B 167 -13.41 18.80 -0.62
N ALA B 168 -12.45 18.50 -1.51
CA ALA B 168 -12.75 18.28 -2.91
C ALA B 168 -12.95 16.79 -3.19
N GLU B 169 -13.78 16.51 -4.19
CA GLU B 169 -14.09 15.15 -4.59
C GLU B 169 -13.64 14.94 -6.04
N VAL B 170 -13.01 13.79 -6.29
CA VAL B 170 -12.50 13.46 -7.61
C VAL B 170 -13.30 12.28 -8.17
N ARG B 171 -13.58 12.34 -9.46
CA ARG B 171 -14.30 11.29 -10.18
C ARG B 171 -13.70 11.18 -11.57
N LYS B 172 -13.71 9.97 -12.12
CA LYS B 172 -13.34 9.83 -13.52
C LYS B 172 -14.37 10.55 -14.38
N ALA B 173 -13.88 11.35 -15.33
CA ALA B 173 -14.76 12.18 -16.13
C ALA B 173 -15.58 11.31 -17.08
N LEU B 174 -16.89 11.53 -17.09
CA LEU B 174 -17.81 10.78 -17.93
C LEU B 174 -18.50 11.72 -18.91
N SER B 175 -18.80 11.19 -20.09
CA SER B 175 -19.57 11.91 -21.10
C SER B 175 -21.06 11.89 -20.73
N ARG B 176 -21.81 12.76 -21.41
CA ARG B 176 -23.25 12.82 -21.16
C ARG B 176 -23.91 11.47 -21.41
N GLN B 177 -23.43 10.73 -22.40
CA GLN B 177 -24.01 9.42 -22.70
C GLN B 177 -23.71 8.39 -21.63
N GLU B 178 -22.57 8.52 -20.94
CA GLU B 178 -22.20 7.60 -19.87
C GLU B 178 -22.87 7.93 -18.55
N MET B 179 -23.44 9.12 -18.42
CA MET B 179 -24.09 9.55 -17.19
C MET B 179 -25.60 9.40 -17.29
N ARG C 1 26.40 29.03 11.06
CA ARG C 1 25.55 28.19 10.23
C ARG C 1 26.10 26.76 10.19
N GLU C 2 25.23 25.82 9.85
CA GLU C 2 25.62 24.42 9.80
C GLU C 2 26.58 24.17 8.63
N LYS C 3 27.26 23.03 8.70
CA LYS C 3 28.25 22.68 7.68
C LYS C 3 27.56 22.46 6.34
N GLU C 4 28.39 22.38 5.29
CA GLU C 4 27.86 22.28 3.93
C GLU C 4 26.93 21.08 3.78
N GLN C 5 27.26 19.97 4.44
CA GLN C 5 26.45 18.77 4.30
C GLN C 5 24.99 19.04 4.64
N PHE C 6 24.75 19.86 5.67
CA PHE C 6 23.40 20.11 6.13
C PHE C 6 22.67 21.17 5.30
N ARG C 7 23.37 21.80 4.36
CA ARG C 7 22.77 22.80 3.47
C ARG C 7 22.84 22.35 2.02
N LYS C 8 23.09 21.07 1.78
CA LYS C 8 23.33 20.53 0.45
C LYS C 8 22.20 19.61 0.04
N LEU C 9 21.82 19.66 -1.24
CA LEU C 9 20.76 18.84 -1.80
C LEU C 9 21.32 17.98 -2.93
N PHE C 10 21.05 16.68 -2.86
CA PHE C 10 21.29 15.80 -4.00
C PHE C 10 20.11 15.91 -4.96
N ILE C 11 20.40 16.24 -6.22
CA ILE C 11 19.38 16.42 -7.25
C ILE C 11 19.54 15.27 -8.24
N GLY C 12 18.65 14.29 -8.16
CA GLY C 12 18.71 13.12 -9.00
C GLY C 12 17.85 13.24 -10.23
N GLY C 13 18.26 12.57 -11.30
CA GLY C 13 17.49 12.56 -12.53
C GLY C 13 17.59 13.83 -13.35
N LEU C 14 18.73 14.51 -13.31
CA LEU C 14 18.91 15.70 -14.13
C LEU C 14 18.89 15.32 -15.60
N SER C 15 18.33 16.21 -16.42
CA SER C 15 18.49 16.06 -17.86
C SER C 15 19.96 16.16 -18.22
N PHE C 16 20.41 15.29 -19.12
CA PHE C 16 21.83 15.27 -19.50
C PHE C 16 22.26 16.56 -20.16
N GLU C 17 21.33 17.43 -20.56
CA GLU C 17 21.66 18.73 -21.13
C GLU C 17 21.80 19.81 -20.07
N THR C 18 21.56 19.49 -18.81
CA THR C 18 21.65 20.46 -17.73
C THR C 18 23.11 20.73 -17.40
N THR C 19 23.46 22.00 -17.26
CA THR C 19 24.81 22.42 -16.92
C THR C 19 24.81 23.08 -15.55
N GLU C 20 26.03 23.35 -15.05
CA GLU C 20 26.15 23.98 -13.74
C GLU C 20 25.45 25.33 -13.71
N GLU C 21 25.45 26.05 -14.85
CA GLU C 21 24.83 27.36 -14.89
C GLU C 21 23.31 27.26 -14.78
N SER C 22 22.69 26.38 -15.58
CA SER C 22 21.23 26.26 -15.57
C SER C 22 20.74 25.67 -14.26
N LEU C 23 21.49 24.73 -13.67
CA LEU C 23 21.13 24.20 -12.36
C LEU C 23 21.23 25.29 -11.30
N ARG C 24 22.27 26.11 -11.39
CA ARG C 24 22.44 27.21 -10.44
C ARG C 24 21.29 28.20 -10.53
N ASN C 25 20.77 28.44 -11.74
CA ASN C 25 19.82 29.54 -11.93
C ASN C 25 18.46 29.21 -11.32
N TYR C 26 18.02 27.95 -11.38
CA TYR C 26 16.70 27.63 -10.85
C TYR C 26 16.70 27.67 -9.33
N TYR C 27 17.62 26.93 -8.71
CA TYR C 27 17.60 26.82 -7.25
C TYR C 27 18.03 28.12 -6.58
N GLU C 28 18.59 29.07 -7.33
CA GLU C 28 18.82 30.40 -6.80
C GLU C 28 17.54 31.16 -6.54
N GLN C 29 16.39 30.65 -7.01
CA GLN C 29 15.12 31.30 -6.73
C GLN C 29 14.84 31.38 -5.23
N TRP C 30 15.50 30.54 -4.43
CA TRP C 30 15.24 30.45 -3.00
C TRP C 30 16.42 30.95 -2.17
N GLY C 31 17.43 31.51 -2.81
CA GLY C 31 18.54 32.11 -2.10
C GLY C 31 19.82 31.93 -2.88
N LYS C 32 20.91 32.46 -2.31
CA LYS C 32 22.22 32.37 -2.94
C LYS C 32 22.83 31.01 -2.66
N LEU C 33 23.42 30.42 -3.70
CA LEU C 33 24.05 29.11 -3.59
C LEU C 33 25.55 29.30 -3.36
N THR C 34 26.08 28.60 -2.36
CA THR C 34 27.50 28.64 -2.07
C THR C 34 28.29 27.57 -2.84
N ASP C 35 27.59 26.63 -3.46
CA ASP C 35 28.25 25.60 -4.26
C ASP C 35 27.22 24.98 -5.19
N CYS C 36 27.70 24.53 -6.35
CA CYS C 36 26.82 23.91 -7.33
C CYS C 36 27.69 23.15 -8.33
N VAL C 37 27.35 21.89 -8.58
CA VAL C 37 28.16 21.03 -9.43
C VAL C 37 27.26 20.01 -10.09
N VAL C 38 27.52 19.75 -11.36
CA VAL C 38 26.92 18.64 -12.09
C VAL C 38 27.98 17.57 -12.25
N MET C 39 27.72 16.39 -11.69
CA MET C 39 28.71 15.32 -11.71
C MET C 39 28.77 14.71 -13.10
N ARG C 40 29.99 14.41 -13.55
CA ARG C 40 30.22 13.94 -14.90
C ARG C 40 31.30 12.88 -14.90
N ASP C 41 31.27 12.01 -15.91
CA ASP C 41 32.29 11.01 -16.05
C ASP C 41 33.65 11.69 -16.22
N PRO C 42 34.67 11.30 -15.44
CA PRO C 42 35.96 11.99 -15.57
C PRO C 42 36.56 11.87 -16.96
N ALA C 43 36.44 10.69 -17.59
CA ALA C 43 37.02 10.49 -18.91
C ALA C 43 36.19 11.21 -19.98
N SER C 44 34.91 10.88 -20.06
CA SER C 44 34.06 11.35 -21.15
C SER C 44 33.41 12.70 -20.89
N LYS C 45 33.29 13.12 -19.62
CA LYS C 45 32.62 14.35 -19.23
C LYS C 45 31.12 14.33 -19.52
N ARG C 46 30.56 13.17 -19.81
CA ARG C 46 29.12 13.08 -20.01
C ARG C 46 28.42 13.20 -18.66
N SER C 47 27.25 13.83 -18.65
CA SER C 47 26.53 14.01 -17.41
C SER C 47 26.14 12.67 -16.81
N ARG C 48 26.36 12.53 -15.51
CA ARG C 48 26.00 11.32 -14.77
C ARG C 48 24.55 11.32 -14.31
N GLY C 49 23.81 12.38 -14.57
CA GLY C 49 22.40 12.44 -14.25
C GLY C 49 22.08 12.95 -12.86
N PHE C 50 23.03 13.58 -12.18
CA PHE C 50 22.77 14.13 -10.86
C PHE C 50 23.79 15.20 -10.55
N GLY C 51 23.48 16.02 -9.57
CA GLY C 51 24.36 17.10 -9.11
C GLY C 51 24.02 17.50 -7.68
N PHE C 52 24.79 18.42 -7.13
CA PHE C 52 24.62 18.93 -5.75
C PHE C 52 24.39 20.44 -5.81
N VAL C 53 23.64 20.99 -4.86
CA VAL C 53 23.39 22.45 -4.76
C VAL C 53 23.43 22.77 -3.27
N THR C 54 24.32 23.65 -2.81
CA THR C 54 24.44 23.99 -1.38
C THR C 54 23.95 25.41 -1.15
N PHE C 55 22.96 25.59 -0.27
CA PHE C 55 22.45 26.89 0.08
C PHE C 55 23.22 27.47 1.27
N SER C 56 23.05 28.78 1.49
CA SER C 56 23.76 29.46 2.55
C SER C 56 23.17 29.21 3.93
N SER C 57 21.96 28.65 4.01
CA SER C 57 21.34 28.37 5.30
C SER C 57 20.32 27.26 5.13
N MET C 58 19.96 26.64 6.25
CA MET C 58 18.97 25.56 6.20
C MET C 58 17.60 26.07 5.81
N ALA C 59 17.28 27.31 6.18
CA ALA C 59 15.98 27.88 5.83
C ALA C 59 15.77 27.93 4.31
N GLU C 60 16.84 28.18 3.56
CA GLU C 60 16.71 28.23 2.10
C GLU C 60 16.44 26.85 1.52
N VAL C 61 17.06 25.81 2.10
CA VAL C 61 16.79 24.44 1.64
C VAL C 61 15.32 24.10 1.83
N ASP C 62 14.78 24.45 3.00
CA ASP C 62 13.38 24.13 3.29
C ASP C 62 12.45 24.79 2.29
N ALA C 63 12.73 26.03 1.92
CA ALA C 63 11.90 26.73 0.94
C ALA C 63 11.94 26.04 -0.42
N ALA C 64 13.13 25.63 -0.87
CA ALA C 64 13.25 24.98 -2.18
C ALA C 64 12.45 23.70 -2.23
N MET C 65 12.59 22.84 -1.21
CA MET C 65 11.88 21.56 -1.22
C MET C 65 10.38 21.75 -1.01
N ALA C 66 9.99 22.83 -0.33
CA ALA C 66 8.56 23.12 -0.17
C ALA C 66 7.91 23.49 -1.49
N ALA C 67 8.70 23.83 -2.50
CA ALA C 67 8.19 24.28 -3.79
C ALA C 67 8.28 23.19 -4.86
N ARG C 68 8.48 21.94 -4.46
CA ARG C 68 8.51 20.82 -5.40
C ARG C 68 7.16 20.70 -6.09
N PRO C 69 7.13 20.07 -7.28
CA PRO C 69 8.25 19.47 -8.01
C PRO C 69 9.16 20.50 -8.68
N HIS C 70 10.39 20.09 -8.99
CA HIS C 70 11.38 20.93 -9.64
C HIS C 70 11.67 20.37 -11.04
N SER C 71 11.65 21.25 -12.03
CA SER C 71 11.91 20.88 -13.42
C SER C 71 13.06 21.70 -13.99
N ILE C 72 14.00 21.01 -14.64
CA ILE C 72 15.17 21.61 -15.27
C ILE C 72 15.25 21.13 -16.70
N ASP C 73 15.27 22.07 -17.64
CA ASP C 73 15.44 21.76 -19.06
C ASP C 73 14.42 20.71 -19.52
N GLY C 74 13.19 20.85 -19.03
CA GLY C 74 12.10 19.99 -19.46
C GLY C 74 12.03 18.63 -18.80
N ARG C 75 12.75 18.41 -17.70
CA ARG C 75 12.73 17.13 -17.00
C ARG C 75 12.49 17.37 -15.53
N VAL C 76 11.59 16.59 -14.93
CA VAL C 76 11.32 16.68 -13.50
C VAL C 76 12.43 15.94 -12.75
N VAL C 77 13.06 16.64 -11.81
CA VAL C 77 14.18 16.10 -11.07
C VAL C 77 13.72 15.72 -9.67
N GLU C 78 14.57 15.01 -8.94
CA GLU C 78 14.26 14.55 -7.58
C GLU C 78 15.30 15.09 -6.61
N PRO C 79 15.04 16.21 -5.94
CA PRO C 79 15.98 16.68 -4.91
C PRO C 79 15.86 15.87 -3.64
N LYS C 80 16.99 15.68 -2.99
CA LYS C 80 17.05 14.91 -1.74
C LYS C 80 18.08 15.53 -0.82
N ARG C 81 17.82 15.43 0.48
CA ARG C 81 18.83 15.79 1.46
C ARG C 81 20.06 14.94 1.24
N ALA C 82 21.23 15.58 1.29
CA ALA C 82 22.47 14.88 0.96
C ALA C 82 22.81 13.85 2.03
N VAL C 83 23.07 12.62 1.60
CA VAL C 83 23.56 11.57 2.49
C VAL C 83 25.08 11.62 2.49
N ALA C 84 25.67 11.64 3.69
CA ALA C 84 27.12 11.78 3.81
C ALA C 84 27.83 10.61 3.15
N ARG C 85 29.03 10.89 2.65
CA ARG C 85 29.84 9.84 2.02
C ARG C 85 30.19 8.74 3.01
N GLU C 86 30.34 9.08 4.30
CA GLU C 86 30.69 8.07 5.29
C GLU C 86 29.59 7.02 5.44
N GLU C 87 28.37 7.32 5.02
CA GLU C 87 27.29 6.35 5.14
C GLU C 87 27.28 5.32 4.01
N SER C 88 28.12 5.50 3.00
CA SER C 88 28.19 4.55 1.90
C SER C 88 28.58 3.17 2.41
N GLY C 89 27.88 2.15 1.92
CA GLY C 89 28.09 0.79 2.37
C GLY C 89 27.11 0.33 3.42
N LYS C 90 26.34 1.24 4.01
CA LYS C 90 25.28 0.84 4.94
C LYS C 90 24.04 0.43 4.15
N PRO C 91 23.35 -0.64 4.57
CA PRO C 91 22.07 -0.95 3.95
C PRO C 91 21.10 0.21 4.09
N GLY C 92 20.48 0.59 2.98
CA GLY C 92 19.49 1.64 2.98
C GLY C 92 20.05 3.04 3.03
N ALA C 93 21.36 3.21 2.87
CA ALA C 93 21.95 4.54 2.99
C ALA C 93 21.30 5.53 2.03
N HIS C 94 20.98 5.09 0.81
CA HIS C 94 20.53 6.00 -0.24
C HIS C 94 19.08 5.72 -0.67
N VAL C 95 18.34 4.94 0.09
CA VAL C 95 16.94 4.64 -0.24
C VAL C 95 16.08 5.84 0.14
N THR C 96 15.05 6.10 -0.66
CA THR C 96 14.11 7.17 -0.43
C THR C 96 12.78 6.58 0.01
N VAL C 97 12.37 6.87 1.25
CA VAL C 97 11.17 6.29 1.84
C VAL C 97 10.40 7.37 2.60
N LYS C 98 9.12 7.09 2.83
CA LYS C 98 8.25 7.97 3.61
C LYS C 98 8.10 7.52 5.05
N LYS C 99 8.70 6.38 5.41
CA LYS C 99 8.53 5.79 6.72
C LYS C 99 9.81 5.89 7.52
N LEU C 100 9.66 6.08 8.83
CA LEU C 100 10.77 6.31 9.73
C LEU C 100 10.77 5.27 10.84
N PHE C 101 11.92 4.66 11.08
CA PHE C 101 12.10 3.76 12.21
C PHE C 101 12.53 4.59 13.42
N VAL C 102 11.90 4.33 14.57
CA VAL C 102 12.20 5.02 15.81
C VAL C 102 12.48 3.98 16.88
N GLY C 103 13.70 3.96 17.39
CA GLY C 103 14.09 3.02 18.42
C GLY C 103 14.48 3.69 19.71
N GLY C 104 14.54 2.91 20.79
CA GLY C 104 14.89 3.44 22.09
C GLY C 104 13.76 4.13 22.82
N ILE C 105 12.51 3.96 22.38
CA ILE C 105 11.38 4.60 23.04
C ILE C 105 10.86 3.81 24.22
N LYS C 106 11.41 2.63 24.47
CA LYS C 106 11.06 1.85 25.66
C LYS C 106 9.56 1.57 25.71
N GLU C 107 9.05 1.22 26.90
CA GLU C 107 7.69 0.71 27.05
C GLU C 107 6.68 1.78 27.48
N ASP C 108 7.12 3.01 27.72
CA ASP C 108 6.25 4.06 28.24
C ASP C 108 5.96 5.15 27.21
N THR C 109 6.11 4.85 25.93
CA THR C 109 5.87 5.81 24.87
C THR C 109 4.73 5.30 23.99
N GLU C 110 3.77 6.16 23.73
CA GLU C 110 2.59 5.84 22.94
C GLU C 110 2.54 6.77 21.72
N GLU C 111 1.54 6.54 20.86
CA GLU C 111 1.46 7.25 19.59
C GLU C 111 1.54 8.77 19.76
N HIS C 112 0.85 9.32 20.76
CA HIS C 112 0.78 10.78 20.85
C HIS C 112 2.15 11.40 21.14
N HIS C 113 3.03 10.66 21.82
CA HIS C 113 4.38 11.17 22.07
C HIS C 113 5.13 11.40 20.76
N LEU C 114 5.05 10.42 19.84
CA LEU C 114 5.70 10.58 18.55
C LEU C 114 5.02 11.66 17.72
N ARG C 115 3.68 11.71 17.76
CA ARG C 115 2.96 12.74 17.04
C ARG C 115 3.39 14.14 17.48
N ASP C 116 3.44 14.37 18.80
CA ASP C 116 3.81 15.69 19.31
C ASP C 116 5.22 16.06 18.87
N TYR C 117 6.13 15.10 18.87
CA TYR C 117 7.53 15.39 18.56
C TYR C 117 7.73 15.62 17.06
N PHE C 118 7.20 14.72 16.23
CA PHE C 118 7.49 14.73 14.81
C PHE C 118 6.50 15.58 14.00
N GLU C 119 5.41 16.04 14.63
CA GLU C 119 4.44 16.87 13.91
C GLU C 119 5.06 18.12 13.33
N GLU C 120 6.21 18.56 13.86
CA GLU C 120 6.88 19.75 13.35
C GLU C 120 7.60 19.51 12.04
N TYR C 121 7.93 18.25 11.72
CA TYR C 121 8.70 17.95 10.54
C TYR C 121 7.87 17.82 9.27
N GLY C 122 6.58 17.54 9.39
CA GLY C 122 5.75 17.39 8.21
C GLY C 122 4.46 16.67 8.54
N LYS C 123 3.64 16.51 7.50
CA LYS C 123 2.37 15.82 7.65
C LYS C 123 2.61 14.34 7.91
N ILE C 124 1.95 13.82 8.94
CA ILE C 124 2.08 12.43 9.35
C ILE C 124 0.88 11.66 8.83
N ASP C 125 1.12 10.56 8.14
CA ASP C 125 0.05 9.73 7.63
C ASP C 125 -0.39 8.69 8.67
N THR C 126 0.56 7.96 9.24
CA THR C 126 0.25 6.94 10.22
C THR C 126 1.41 6.81 11.20
N ILE C 127 1.11 6.26 12.37
CA ILE C 127 2.11 5.97 13.39
C ILE C 127 1.84 4.56 13.92
N GLU C 128 2.91 3.79 14.12
CA GLU C 128 2.82 2.42 14.60
C GLU C 128 3.72 2.26 15.81
N ILE C 129 3.16 1.79 16.91
CA ILE C 129 3.91 1.44 18.11
C ILE C 129 3.90 -0.08 18.20
N ILE C 130 5.06 -0.70 18.02
CA ILE C 130 5.13 -2.14 17.92
C ILE C 130 4.93 -2.79 19.27
N THR C 131 4.15 -3.86 19.27
CA THR C 131 3.86 -4.67 20.45
C THR C 131 4.07 -6.13 20.07
N ASP C 132 4.01 -7.00 21.07
CA ASP C 132 4.16 -8.43 20.82
C ASP C 132 2.79 -9.06 20.61
N ARG C 133 2.65 -9.78 19.48
CA ARG C 133 1.36 -10.37 19.12
C ARG C 133 0.80 -11.22 20.26
N GLN C 134 1.64 -12.11 20.81
CA GLN C 134 1.14 -13.07 21.80
C GLN C 134 0.99 -12.44 23.17
N SER C 135 1.99 -11.70 23.63
CA SER C 135 1.97 -11.14 24.97
C SER C 135 1.32 -9.76 25.02
N GLY C 136 1.35 -9.01 23.92
CA GLY C 136 0.78 -7.68 23.90
C GLY C 136 1.68 -6.59 24.45
N LYS C 137 2.88 -6.93 24.91
CA LYS C 137 3.78 -5.95 25.51
C LYS C 137 4.46 -5.12 24.44
N LYS C 138 4.65 -3.83 24.73
CA LYS C 138 5.37 -2.96 23.81
C LYS C 138 6.82 -3.39 23.71
N ARG C 139 7.35 -3.38 22.48
CA ARG C 139 8.68 -3.89 22.21
C ARG C 139 9.75 -2.81 22.17
N GLY C 140 9.39 -1.54 22.36
CA GLY C 140 10.37 -0.48 22.49
C GLY C 140 10.77 0.19 21.21
N PHE C 141 9.93 0.16 20.18
CA PHE C 141 10.23 0.87 18.94
C PHE C 141 8.95 0.99 18.13
N GLY C 142 8.94 1.95 17.20
CA GLY C 142 7.77 2.19 16.39
C GLY C 142 8.16 2.80 15.06
N PHE C 143 7.15 3.08 14.25
CA PHE C 143 7.33 3.64 12.92
C PHE C 143 6.45 4.86 12.73
N VAL C 144 6.97 5.85 12.02
CA VAL C 144 6.23 7.06 11.67
C VAL C 144 6.25 7.19 10.15
N THR C 145 5.07 7.28 9.55
CA THR C 145 4.92 7.39 8.11
C THR C 145 4.42 8.79 7.77
N PHE C 146 5.21 9.51 6.97
CA PHE C 146 4.85 10.84 6.51
C PHE C 146 4.19 10.76 5.13
N ASP C 147 3.66 11.90 4.69
CA ASP C 147 3.11 11.99 3.34
C ASP C 147 4.19 12.27 2.30
N ASP C 148 5.43 12.50 2.74
CA ASP C 148 6.53 12.78 1.83
C ASP C 148 7.81 12.22 2.42
N HIS C 149 8.80 12.01 1.56
CA HIS C 149 10.08 11.46 1.99
C HIS C 149 10.98 12.50 2.64
N ASP C 150 10.80 13.79 2.34
CA ASP C 150 11.71 14.80 2.84
C ASP C 150 11.76 14.88 4.36
N PRO C 151 10.63 14.85 5.09
CA PRO C 151 10.73 14.84 6.56
C PRO C 151 11.62 13.72 7.08
N VAL C 152 11.48 12.51 6.54
CA VAL C 152 12.36 11.41 6.94
C VAL C 152 13.81 11.78 6.70
N ASP C 153 14.11 12.29 5.51
CA ASP C 153 15.49 12.64 5.16
C ASP C 153 16.07 13.66 6.12
N LYS C 154 15.28 14.68 6.49
CA LYS C 154 15.79 15.70 7.40
C LYS C 154 15.96 15.15 8.81
N ILE C 155 15.04 14.30 9.26
CA ILE C 155 15.13 13.75 10.61
C ILE C 155 16.41 12.93 10.76
N VAL C 156 16.75 12.12 9.74
CA VAL C 156 17.84 11.16 9.91
C VAL C 156 19.20 11.84 9.85
N LEU C 157 19.26 13.12 9.47
CA LEU C 157 20.51 13.86 9.55
C LEU C 157 20.97 14.02 10.99
N GLN C 158 20.07 13.86 11.96
CA GLN C 158 20.40 13.82 13.37
C GLN C 158 20.06 12.42 13.87
N LYS C 159 21.08 11.61 14.15
CA LYS C 159 20.85 10.22 14.48
C LYS C 159 20.04 10.07 15.77
N TYR C 160 20.33 10.88 16.78
CA TYR C 160 19.75 10.72 18.10
C TYR C 160 18.77 11.84 18.41
N HIS C 161 17.60 11.47 18.92
CA HIS C 161 16.50 12.38 19.20
C HIS C 161 15.92 12.04 20.57
N THR C 162 15.89 13.02 21.48
CA THR C 162 15.28 12.81 22.79
C THR C 162 13.77 12.90 22.66
N ILE C 163 13.08 11.78 22.91
CA ILE C 163 11.61 11.72 22.88
C ILE C 163 11.14 11.06 24.17
N ASN C 164 10.21 11.72 24.86
CA ASN C 164 9.59 11.16 26.07
C ASN C 164 10.64 10.67 27.06
N GLY C 165 11.73 11.43 27.19
CA GLY C 165 12.75 11.12 28.16
C GLY C 165 13.70 10.01 27.77
N HIS C 166 13.72 9.60 26.51
CA HIS C 166 14.56 8.49 26.06
C HIS C 166 15.50 8.97 24.97
N ASN C 167 16.73 8.45 24.99
CA ASN C 167 17.70 8.67 23.92
C ASN C 167 17.33 7.75 22.75
N ALA C 168 16.50 8.26 21.86
CA ALA C 168 15.97 7.46 20.76
C ALA C 168 16.87 7.57 19.54
N GLU C 169 16.76 6.58 18.66
CA GLU C 169 17.52 6.52 17.42
C GLU C 169 16.55 6.42 16.25
N VAL C 170 16.85 7.17 15.18
CA VAL C 170 16.00 7.21 14.00
C VAL C 170 16.75 6.61 12.82
N ARG C 171 16.02 5.86 12.01
CA ARG C 171 16.57 5.24 10.81
C ARG C 171 15.50 5.26 9.72
N LYS C 172 15.93 5.39 8.48
CA LYS C 172 15.01 5.22 7.36
C LYS C 172 14.51 3.78 7.34
N ALA C 173 13.19 3.62 7.20
CA ALA C 173 12.57 2.32 7.31
C ALA C 173 12.95 1.43 6.14
N LEU C 174 13.36 0.21 6.44
CA LEU C 174 13.76 -0.77 5.44
C LEU C 174 12.84 -1.98 5.50
N SER C 175 12.64 -2.61 4.36
CA SER C 175 11.89 -3.85 4.26
C SER C 175 12.73 -5.01 4.78
N ARG C 176 12.06 -6.15 5.00
CA ARG C 176 12.75 -7.33 5.50
C ARG C 176 13.91 -7.72 4.60
N GLN C 177 13.76 -7.55 3.29
CA GLN C 177 14.81 -7.95 2.35
C GLN C 177 15.96 -6.97 2.37
N GLU C 178 15.67 -5.67 2.51
CA GLU C 178 16.73 -4.67 2.52
C GLU C 178 17.62 -4.79 3.75
N MET C 179 17.18 -5.50 4.77
CA MET C 179 17.96 -5.70 5.98
C MET C 179 18.56 -7.11 6.02
N ARG D 1 44.52 15.53 -14.93
CA ARG D 1 45.02 15.19 -13.60
C ARG D 1 44.21 14.05 -12.99
N GLU D 2 44.69 13.51 -11.88
CA GLU D 2 44.02 12.43 -11.19
C GLU D 2 42.99 12.99 -10.21
N LYS D 3 42.25 12.09 -9.57
CA LYS D 3 41.27 12.50 -8.57
C LYS D 3 41.97 13.09 -7.36
N GLU D 4 41.31 14.04 -6.71
CA GLU D 4 41.88 14.70 -5.55
C GLU D 4 42.42 13.70 -4.55
N GLN D 5 41.69 12.59 -4.33
CA GLN D 5 42.12 11.60 -3.36
C GLN D 5 43.54 11.12 -3.64
N PHE D 6 43.88 10.92 -4.91
CA PHE D 6 45.21 10.47 -5.27
C PHE D 6 46.25 11.59 -5.17
N ARG D 7 45.82 12.83 -4.92
CA ARG D 7 46.72 13.96 -4.74
C ARG D 7 46.63 14.55 -3.35
N LYS D 8 46.00 13.86 -2.41
CA LYS D 8 45.72 14.40 -1.09
C LYS D 8 46.50 13.63 -0.03
N LEU D 9 47.01 14.35 0.96
CA LEU D 9 47.78 13.77 2.05
C LEU D 9 47.08 14.09 3.36
N PHE D 10 46.86 13.06 4.18
CA PHE D 10 46.44 13.25 5.56
C PHE D 10 47.65 13.58 6.41
N ILE D 11 47.61 14.72 7.11
CA ILE D 11 48.72 15.19 7.92
C ILE D 11 48.30 15.05 9.38
N GLY D 12 48.81 14.03 10.06
CA GLY D 12 48.45 13.76 11.43
C GLY D 12 49.45 14.33 12.43
N GLY D 13 48.94 14.65 13.62
CA GLY D 13 49.79 15.12 14.70
C GLY D 13 50.27 16.55 14.55
N LEU D 14 49.47 17.41 13.93
CA LEU D 14 49.83 18.82 13.80
C LEU D 14 49.87 19.48 15.17
N SER D 15 50.80 20.41 15.34
CA SER D 15 50.76 21.28 16.51
C SER D 15 49.48 22.10 16.48
N PHE D 16 48.84 22.24 17.64
CA PHE D 16 47.58 22.97 17.71
C PHE D 16 47.77 24.43 17.31
N GLU D 17 49.00 24.92 17.27
CA GLU D 17 49.29 26.28 16.83
C GLU D 17 49.47 26.38 15.32
N THR D 18 49.50 25.25 14.61
CA THR D 18 49.68 25.29 13.16
C THR D 18 48.45 25.86 12.49
N THR D 19 48.68 26.77 11.54
CA THR D 19 47.62 27.41 10.78
C THR D 19 47.73 27.02 9.32
N GLU D 20 46.62 27.17 8.59
CA GLU D 20 46.64 26.89 7.16
C GLU D 20 47.75 27.64 6.45
N GLU D 21 48.13 28.81 6.96
CA GLU D 21 49.21 29.57 6.34
C GLU D 21 50.55 28.84 6.48
N SER D 22 50.89 28.42 7.70
CA SER D 22 52.15 27.71 7.91
C SER D 22 52.13 26.33 7.28
N LEU D 23 50.97 25.66 7.31
CA LEU D 23 50.86 24.36 6.67
C LEU D 23 51.04 24.49 5.16
N ARG D 24 50.36 25.46 4.55
CA ARG D 24 50.52 25.69 3.12
C ARG D 24 51.95 26.07 2.78
N ASN D 25 52.57 26.89 3.62
CA ASN D 25 53.93 27.34 3.36
C ASN D 25 54.92 26.18 3.40
N TYR D 26 54.69 25.20 4.27
CA TYR D 26 55.65 24.10 4.40
C TYR D 26 55.59 23.16 3.21
N TYR D 27 54.40 22.62 2.92
CA TYR D 27 54.28 21.63 1.86
C TYR D 27 54.35 22.23 0.47
N GLU D 28 54.28 23.56 0.35
CA GLU D 28 54.52 24.20 -0.94
C GLU D 28 55.96 24.04 -1.40
N GLN D 29 56.86 23.59 -0.52
CA GLN D 29 58.24 23.34 -0.92
C GLN D 29 58.34 22.28 -2.00
N TRP D 30 57.32 21.44 -2.17
CA TRP D 30 57.37 20.33 -3.10
C TRP D 30 56.41 20.51 -4.28
N GLY D 31 55.78 21.67 -4.39
CA GLY D 31 54.91 21.94 -5.52
C GLY D 31 53.75 22.83 -5.09
N LYS D 32 52.91 23.12 -6.07
CA LYS D 32 51.74 23.96 -5.83
C LYS D 32 50.63 23.14 -5.19
N LEU D 33 50.00 23.74 -4.18
CA LEU D 33 48.89 23.11 -3.47
C LEU D 33 47.57 23.60 -4.03
N THR D 34 46.69 22.64 -4.37
CA THR D 34 45.35 22.97 -4.84
C THR D 34 44.34 23.09 -3.71
N ASP D 35 44.71 22.65 -2.51
CA ASP D 35 43.82 22.74 -1.36
C ASP D 35 44.65 22.58 -0.10
N CYS D 36 44.19 23.20 0.98
CA CYS D 36 44.88 23.14 2.26
C CYS D 36 43.91 23.57 3.35
N VAL D 37 43.80 22.74 4.39
CA VAL D 37 42.82 22.98 5.45
C VAL D 37 43.34 22.36 6.74
N VAL D 38 43.16 23.08 7.84
CA VAL D 38 43.36 22.55 9.19
C VAL D 38 41.99 22.34 9.80
N MET D 39 41.71 21.11 10.22
CA MET D 39 40.41 20.79 10.79
C MET D 39 40.33 21.28 12.23
N ARG D 40 39.24 21.98 12.54
CA ARG D 40 39.07 22.59 13.85
C ARG D 40 37.71 22.22 14.41
N ASP D 41 37.58 22.35 15.72
CA ASP D 41 36.30 22.09 16.38
C ASP D 41 35.31 23.19 16.01
N PRO D 42 34.12 22.85 15.49
CA PRO D 42 33.20 23.91 15.07
C PRO D 42 32.76 24.83 16.20
N ALA D 43 32.60 24.29 17.41
CA ALA D 43 32.12 25.10 18.53
C ALA D 43 33.22 26.03 19.04
N SER D 44 34.34 25.45 19.47
CA SER D 44 35.41 26.23 20.09
C SER D 44 36.44 26.75 19.11
N LYS D 45 36.44 26.26 17.87
CA LYS D 45 37.41 26.63 16.84
C LYS D 45 38.82 26.17 17.17
N ARG D 46 38.98 25.30 18.17
CA ARG D 46 40.29 24.76 18.51
C ARG D 46 40.73 23.74 17.47
N SER D 47 42.03 23.72 17.21
CA SER D 47 42.59 22.79 16.24
C SER D 47 42.37 21.34 16.69
N ARG D 48 41.93 20.50 15.75
CA ARG D 48 41.73 19.08 16.02
C ARG D 48 43.01 18.27 15.87
N GLY D 49 44.11 18.91 15.46
CA GLY D 49 45.38 18.22 15.36
C GLY D 49 45.67 17.55 14.05
N PHE D 50 44.95 17.87 12.98
CA PHE D 50 45.23 17.28 11.68
C PHE D 50 44.63 18.17 10.60
N GLY D 51 45.06 17.95 9.38
CA GLY D 51 44.57 18.68 8.20
C GLY D 51 44.83 17.89 6.96
N PHE D 52 44.60 18.49 5.80
CA PHE D 52 44.82 17.85 4.48
C PHE D 52 45.52 18.85 3.56
N VAL D 53 46.34 18.36 2.64
CA VAL D 53 47.02 19.19 1.61
C VAL D 53 46.85 18.44 0.29
N THR D 54 46.39 19.10 -0.76
CA THR D 54 46.24 18.47 -2.09
C THR D 54 47.24 19.12 -3.03
N PHE D 55 48.15 18.33 -3.60
CA PHE D 55 49.13 18.76 -4.59
C PHE D 55 48.53 18.71 -5.99
N SER D 56 49.22 19.37 -6.93
CA SER D 56 48.75 19.44 -8.31
C SER D 56 48.99 18.17 -9.11
N SER D 57 49.81 17.24 -8.60
CA SER D 57 50.09 16.02 -9.33
C SER D 57 50.54 14.94 -8.34
N MET D 58 50.42 13.70 -8.78
CA MET D 58 50.87 12.57 -7.97
C MET D 58 52.39 12.50 -7.88
N ALA D 59 53.10 13.22 -8.76
CA ALA D 59 54.55 13.31 -8.64
C ALA D 59 54.95 14.19 -7.46
N GLU D 60 54.17 15.25 -7.19
CA GLU D 60 54.49 16.14 -6.08
C GLU D 60 54.28 15.45 -4.74
N VAL D 61 53.20 14.68 -4.58
CA VAL D 61 52.96 14.00 -3.32
C VAL D 61 54.09 13.02 -3.04
N ASP D 62 54.57 12.32 -4.08
CA ASP D 62 55.67 11.38 -3.88
C ASP D 62 56.94 12.10 -3.46
N ALA D 63 57.21 13.28 -4.05
CA ALA D 63 58.38 14.04 -3.65
C ALA D 63 58.30 14.45 -2.18
N ALA D 64 57.12 14.91 -1.75
CA ALA D 64 56.95 15.29 -0.35
C ALA D 64 57.17 14.07 0.56
N MET D 65 56.58 12.94 0.19
CA MET D 65 56.73 11.74 1.01
C MET D 65 58.15 11.18 0.93
N ALA D 66 58.85 11.43 -0.17
CA ALA D 66 60.24 11.00 -0.25
C ALA D 66 61.15 11.80 0.66
N ALA D 67 60.69 12.95 1.15
CA ALA D 67 61.50 13.85 1.96
C ALA D 67 61.15 13.80 3.45
N ARG D 68 60.48 12.74 3.90
CA ARG D 68 60.21 12.60 5.33
C ARG D 68 61.50 12.32 6.06
N PRO D 69 61.54 12.61 7.38
CA PRO D 69 60.45 13.13 8.21
C PRO D 69 60.13 14.60 7.99
N HIS D 70 58.91 15.00 8.37
CA HIS D 70 58.46 16.37 8.26
C HIS D 70 58.24 16.94 9.66
N SER D 71 58.77 18.13 9.90
CA SER D 71 58.57 18.84 11.15
C SER D 71 57.93 20.19 10.84
N ILE D 72 56.83 20.48 11.52
CA ILE D 72 56.06 21.69 11.29
C ILE D 72 55.78 22.34 12.63
N ASP D 73 56.16 23.60 12.79
CA ASP D 73 55.93 24.34 14.02
C ASP D 73 56.48 23.59 15.23
N GLY D 74 57.63 22.95 15.05
CA GLY D 74 58.32 22.29 16.14
C GLY D 74 57.78 20.92 16.51
N ARG D 75 56.93 20.33 15.70
CA ARG D 75 56.38 19.01 15.98
C ARG D 75 56.50 18.14 14.75
N VAL D 76 56.93 16.90 14.95
CA VAL D 76 57.02 15.93 13.87
C VAL D 76 55.62 15.41 13.58
N VAL D 77 55.20 15.52 12.33
CA VAL D 77 53.87 15.13 11.92
C VAL D 77 53.94 13.81 11.17
N GLU D 78 52.79 13.22 10.92
CA GLU D 78 52.70 11.93 10.22
C GLU D 78 51.88 12.08 8.95
N PRO D 79 52.50 12.32 7.80
CA PRO D 79 51.75 12.36 6.55
C PRO D 79 51.36 10.97 6.08
N LYS D 80 50.17 10.87 5.50
CA LYS D 80 49.65 9.59 5.01
C LYS D 80 48.83 9.83 3.76
N ARG D 81 48.86 8.85 2.86
CA ARG D 81 47.96 8.88 1.72
C ARG D 81 46.52 8.91 2.23
N ALA D 82 45.70 9.76 1.62
CA ALA D 82 44.35 9.98 2.11
C ALA D 82 43.48 8.76 1.87
N VAL D 83 42.81 8.29 2.93
CA VAL D 83 41.82 7.24 2.83
C VAL D 83 40.46 7.89 2.58
N ALA D 84 39.76 7.41 1.55
CA ALA D 84 38.50 8.02 1.15
C ALA D 84 37.46 7.91 2.25
N ARG D 85 36.55 8.90 2.29
CA ARG D 85 35.48 8.89 3.29
C ARG D 85 34.58 7.67 3.16
N GLU D 86 34.40 7.15 1.94
CA GLU D 86 33.51 6.00 1.77
C GLU D 86 34.04 4.77 2.49
N GLU D 87 35.32 4.73 2.82
CA GLU D 87 35.91 3.60 3.52
C GLU D 87 35.68 3.65 5.03
N SER D 88 35.13 4.75 5.54
CA SER D 88 34.88 4.86 6.97
C SER D 88 33.91 3.77 7.42
N GLY D 89 34.22 3.15 8.55
CA GLY D 89 33.44 2.05 9.07
C GLY D 89 33.99 0.68 8.73
N LYS D 90 34.94 0.58 7.79
CA LYS D 90 35.53 -0.71 7.44
C LYS D 90 36.74 -1.01 8.33
N PRO D 91 36.87 -2.23 8.85
CA PRO D 91 38.04 -2.55 9.66
C PRO D 91 39.34 -2.23 8.94
N GLY D 92 40.24 -1.54 9.64
CA GLY D 92 41.54 -1.20 9.11
C GLY D 92 41.57 -0.04 8.16
N ALA D 93 40.47 0.68 8.00
CA ALA D 93 40.43 1.78 7.05
C ALA D 93 41.54 2.78 7.32
N HIS D 94 41.81 3.06 8.59
CA HIS D 94 42.74 4.12 8.99
C HIS D 94 43.97 3.58 9.71
N VAL D 95 44.22 2.28 9.66
CA VAL D 95 45.40 1.73 10.31
C VAL D 95 46.61 2.00 9.44
N THR D 96 47.75 2.26 10.09
CA THR D 96 49.02 2.51 9.40
C THR D 96 49.90 1.30 9.64
N VAL D 97 50.22 0.57 8.56
CA VAL D 97 50.98 -0.67 8.66
C VAL D 97 52.02 -0.74 7.55
N LYS D 98 53.02 -1.58 7.77
CA LYS D 98 54.05 -1.86 6.78
C LYS D 98 53.81 -3.16 6.03
N LYS D 99 52.75 -3.89 6.37
CA LYS D 99 52.50 -5.22 5.81
C LYS D 99 51.30 -5.18 4.88
N LEU D 100 51.37 -5.98 3.82
CA LEU D 100 50.38 -5.98 2.75
C LEU D 100 49.81 -7.39 2.60
N PHE D 101 48.49 -7.51 2.59
CA PHE D 101 47.83 -8.76 2.27
C PHE D 101 47.60 -8.83 0.76
N VAL D 102 47.93 -9.98 0.17
CA VAL D 102 47.75 -10.19 -1.27
C VAL D 102 46.99 -11.50 -1.44
N GLY D 103 45.80 -11.42 -2.06
CA GLY D 103 44.96 -12.57 -2.27
C GLY D 103 44.64 -12.78 -3.74
N GLY D 104 44.12 -13.97 -4.04
CA GLY D 104 43.75 -14.32 -5.40
C GLY D 104 44.89 -14.78 -6.28
N ILE D 105 45.99 -15.25 -5.69
CA ILE D 105 47.14 -15.71 -6.46
C ILE D 105 47.15 -17.22 -6.66
N LYS D 106 46.28 -17.96 -5.98
CA LYS D 106 46.14 -19.40 -6.20
C LYS D 106 47.48 -20.08 -5.92
N GLU D 107 47.71 -21.23 -6.55
CA GLU D 107 48.78 -22.14 -6.15
C GLU D 107 50.02 -22.07 -7.04
N ASP D 108 50.02 -21.20 -8.06
CA ASP D 108 51.12 -21.13 -9.01
C ASP D 108 51.92 -19.83 -8.89
N THR D 109 51.83 -19.16 -7.75
CA THR D 109 52.54 -17.90 -7.52
C THR D 109 53.53 -18.11 -6.37
N GLU D 110 54.76 -17.66 -6.58
CA GLU D 110 55.84 -17.83 -5.63
C GLU D 110 56.36 -16.47 -5.19
N GLU D 111 57.29 -16.50 -4.24
CA GLU D 111 57.84 -15.26 -3.68
C GLU D 111 58.36 -14.33 -4.77
N HIS D 112 59.06 -14.89 -5.77
CA HIS D 112 59.70 -14.03 -6.77
C HIS D 112 58.68 -13.29 -7.61
N HIS D 113 57.49 -13.85 -7.81
CA HIS D 113 56.45 -13.15 -8.56
C HIS D 113 56.03 -11.88 -7.84
N LEU D 114 55.81 -11.96 -6.53
CA LEU D 114 55.43 -10.78 -5.76
C LEU D 114 56.56 -9.77 -5.72
N ARG D 115 57.79 -10.21 -5.46
CA ARG D 115 58.91 -9.29 -5.38
C ARG D 115 59.08 -8.53 -6.69
N ASP D 116 58.96 -9.22 -7.82
CA ASP D 116 59.11 -8.55 -9.11
C ASP D 116 58.07 -7.45 -9.29
N TYR D 117 56.84 -7.70 -8.84
CA TYR D 117 55.77 -6.74 -9.05
C TYR D 117 55.87 -5.55 -8.10
N PHE D 118 56.06 -5.82 -6.80
CA PHE D 118 55.96 -4.77 -5.79
C PHE D 118 57.28 -4.05 -5.51
N GLU D 119 58.42 -4.60 -5.92
CA GLU D 119 59.70 -4.01 -5.56
C GLU D 119 59.82 -2.57 -6.05
N GLU D 120 59.07 -2.18 -7.08
CA GLU D 120 59.14 -0.82 -7.57
C GLU D 120 58.48 0.17 -6.62
N TYR D 121 57.63 -0.30 -5.71
CA TYR D 121 56.94 0.60 -4.78
C TYR D 121 57.79 0.97 -3.59
N GLY D 122 58.81 0.20 -3.26
CA GLY D 122 59.66 0.50 -2.12
C GLY D 122 60.47 -0.70 -1.73
N LYS D 123 61.25 -0.52 -0.66
CA LYS D 123 62.11 -1.58 -0.16
C LYS D 123 61.27 -2.66 0.52
N ILE D 124 61.51 -3.91 0.16
CA ILE D 124 60.77 -5.05 0.69
C ILE D 124 61.63 -5.72 1.76
N ASP D 125 61.07 -5.89 2.95
CA ASP D 125 61.75 -6.56 4.06
C ASP D 125 61.54 -8.06 4.04
N THR D 126 60.29 -8.51 3.89
CA THR D 126 59.99 -9.93 3.90
C THR D 126 58.79 -10.21 3.00
N ILE D 127 58.70 -11.45 2.55
CA ILE D 127 57.58 -11.94 1.77
C ILE D 127 57.14 -13.28 2.35
N GLU D 128 55.83 -13.48 2.45
CA GLU D 128 55.28 -14.71 3.01
C GLU D 128 54.26 -15.26 2.03
N ILE D 129 54.43 -16.52 1.65
CA ILE D 129 53.47 -17.26 0.84
C ILE D 129 52.82 -18.28 1.77
N ILE D 130 51.53 -18.09 2.07
CA ILE D 130 50.87 -18.91 3.07
C ILE D 130 50.61 -20.30 2.52
N THR D 131 50.87 -21.30 3.35
CA THR D 131 50.70 -22.71 3.00
C THR D 131 49.96 -23.42 4.12
N ASP D 132 49.35 -24.56 3.77
CA ASP D 132 48.75 -25.42 4.78
C ASP D 132 49.85 -26.22 5.47
N ARG D 133 49.90 -26.11 6.81
CA ARG D 133 51.01 -26.72 7.55
C ARG D 133 51.03 -28.24 7.41
N GLN D 134 49.86 -28.86 7.27
CA GLN D 134 49.77 -30.31 7.22
C GLN D 134 49.90 -30.85 5.81
N SER D 135 49.19 -30.26 4.85
CA SER D 135 49.19 -30.76 3.48
C SER D 135 50.36 -30.20 2.67
N GLY D 136 50.82 -29.00 2.98
CA GLY D 136 51.85 -28.35 2.20
C GLY D 136 51.35 -27.65 0.97
N LYS D 137 50.04 -27.65 0.73
CA LYS D 137 49.48 -27.01 -0.46
C LYS D 137 49.33 -25.52 -0.24
N LYS D 138 49.59 -24.75 -1.29
CA LYS D 138 49.44 -23.29 -1.19
C LYS D 138 47.99 -22.93 -0.96
N ARG D 139 47.76 -21.93 -0.10
CA ARG D 139 46.42 -21.49 0.23
C ARG D 139 45.94 -20.32 -0.61
N GLY D 140 46.76 -19.86 -1.56
CA GLY D 140 46.30 -18.86 -2.51
C GLY D 140 46.39 -17.43 -2.05
N PHE D 141 47.30 -17.11 -1.12
CA PHE D 141 47.49 -15.74 -0.69
C PHE D 141 48.80 -15.65 0.09
N GLY D 142 49.31 -14.43 0.18
CA GLY D 142 50.57 -14.17 0.85
C GLY D 142 50.63 -12.76 1.39
N PHE D 143 51.76 -12.42 1.99
CA PHE D 143 51.95 -11.12 2.60
C PHE D 143 53.26 -10.52 2.14
N VAL D 144 53.28 -9.19 1.98
CA VAL D 144 54.48 -8.45 1.64
C VAL D 144 54.70 -7.39 2.71
N THR D 145 55.88 -7.42 3.34
CA THR D 145 56.23 -6.48 4.40
C THR D 145 57.29 -5.54 3.89
N PHE D 146 56.99 -4.25 3.90
CA PHE D 146 57.92 -3.21 3.48
C PHE D 146 58.66 -2.63 4.67
N ASP D 147 59.66 -1.79 4.37
CA ASP D 147 60.37 -1.06 5.40
C ASP D 147 59.64 0.22 5.81
N ASP D 148 58.55 0.57 5.13
CA ASP D 148 57.79 1.76 5.44
C ASP D 148 56.33 1.50 5.13
N HIS D 149 55.46 2.31 5.73
CA HIS D 149 54.02 2.16 5.53
C HIS D 149 53.56 2.80 4.23
N ASP D 150 54.28 3.79 3.71
CA ASP D 150 53.79 4.53 2.56
C ASP D 150 53.62 3.67 1.32
N PRO D 151 54.53 2.75 0.97
CA PRO D 151 54.27 1.88 -0.18
C PRO D 151 52.95 1.14 -0.08
N VAL D 152 52.65 0.58 1.09
CA VAL D 152 51.36 -0.10 1.28
C VAL D 152 50.22 0.87 1.04
N ASP D 153 50.29 2.05 1.65
CA ASP D 153 49.22 3.03 1.50
C ASP D 153 49.00 3.41 0.05
N LYS D 154 50.09 3.59 -0.72
CA LYS D 154 49.96 3.95 -2.12
C LYS D 154 49.41 2.80 -2.93
N ILE D 155 49.84 1.57 -2.63
CA ILE D 155 49.38 0.40 -3.37
C ILE D 155 47.87 0.24 -3.23
N VAL D 156 47.34 0.45 -2.02
CA VAL D 156 45.94 0.11 -1.76
C VAL D 156 44.99 1.11 -2.39
N LEU D 157 45.48 2.22 -2.93
CA LEU D 157 44.63 3.14 -3.68
C LEU D 157 44.07 2.49 -4.94
N GLN D 158 44.70 1.42 -5.42
CA GLN D 158 44.19 0.61 -6.51
C GLN D 158 43.90 -0.77 -5.94
N LYS D 159 42.60 -1.08 -5.80
CA LYS D 159 42.22 -2.31 -5.09
C LYS D 159 42.72 -3.55 -5.84
N TYR D 160 42.63 -3.54 -7.17
CA TYR D 160 42.92 -4.72 -7.97
C TYR D 160 44.21 -4.52 -8.75
N HIS D 161 45.07 -5.54 -8.72
CA HIS D 161 46.40 -5.51 -9.33
C HIS D 161 46.65 -6.81 -10.07
N THR D 162 46.94 -6.71 -11.36
CA THR D 162 47.25 -7.89 -12.17
C THR D 162 48.66 -8.36 -11.85
N ILE D 163 48.76 -9.51 -11.18
CA ILE D 163 50.04 -10.10 -10.80
C ILE D 163 50.06 -11.54 -11.30
N ASN D 164 51.14 -11.90 -12.01
CA ASN D 164 51.34 -13.27 -12.47
C ASN D 164 50.12 -13.77 -13.24
N GLY D 165 49.48 -12.86 -13.98
CA GLY D 165 48.33 -13.22 -14.77
C GLY D 165 47.06 -13.46 -13.98
N HIS D 166 46.98 -12.96 -12.75
CA HIS D 166 45.82 -13.17 -11.89
C HIS D 166 45.23 -11.83 -11.47
N ASN D 167 43.91 -11.80 -11.33
CA ASN D 167 43.22 -10.65 -10.74
C ASN D 167 43.39 -10.76 -9.23
N ALA D 168 44.39 -10.08 -8.71
CA ALA D 168 44.72 -10.13 -7.29
C ALA D 168 44.10 -8.93 -6.56
N GLU D 169 43.88 -9.13 -5.26
CA GLU D 169 43.35 -8.09 -4.38
C GLU D 169 44.34 -7.83 -3.27
N VAL D 170 44.56 -6.55 -2.96
CA VAL D 170 45.52 -6.13 -1.95
C VAL D 170 44.78 -5.44 -0.82
N ARG D 171 45.23 -5.70 0.41
CA ARG D 171 44.63 -5.10 1.59
C ARG D 171 45.71 -4.83 2.61
N LYS D 172 45.53 -3.78 3.41
CA LYS D 172 46.41 -3.55 4.54
C LYS D 172 46.29 -4.71 5.52
N ALA D 173 47.43 -5.23 5.96
CA ALA D 173 47.44 -6.42 6.80
C ALA D 173 46.88 -6.09 8.19
N LEU D 174 45.96 -6.92 8.64
CA LEU D 174 45.34 -6.76 9.95
C LEU D 174 45.66 -7.96 10.82
N SER D 175 45.77 -7.72 12.12
CA SER D 175 45.96 -8.78 13.10
C SER D 175 44.65 -9.52 13.35
N ARG D 176 44.76 -10.67 14.03
CA ARG D 176 43.58 -11.44 14.36
C ARG D 176 42.58 -10.61 15.15
N GLN D 177 43.08 -9.81 16.11
CA GLN D 177 42.19 -9.04 16.96
C GLN D 177 41.46 -7.96 16.17
N GLU D 178 42.06 -7.47 15.08
CA GLU D 178 41.42 -6.42 14.29
C GLU D 178 40.41 -6.95 13.28
N MET D 179 40.45 -8.25 12.99
CA MET D 179 39.49 -8.84 12.05
C MET D 179 38.41 -9.61 12.80
N ARG E 1 -57.11 -55.90 -9.22
CA ARG E 1 -56.25 -54.84 -8.73
C ARG E 1 -54.79 -55.26 -8.77
N GLU E 2 -53.89 -54.29 -8.86
CA GLU E 2 -52.46 -54.59 -8.86
C GLU E 2 -52.03 -55.11 -7.48
N LYS E 3 -50.85 -55.71 -7.45
CA LYS E 3 -50.36 -56.34 -6.24
C LYS E 3 -49.93 -55.28 -5.23
N GLU E 4 -49.74 -55.74 -3.99
CA GLU E 4 -49.46 -54.82 -2.87
C GLU E 4 -48.30 -53.89 -3.16
N GLN E 5 -47.27 -54.38 -3.87
CA GLN E 5 -46.07 -53.57 -4.06
C GLN E 5 -46.38 -52.26 -4.77
N PHE E 6 -47.36 -52.26 -5.68
CA PHE E 6 -47.74 -51.06 -6.40
C PHE E 6 -48.80 -50.26 -5.64
N ARG E 7 -49.28 -50.76 -4.51
CA ARG E 7 -50.24 -50.06 -3.66
C ARG E 7 -49.64 -49.71 -2.30
N LYS E 8 -48.32 -49.79 -2.18
CA LYS E 8 -47.62 -49.63 -0.92
C LYS E 8 -46.77 -48.37 -0.95
N LEU E 9 -46.73 -47.66 0.18
CA LEU E 9 -45.94 -46.45 0.33
C LEU E 9 -44.94 -46.63 1.46
N PHE E 10 -43.68 -46.33 1.19
CA PHE E 10 -42.66 -46.24 2.23
C PHE E 10 -42.77 -44.87 2.90
N ILE E 11 -42.95 -44.86 4.21
CA ILE E 11 -43.13 -43.63 4.97
C ILE E 11 -41.88 -43.43 5.83
N GLY E 12 -41.02 -42.51 5.40
CA GLY E 12 -39.76 -42.26 6.08
C GLY E 12 -39.84 -41.09 7.04
N GLY E 13 -39.02 -41.15 8.08
CA GLY E 13 -38.92 -40.06 9.04
C GLY E 13 -40.07 -39.95 10.02
N LEU E 14 -40.69 -41.07 10.38
CA LEU E 14 -41.75 -41.05 11.37
C LEU E 14 -41.21 -40.64 12.75
N SER E 15 -42.04 -39.93 13.50
CA SER E 15 -41.75 -39.70 14.91
C SER E 15 -41.70 -41.02 15.64
N PHE E 16 -40.71 -41.16 16.53
CA PHE E 16 -40.56 -42.41 17.28
C PHE E 16 -41.77 -42.72 18.15
N GLU E 17 -42.60 -41.73 18.45
CA GLU E 17 -43.83 -41.98 19.19
C GLU E 17 -45.00 -42.36 18.29
N THR E 18 -44.84 -42.25 16.97
CA THR E 18 -45.92 -42.60 16.05
C THR E 18 -46.14 -44.11 16.05
N THR E 19 -47.41 -44.51 16.11
CA THR E 19 -47.79 -45.93 16.12
C THR E 19 -48.59 -46.25 14.86
N GLU E 20 -48.89 -47.54 14.70
CA GLU E 20 -49.63 -47.98 13.53
C GLU E 20 -51.01 -47.36 13.47
N GLU E 21 -51.67 -47.21 14.61
CA GLU E 21 -53.02 -46.63 14.63
C GLU E 21 -53.00 -45.19 14.15
N SER E 22 -52.08 -44.38 14.70
CA SER E 22 -52.03 -42.98 14.27
C SER E 22 -51.58 -42.89 12.83
N LEU E 23 -50.67 -43.77 12.42
CA LEU E 23 -50.32 -43.87 11.01
C LEU E 23 -51.50 -44.38 10.19
N ARG E 24 -52.28 -45.28 10.79
CA ARG E 24 -53.48 -45.79 10.13
C ARG E 24 -54.51 -44.68 9.96
N ASN E 25 -54.81 -43.94 11.03
CA ASN E 25 -55.89 -42.96 10.98
C ASN E 25 -55.62 -41.87 9.96
N TYR E 26 -54.35 -41.48 9.78
CA TYR E 26 -54.05 -40.37 8.88
C TYR E 26 -54.23 -40.76 7.42
N TYR E 27 -53.58 -41.83 6.98
CA TYR E 27 -53.59 -42.18 5.57
C TYR E 27 -54.94 -42.75 5.13
N GLU E 28 -55.82 -43.11 6.05
CA GLU E 28 -57.18 -43.51 5.67
C GLU E 28 -57.98 -42.35 5.11
N GLN E 29 -57.48 -41.11 5.20
CA GLN E 29 -58.18 -39.98 4.60
C GLN E 29 -58.36 -40.14 3.10
N TRP E 30 -57.54 -40.97 2.46
CA TRP E 30 -57.54 -41.10 1.01
C TRP E 30 -58.01 -42.48 0.54
N GLY E 31 -58.50 -43.33 1.42
CA GLY E 31 -59.03 -44.61 1.02
C GLY E 31 -58.80 -45.66 2.09
N LYS E 32 -59.26 -46.86 1.78
CA LYS E 32 -59.13 -47.99 2.69
C LYS E 32 -57.73 -48.57 2.65
N LEU E 33 -57.17 -48.85 3.82
CA LEU E 33 -55.84 -49.43 3.92
C LEU E 33 -55.93 -50.93 4.12
N THR E 34 -55.18 -51.67 3.29
CA THR E 34 -55.10 -53.12 3.44
C THR E 34 -53.95 -53.57 4.34
N ASP E 35 -53.04 -52.67 4.69
CA ASP E 35 -51.93 -53.00 5.56
C ASP E 35 -51.32 -51.72 6.11
N CYS E 36 -50.75 -51.82 7.31
CA CYS E 36 -50.12 -50.68 7.96
C CYS E 36 -49.22 -51.20 9.07
N VAL E 37 -47.96 -50.76 9.08
CA VAL E 37 -46.98 -51.27 10.03
C VAL E 37 -45.92 -50.21 10.27
N VAL E 38 -45.50 -50.07 11.53
CA VAL E 38 -44.34 -49.29 11.91
C VAL E 38 -43.23 -50.26 12.27
N MET E 39 -42.11 -50.17 11.57
CA MET E 39 -41.00 -51.08 11.77
C MET E 39 -40.25 -50.73 13.05
N ARG E 40 -39.88 -51.75 13.83
CA ARG E 40 -39.22 -51.57 15.16
C ARG E 40 -37.94 -52.39 15.26
N ASP E 41 -36.98 -51.94 16.07
CA ASP E 41 -35.67 -52.61 16.32
C ASP E 41 -35.96 -54.01 16.90
N PRO E 42 -35.46 -55.12 16.32
CA PRO E 42 -35.79 -56.46 16.80
C PRO E 42 -35.76 -56.69 18.32
N ALA E 43 -34.78 -56.14 19.04
CA ALA E 43 -34.65 -56.32 20.51
C ALA E 43 -35.35 -55.18 21.25
N SER E 44 -34.91 -53.95 21.06
CA SER E 44 -35.45 -52.71 21.70
C SER E 44 -36.96 -52.58 21.56
N LYS E 45 -37.49 -52.92 20.38
CA LYS E 45 -38.92 -52.85 19.96
C LYS E 45 -39.33 -51.37 19.92
N ARG E 46 -38.39 -50.49 19.57
CA ARG E 46 -38.59 -49.03 19.47
C ARG E 46 -38.62 -48.69 17.99
N SER E 47 -39.33 -47.63 17.64
CA SER E 47 -39.50 -47.14 16.26
C SER E 47 -38.15 -47.02 15.57
N ARG E 48 -38.03 -47.60 14.38
CA ARG E 48 -36.91 -47.46 13.46
C ARG E 48 -37.00 -46.21 12.60
N GLY E 49 -38.07 -45.43 12.73
CA GLY E 49 -38.19 -44.18 12.00
C GLY E 49 -38.82 -44.30 10.64
N PHE E 50 -39.48 -45.41 10.33
CA PHE E 50 -40.17 -45.55 9.06
C PHE E 50 -41.23 -46.65 9.19
N GLY E 51 -42.08 -46.71 8.18
CA GLY E 51 -43.12 -47.72 8.14
C GLY E 51 -43.70 -47.83 6.75
N PHE E 52 -44.77 -48.60 6.63
CA PHE E 52 -45.43 -48.86 5.33
C PHE E 52 -46.94 -48.80 5.49
N VAL E 53 -47.66 -48.28 4.50
CA VAL E 53 -49.14 -48.25 4.51
C VAL E 53 -49.53 -48.77 3.13
N THR E 54 -50.52 -49.64 3.03
CA THR E 54 -50.91 -50.20 1.74
C THR E 54 -52.38 -49.86 1.50
N PHE E 55 -52.66 -49.21 0.38
CA PHE E 55 -54.02 -48.89 0.00
C PHE E 55 -54.63 -50.04 -0.79
N SER E 56 -55.94 -50.00 -0.95
CA SER E 56 -56.64 -51.05 -1.70
C SER E 56 -56.49 -50.89 -3.21
N SER E 57 -56.02 -49.72 -3.66
CA SER E 57 -55.82 -49.45 -5.07
C SER E 57 -54.78 -48.35 -5.18
N MET E 58 -54.06 -48.32 -6.31
CA MET E 58 -53.06 -47.27 -6.49
C MET E 58 -53.69 -45.92 -6.74
N ALA E 59 -54.93 -45.88 -7.23
CA ALA E 59 -55.64 -44.61 -7.33
C ALA E 59 -55.71 -43.92 -5.98
N GLU E 60 -55.87 -44.70 -4.91
CA GLU E 60 -55.86 -44.13 -3.57
C GLU E 60 -54.46 -43.67 -3.19
N VAL E 61 -53.43 -44.38 -3.67
CA VAL E 61 -52.05 -43.97 -3.45
C VAL E 61 -51.80 -42.63 -4.14
N ASP E 62 -52.23 -42.52 -5.40
CA ASP E 62 -52.01 -41.28 -6.14
C ASP E 62 -52.69 -40.10 -5.45
N ALA E 63 -53.90 -40.32 -4.92
CA ALA E 63 -54.59 -39.26 -4.20
C ALA E 63 -53.80 -38.83 -2.97
N ALA E 64 -53.28 -39.80 -2.22
CA ALA E 64 -52.50 -39.48 -1.02
C ALA E 64 -51.25 -38.67 -1.37
N MET E 65 -50.54 -39.08 -2.43
CA MET E 65 -49.32 -38.37 -2.79
C MET E 65 -49.61 -36.99 -3.37
N ALA E 66 -50.79 -36.80 -3.96
CA ALA E 66 -51.16 -35.49 -4.47
C ALA E 66 -51.41 -34.49 -3.34
N ALA E 67 -51.60 -34.97 -2.11
CA ALA E 67 -51.93 -34.11 -0.98
C ALA E 67 -50.74 -33.86 -0.06
N ARG E 68 -49.52 -34.05 -0.56
CA ARG E 68 -48.33 -33.72 0.22
C ARG E 68 -48.22 -32.21 0.39
N PRO E 69 -47.47 -31.76 1.42
CA PRO E 69 -46.71 -32.54 2.40
C PRO E 69 -47.59 -33.25 3.44
N HIS E 70 -47.05 -34.28 4.06
CA HIS E 70 -47.74 -35.03 5.09
C HIS E 70 -47.03 -34.82 6.42
N SER E 71 -47.80 -34.48 7.46
CA SER E 71 -47.28 -34.29 8.80
C SER E 71 -48.00 -35.22 9.75
N ILE E 72 -47.24 -35.98 10.53
CA ILE E 72 -47.77 -36.99 11.43
C ILE E 72 -47.18 -36.78 12.81
N ASP E 73 -48.04 -36.64 13.82
CA ASP E 73 -47.60 -36.48 15.20
C ASP E 73 -46.60 -35.33 15.32
N GLY E 74 -46.86 -34.25 14.59
CA GLY E 74 -46.05 -33.06 14.68
C GLY E 74 -44.75 -33.10 13.92
N ARG E 75 -44.57 -34.09 13.04
CA ARG E 75 -43.34 -34.22 12.25
C ARG E 75 -43.71 -34.44 10.80
N VAL E 76 -43.03 -33.73 9.91
CA VAL E 76 -43.25 -33.89 8.47
C VAL E 76 -42.55 -35.15 8.00
N VAL E 77 -43.29 -36.04 7.35
CA VAL E 77 -42.77 -37.31 6.90
C VAL E 77 -42.54 -37.26 5.40
N GLU E 78 -41.87 -38.28 4.88
CA GLU E 78 -41.54 -38.38 3.46
C GLU E 78 -42.10 -39.67 2.88
N PRO E 79 -43.30 -39.65 2.29
CA PRO E 79 -43.80 -40.86 1.64
C PRO E 79 -43.12 -41.10 0.30
N LYS E 80 -42.94 -42.38 -0.02
CA LYS E 80 -42.28 -42.78 -1.25
C LYS E 80 -42.94 -44.03 -1.79
N ARG E 81 -42.97 -44.15 -3.12
CA ARG E 81 -43.39 -45.39 -3.74
C ARG E 81 -42.47 -46.51 -3.29
N ALA E 82 -43.05 -47.66 -2.96
CA ALA E 82 -42.28 -48.75 -2.39
C ALA E 82 -41.34 -49.34 -3.42
N VAL E 83 -40.06 -49.44 -3.06
CA VAL E 83 -39.06 -50.13 -3.87
C VAL E 83 -39.04 -51.60 -3.47
N ALA E 84 -39.10 -52.49 -4.45
CA ALA E 84 -39.21 -53.91 -4.16
C ALA E 84 -38.00 -54.39 -3.36
N ARG E 85 -38.24 -55.39 -2.52
CA ARG E 85 -37.18 -55.95 -1.69
C ARG E 85 -36.07 -56.57 -2.55
N GLU E 86 -36.42 -57.12 -3.70
CA GLU E 86 -35.44 -57.75 -4.58
C GLU E 86 -34.45 -56.74 -5.15
N GLU E 87 -34.78 -55.45 -5.14
CA GLU E 87 -33.89 -54.42 -5.68
C GLU E 87 -32.79 -54.03 -4.70
N SER E 88 -32.83 -54.52 -3.46
CA SER E 88 -31.79 -54.21 -2.50
C SER E 88 -30.44 -54.68 -3.01
N GLY E 89 -29.43 -53.83 -2.86
CA GLY E 89 -28.10 -54.11 -3.35
C GLY E 89 -27.79 -53.52 -4.71
N LYS E 90 -28.79 -53.02 -5.43
CA LYS E 90 -28.53 -52.39 -6.71
C LYS E 90 -28.22 -50.90 -6.51
N PRO E 91 -27.20 -50.36 -7.17
CA PRO E 91 -26.92 -48.93 -7.02
C PRO E 91 -28.14 -48.08 -7.32
N GLY E 92 -28.45 -47.15 -6.43
CA GLY E 92 -29.55 -46.23 -6.61
C GLY E 92 -30.92 -46.79 -6.32
N ALA E 93 -31.00 -48.00 -5.75
CA ALA E 93 -32.30 -48.62 -5.50
C ALA E 93 -33.19 -47.72 -4.66
N HIS E 94 -32.64 -47.04 -3.66
CA HIS E 94 -33.42 -46.29 -2.69
C HIS E 94 -33.18 -44.78 -2.77
N VAL E 95 -32.55 -44.31 -3.83
CA VAL E 95 -32.30 -42.88 -3.99
C VAL E 95 -33.57 -42.18 -4.43
N THR E 96 -33.77 -40.97 -3.94
CA THR E 96 -34.90 -40.13 -4.29
C THR E 96 -34.40 -38.99 -5.18
N VAL E 97 -34.85 -38.97 -6.43
CA VAL E 97 -34.38 -38.00 -7.41
C VAL E 97 -35.56 -37.51 -8.24
N LYS E 98 -35.35 -36.34 -8.85
CA LYS E 98 -36.34 -35.75 -9.75
C LYS E 98 -36.03 -36.03 -11.22
N LYS E 99 -34.92 -36.70 -11.51
CA LYS E 99 -34.46 -36.93 -12.87
C LYS E 99 -34.58 -38.40 -13.23
N LEU E 100 -34.92 -38.66 -14.48
CA LEU E 100 -35.18 -40.00 -14.98
C LEU E 100 -34.27 -40.29 -16.16
N PHE E 101 -33.58 -41.42 -16.12
CA PHE E 101 -32.78 -41.90 -17.24
C PHE E 101 -33.66 -42.71 -18.17
N VAL E 102 -33.57 -42.45 -19.46
CA VAL E 102 -34.36 -43.15 -20.48
C VAL E 102 -33.40 -43.67 -21.54
N GLY E 103 -33.28 -45.00 -21.63
CA GLY E 103 -32.42 -45.63 -22.60
C GLY E 103 -33.22 -46.41 -23.65
N GLY E 104 -32.52 -46.78 -24.72
CA GLY E 104 -33.13 -47.55 -25.78
C GLY E 104 -34.02 -46.77 -26.70
N ILE E 105 -33.87 -45.44 -26.76
CA ILE E 105 -34.68 -44.62 -27.65
C ILE E 105 -34.00 -44.39 -28.99
N LYS E 106 -32.85 -45.00 -29.23
CA LYS E 106 -32.18 -44.96 -30.52
C LYS E 106 -32.02 -43.52 -31.02
N GLU E 107 -31.88 -43.35 -32.33
CA GLU E 107 -31.50 -42.06 -32.91
C GLU E 107 -32.64 -41.32 -33.58
N ASP E 108 -33.88 -41.82 -33.50
CA ASP E 108 -35.01 -41.20 -34.17
C ASP E 108 -36.03 -40.65 -33.19
N THR E 109 -35.61 -40.38 -31.95
CA THR E 109 -36.49 -39.87 -30.92
C THR E 109 -35.99 -38.49 -30.49
N GLU E 110 -36.90 -37.54 -30.38
CA GLU E 110 -36.60 -36.17 -30.06
C GLU E 110 -37.24 -35.80 -28.73
N GLU E 111 -36.93 -34.59 -28.27
CA GLU E 111 -37.43 -34.14 -26.98
C GLU E 111 -38.95 -34.26 -26.90
N HIS E 112 -39.64 -33.90 -27.99
CA HIS E 112 -41.09 -33.88 -27.96
C HIS E 112 -41.67 -35.28 -27.77
N HIS E 113 -40.99 -36.32 -28.24
CA HIS E 113 -41.45 -37.68 -28.02
C HIS E 113 -41.49 -38.00 -26.54
N LEU E 114 -40.42 -37.67 -25.82
CA LEU E 114 -40.39 -37.91 -24.38
C LEU E 114 -41.40 -37.02 -23.67
N ARG E 115 -41.57 -35.79 -24.14
CA ARG E 115 -42.55 -34.88 -23.54
C ARG E 115 -43.95 -35.46 -23.63
N ASP E 116 -44.34 -35.87 -24.84
CA ASP E 116 -45.70 -36.39 -25.04
C ASP E 116 -45.97 -37.61 -24.18
N TYR E 117 -44.96 -38.49 -24.03
CA TYR E 117 -45.17 -39.73 -23.30
C TYR E 117 -45.20 -39.51 -21.79
N PHE E 118 -44.23 -38.77 -21.25
CA PHE E 118 -44.04 -38.67 -19.81
C PHE E 118 -44.83 -37.54 -19.17
N GLU E 119 -45.44 -36.66 -19.95
CA GLU E 119 -46.12 -35.50 -19.37
C GLU E 119 -47.36 -35.88 -18.58
N GLU E 120 -47.93 -37.06 -18.82
CA GLU E 120 -49.06 -37.52 -18.02
C GLU E 120 -48.65 -37.92 -16.61
N TYR E 121 -47.37 -38.20 -16.39
CA TYR E 121 -46.90 -38.63 -15.09
C TYR E 121 -46.65 -37.47 -14.14
N GLY E 122 -46.48 -36.27 -14.65
CA GLY E 122 -46.22 -35.12 -13.80
C GLY E 122 -45.70 -33.95 -14.62
N LYS E 123 -45.39 -32.88 -13.90
CA LYS E 123 -44.86 -31.68 -14.54
C LYS E 123 -43.40 -31.88 -14.90
N ILE E 124 -43.05 -31.57 -16.14
CA ILE E 124 -41.69 -31.75 -16.64
C ILE E 124 -40.98 -30.41 -16.59
N ASP E 125 -39.81 -30.40 -15.96
CA ASP E 125 -38.99 -29.19 -15.88
C ASP E 125 -38.07 -29.06 -17.09
N THR E 126 -37.36 -30.14 -17.44
CA THR E 126 -36.42 -30.11 -18.55
C THR E 126 -36.37 -31.48 -19.20
N ILE E 127 -35.94 -31.50 -20.47
CA ILE E 127 -35.74 -32.73 -21.22
C ILE E 127 -34.40 -32.63 -21.94
N GLU E 128 -33.64 -33.71 -21.92
CA GLU E 128 -32.32 -33.77 -22.54
C GLU E 128 -32.23 -34.98 -23.46
N ILE E 129 -31.89 -34.75 -24.72
CA ILE E 129 -31.57 -35.81 -25.67
C ILE E 129 -30.06 -35.77 -25.87
N ILE E 130 -29.37 -36.80 -25.38
CA ILE E 130 -27.91 -36.77 -25.39
C ILE E 130 -27.41 -36.98 -26.80
N THR E 131 -26.39 -36.21 -27.17
CA THR E 131 -25.78 -36.27 -28.49
C THR E 131 -24.26 -36.33 -28.35
N ASP E 132 -23.61 -36.68 -29.44
CA ASP E 132 -22.15 -36.69 -29.48
C ASP E 132 -21.63 -35.28 -29.71
N ARG E 133 -20.74 -34.82 -28.83
CA ARG E 133 -20.29 -33.43 -28.88
C ARG E 133 -19.62 -33.10 -30.21
N GLN E 134 -18.93 -34.06 -30.81
CA GLN E 134 -18.19 -33.80 -32.05
C GLN E 134 -19.05 -34.02 -33.29
N SER E 135 -19.83 -35.10 -33.34
CA SER E 135 -20.63 -35.41 -34.51
C SER E 135 -22.05 -34.87 -34.43
N GLY E 136 -22.60 -34.73 -33.22
CA GLY E 136 -23.96 -34.27 -33.05
C GLY E 136 -25.01 -35.36 -33.17
N LYS E 137 -24.63 -36.59 -33.49
CA LYS E 137 -25.58 -37.68 -33.61
C LYS E 137 -26.13 -38.05 -32.24
N LYS E 138 -27.36 -38.57 -32.24
CA LYS E 138 -27.97 -39.01 -31.01
C LYS E 138 -27.32 -40.31 -30.53
N ARG E 139 -27.12 -40.41 -29.22
CA ARG E 139 -26.47 -41.57 -28.62
C ARG E 139 -27.46 -42.62 -28.12
N GLY E 140 -28.77 -42.37 -28.25
CA GLY E 140 -29.76 -43.37 -27.92
C GLY E 140 -30.29 -43.32 -26.51
N PHE E 141 -30.18 -42.19 -25.82
CA PHE E 141 -30.73 -42.07 -24.48
C PHE E 141 -30.83 -40.60 -24.11
N GLY E 142 -31.68 -40.32 -23.13
CA GLY E 142 -31.90 -38.96 -22.67
C GLY E 142 -32.34 -38.95 -21.23
N PHE E 143 -32.61 -37.75 -20.73
CA PHE E 143 -33.01 -37.55 -19.34
C PHE E 143 -34.26 -36.70 -19.29
N VAL E 144 -35.14 -37.01 -18.34
CA VAL E 144 -36.35 -36.25 -18.10
C VAL E 144 -36.33 -35.81 -16.65
N THR E 145 -36.43 -34.51 -16.42
CA THR E 145 -36.41 -33.93 -15.08
C THR E 145 -37.80 -33.41 -14.76
N PHE E 146 -38.39 -33.94 -13.69
CA PHE E 146 -39.69 -33.49 -13.21
C PHE E 146 -39.50 -32.47 -12.10
N ASP E 147 -40.60 -31.85 -11.70
CA ASP E 147 -40.58 -30.93 -10.57
C ASP E 147 -40.69 -31.64 -9.23
N ASP E 148 -40.90 -32.95 -9.23
CA ASP E 148 -41.04 -33.71 -7.99
C ASP E 148 -40.47 -35.11 -8.22
N HIS E 149 -40.12 -35.77 -7.11
CA HIS E 149 -39.54 -37.11 -7.19
C HIS E 149 -40.59 -38.18 -7.41
N ASP E 150 -41.84 -37.94 -7.01
CA ASP E 150 -42.84 -39.00 -7.07
C ASP E 150 -43.11 -39.48 -8.49
N PRO E 151 -43.23 -38.62 -9.50
CA PRO E 151 -43.41 -39.14 -10.87
C PRO E 151 -42.31 -40.10 -11.29
N VAL E 152 -41.05 -39.78 -10.98
CA VAL E 152 -39.96 -40.71 -11.27
C VAL E 152 -40.19 -42.03 -10.56
N ASP E 153 -40.52 -41.97 -9.27
CA ASP E 153 -40.71 -43.18 -8.48
C ASP E 153 -41.78 -44.09 -9.07
N LYS E 154 -42.90 -43.50 -9.51
CA LYS E 154 -43.97 -44.32 -10.09
C LYS E 154 -43.56 -44.86 -11.45
N ILE E 155 -42.86 -44.05 -12.25
CA ILE E 155 -42.45 -44.49 -13.58
C ILE E 155 -41.57 -45.72 -13.47
N VAL E 156 -40.65 -45.75 -12.51
CA VAL E 156 -39.66 -46.82 -12.46
C VAL E 156 -40.25 -48.11 -11.93
N LEU E 157 -41.48 -48.08 -11.42
CA LEU E 157 -42.16 -49.32 -11.04
C LEU E 157 -42.44 -50.19 -12.26
N GLN E 158 -42.43 -49.61 -13.45
CA GLN E 158 -42.50 -50.35 -14.71
C GLN E 158 -41.17 -50.13 -15.43
N LYS E 159 -40.34 -51.18 -15.45
CA LYS E 159 -38.98 -51.03 -15.98
C LYS E 159 -38.98 -50.66 -17.44
N TYR E 160 -39.88 -51.23 -18.24
CA TYR E 160 -39.88 -51.08 -19.69
C TYR E 160 -41.06 -50.25 -20.13
N HIS E 161 -40.81 -49.29 -21.03
CA HIS E 161 -41.79 -48.34 -21.51
C HIS E 161 -41.66 -48.22 -23.03
N THR E 162 -42.74 -48.49 -23.74
CA THR E 162 -42.74 -48.35 -25.20
C THR E 162 -42.86 -46.87 -25.53
N ILE E 163 -41.79 -46.30 -26.09
CA ILE E 163 -41.72 -44.87 -26.40
C ILE E 163 -41.27 -44.72 -27.84
N ASN E 164 -42.10 -44.09 -28.67
CA ASN E 164 -41.78 -43.84 -30.07
C ASN E 164 -41.36 -45.13 -30.77
N GLY E 165 -42.11 -46.21 -30.51
CA GLY E 165 -41.88 -47.47 -31.18
C GLY E 165 -40.69 -48.26 -30.69
N HIS E 166 -40.08 -47.87 -29.58
CA HIS E 166 -38.91 -48.54 -29.05
C HIS E 166 -39.19 -49.08 -27.66
N ASN E 167 -38.55 -50.20 -27.33
CA ASN E 167 -38.61 -50.77 -25.98
C ASN E 167 -37.61 -50.01 -25.13
N ALA E 168 -38.09 -48.95 -24.48
CA ALA E 168 -37.23 -48.08 -23.69
C ALA E 168 -37.14 -48.59 -22.26
N GLU E 169 -35.99 -48.33 -21.62
CA GLU E 169 -35.75 -48.70 -20.24
C GLU E 169 -35.60 -47.43 -19.42
N VAL E 170 -36.29 -47.38 -18.28
CA VAL E 170 -36.23 -46.23 -17.38
C VAL E 170 -35.45 -46.61 -16.15
N ARG E 171 -34.63 -45.68 -15.67
CA ARG E 171 -33.85 -45.85 -14.45
C ARG E 171 -33.81 -44.51 -13.74
N LYS E 172 -33.77 -44.55 -12.40
CA LYS E 172 -33.56 -43.32 -11.66
C LYS E 172 -32.17 -42.79 -11.97
N ALA E 173 -32.10 -41.50 -12.28
CA ALA E 173 -30.84 -40.90 -12.72
C ALA E 173 -29.87 -40.83 -11.55
N LEU E 174 -28.65 -41.31 -11.76
CA LEU E 174 -27.62 -41.30 -10.74
C LEU E 174 -26.45 -40.44 -11.22
N SER E 175 -25.79 -39.80 -10.25
CA SER E 175 -24.59 -39.06 -10.58
C SER E 175 -23.43 -40.02 -10.79
N ARG E 176 -22.36 -39.51 -11.41
CA ARG E 176 -21.20 -40.33 -11.69
C ARG E 176 -20.62 -40.93 -10.41
N GLN E 177 -20.63 -40.17 -9.32
CA GLN E 177 -20.12 -40.69 -8.06
C GLN E 177 -20.88 -41.93 -7.62
N GLU E 178 -22.18 -42.00 -7.92
CA GLU E 178 -23.02 -43.09 -7.47
C GLU E 178 -22.94 -44.31 -8.37
N MET E 179 -22.39 -44.18 -9.57
CA MET E 179 -22.28 -45.30 -10.50
C MET E 179 -20.86 -45.86 -10.52
N ARG F 1 4.59 48.34 37.56
CA ARG F 1 4.86 47.34 36.54
C ARG F 1 5.45 47.98 35.28
N GLU F 2 6.11 47.17 34.47
CA GLU F 2 6.73 47.68 33.25
C GLU F 2 5.66 48.14 32.26
N LYS F 3 6.11 48.92 31.28
CA LYS F 3 5.19 49.47 30.28
C LYS F 3 4.70 48.36 29.35
N GLU F 4 3.56 48.65 28.69
CA GLU F 4 2.95 47.66 27.82
C GLU F 4 3.91 47.16 26.75
N GLN F 5 4.73 48.07 26.21
CA GLN F 5 5.68 47.68 25.17
C GLN F 5 6.55 46.51 25.63
N PHE F 6 6.94 46.51 26.91
CA PHE F 6 7.75 45.43 27.45
C PHE F 6 6.92 44.21 27.85
N ARG F 7 5.59 44.30 27.77
CA ARG F 7 4.70 43.18 28.07
C ARG F 7 3.89 42.76 26.85
N LYS F 8 4.28 43.18 25.66
CA LYS F 8 3.52 42.96 24.44
C LYS F 8 4.29 42.05 23.50
N LEU F 9 3.55 41.19 22.80
CA LEU F 9 4.13 40.23 21.87
C LEU F 9 3.59 40.49 20.46
N PHE F 10 4.50 40.58 19.50
CA PHE F 10 4.13 40.57 18.09
C PHE F 10 3.85 39.13 17.68
N ILE F 11 2.64 38.89 17.15
CA ILE F 11 2.21 37.55 16.77
C ILE F 11 2.16 37.51 15.25
N GLY F 12 3.16 36.89 14.65
CA GLY F 12 3.29 36.84 13.20
C GLY F 12 2.74 35.56 12.60
N GLY F 13 2.27 35.67 11.36
CA GLY F 13 1.79 34.52 10.63
C GLY F 13 0.44 34.00 11.05
N LEU F 14 -0.45 34.86 11.54
CA LEU F 14 -1.79 34.44 11.89
C LEU F 14 -2.56 34.00 10.65
N SER F 15 -3.40 32.98 10.83
CA SER F 15 -4.36 32.64 9.79
C SER F 15 -5.31 33.81 9.57
N PHE F 16 -5.62 34.09 8.31
CA PHE F 16 -6.49 35.22 7.99
C PHE F 16 -7.87 35.10 8.59
N GLU F 17 -8.25 33.91 9.08
CA GLU F 17 -9.52 33.71 9.75
C GLU F 17 -9.46 33.98 11.25
N THR F 18 -8.27 34.22 11.80
CA THR F 18 -8.15 34.52 13.22
C THR F 18 -8.78 35.87 13.52
N THR F 19 -9.57 35.93 14.58
CA THR F 19 -10.26 37.14 15.00
C THR F 19 -9.74 37.56 16.37
N GLU F 20 -10.15 38.76 16.79
CA GLU F 20 -9.73 39.27 18.09
C GLU F 20 -10.21 38.36 19.22
N GLU F 21 -11.31 37.65 19.01
CA GLU F 21 -11.84 36.74 20.04
C GLU F 21 -10.96 35.51 20.19
N SER F 22 -10.61 34.86 19.08
CA SER F 22 -9.84 33.63 19.14
C SER F 22 -8.41 33.88 19.61
N LEU F 23 -7.82 35.02 19.24
CA LEU F 23 -6.47 35.34 19.71
C LEU F 23 -6.45 35.54 21.22
N ARG F 24 -7.44 36.22 21.77
CA ARG F 24 -7.46 36.49 23.20
C ARG F 24 -7.75 35.23 24.01
N ASN F 25 -8.68 34.39 23.52
CA ASN F 25 -9.01 33.17 24.24
C ASN F 25 -7.79 32.27 24.40
N TYR F 26 -6.91 32.24 23.40
CA TYR F 26 -5.75 31.37 23.45
C TYR F 26 -4.70 31.91 24.41
N TYR F 27 -4.16 33.06 24.06
CA TYR F 27 -3.14 33.79 24.85
C TYR F 27 -3.78 34.22 26.17
N GLU F 28 -5.10 34.05 26.34
CA GLU F 28 -5.83 34.37 27.59
C GLU F 28 -5.45 33.35 28.67
N GLN F 29 -5.05 32.15 28.27
CA GLN F 29 -4.62 31.01 29.13
C GLN F 29 -3.51 31.42 30.11
N TRP F 30 -2.58 32.28 29.73
CA TRP F 30 -1.42 32.64 30.60
C TRP F 30 -1.63 33.95 31.36
N GLY F 31 -2.77 34.61 31.22
CA GLY F 31 -3.03 35.87 31.96
C GLY F 31 -4.07 36.74 31.29
N LYS F 32 -4.58 37.74 32.01
CA LYS F 32 -5.58 38.68 31.47
C LYS F 32 -4.83 39.60 30.50
N LEU F 33 -5.42 39.91 29.35
CA LEU F 33 -4.78 40.77 28.33
C LEU F 33 -5.16 42.24 28.55
N THR F 34 -4.21 43.15 28.76
CA THR F 34 -4.57 44.56 28.83
C THR F 34 -4.91 45.13 27.46
N ASP F 35 -4.57 44.42 26.39
CA ASP F 35 -4.87 44.86 25.04
C ASP F 35 -4.72 43.66 24.11
N CYS F 36 -5.48 43.68 23.00
CA CYS F 36 -5.42 42.60 22.02
C CYS F 36 -6.03 43.11 20.72
N VAL F 37 -5.29 42.95 19.63
CA VAL F 37 -5.69 43.49 18.34
C VAL F 37 -5.06 42.66 17.23
N VAL F 38 -5.85 42.38 16.20
CA VAL F 38 -5.37 41.83 14.94
C VAL F 38 -5.44 42.93 13.89
N MET F 39 -4.38 43.04 13.08
CA MET F 39 -4.30 44.11 12.10
C MET F 39 -4.91 43.67 10.78
N ARG F 40 -5.43 44.66 10.05
CA ARG F 40 -6.05 44.40 8.75
C ARG F 40 -5.83 45.57 7.79
N LYS F 45 -10.29 45.28 4.48
CA LYS F 45 -10.31 45.05 5.91
C LYS F 45 -9.85 43.64 6.25
N ARG F 46 -9.25 42.97 5.26
CA ARG F 46 -8.72 41.59 5.37
C ARG F 46 -7.46 41.61 6.22
N SER F 47 -7.28 40.64 7.13
CA SER F 47 -6.12 40.55 8.06
C SER F 47 -4.79 40.67 7.31
N ARG F 48 -3.82 41.42 7.84
CA ARG F 48 -2.48 41.61 7.23
C ARG F 48 -1.63 40.37 7.51
N GLY F 49 -1.96 39.60 8.56
CA GLY F 49 -1.28 38.34 8.87
C GLY F 49 -0.57 38.41 10.19
N PHE F 50 -0.90 39.38 11.02
CA PHE F 50 -0.23 39.55 12.31
C PHE F 50 -1.10 40.37 13.24
N GLY F 51 -0.71 40.39 14.51
CA GLY F 51 -1.42 41.15 15.52
C GLY F 51 -0.56 41.32 16.75
N PHE F 52 -1.18 41.85 17.81
CA PHE F 52 -0.49 42.10 19.07
C PHE F 52 -1.36 41.67 20.24
N VAL F 53 -0.70 41.18 21.29
CA VAL F 53 -1.32 40.91 22.59
C VAL F 53 -0.43 41.49 23.67
N THR F 54 -1.06 42.10 24.68
CA THR F 54 -0.34 42.75 25.77
C THR F 54 -0.79 42.14 27.09
N PHE F 55 0.16 41.58 27.83
CA PHE F 55 -0.13 41.00 29.13
C PHE F 55 0.01 42.05 30.23
N SER F 56 -0.52 41.71 31.41
CA SER F 56 -0.48 42.62 32.55
C SER F 56 0.87 42.65 33.25
N SER F 57 1.76 41.71 32.94
CA SER F 57 3.06 41.66 33.59
C SER F 57 4.05 40.94 32.68
N MET F 58 5.33 41.17 32.94
CA MET F 58 6.38 40.48 32.18
C MET F 58 6.39 38.99 32.47
N ALA F 59 5.98 38.58 33.67
CA ALA F 59 5.97 37.17 34.01
C ALA F 59 5.00 36.38 33.14
N GLU F 60 3.84 36.95 32.84
CA GLU F 60 2.82 36.23 32.06
C GLU F 60 3.37 35.99 30.66
N VAL F 61 4.17 36.93 30.16
CA VAL F 61 4.79 36.89 28.81
C VAL F 61 5.90 35.85 28.87
N ASP F 62 6.71 35.92 29.92
CA ASP F 62 7.83 34.99 30.19
C ASP F 62 7.28 33.55 30.08
N ALA F 63 6.16 33.25 30.75
CA ALA F 63 5.50 31.94 30.65
C ALA F 63 5.06 31.71 29.20
N ALA F 64 4.12 32.51 28.69
CA ALA F 64 3.49 32.45 27.35
C ALA F 64 4.43 31.90 26.26
N MET F 65 5.62 32.44 26.24
CA MET F 65 6.67 32.11 25.28
C MET F 65 7.40 30.83 25.65
N ALA F 66 7.45 30.50 26.95
CA ALA F 66 8.09 29.26 27.37
C ALA F 66 7.27 28.03 26.97
N ALA F 67 6.00 28.21 26.61
CA ALA F 67 5.12 27.10 26.27
C ALA F 67 4.89 26.97 24.77
N ARG F 68 5.67 27.66 23.96
CA ARG F 68 5.56 27.53 22.51
C ARG F 68 5.99 26.12 22.10
N PRO F 69 5.64 25.71 20.87
CA PRO F 69 4.96 26.47 19.82
C PRO F 69 3.48 26.72 20.09
N HIS F 70 2.93 27.74 19.45
CA HIS F 70 1.53 28.10 19.56
C HIS F 70 0.85 27.88 18.21
N SER F 71 -0.29 27.20 18.24
CA SER F 71 -1.08 26.94 17.03
C SER F 71 -2.48 27.49 17.23
N ILE F 72 -2.92 28.30 16.27
CA ILE F 72 -4.21 28.98 16.33
C ILE F 72 -4.92 28.75 15.01
N ASP F 73 -6.14 28.22 15.06
CA ASP F 73 -6.95 27.98 13.87
C ASP F 73 -6.18 27.15 12.84
N GLY F 74 -5.39 26.20 13.32
CA GLY F 74 -4.70 25.28 12.42
C GLY F 74 -3.44 25.82 11.79
N ARG F 75 -2.90 26.93 12.29
CA ARG F 75 -1.69 27.52 11.74
C ARG F 75 -0.70 27.80 12.86
N VAL F 76 0.56 27.44 12.63
CA VAL F 76 1.63 27.73 13.59
C VAL F 76 2.05 29.18 13.45
N VAL F 77 2.02 29.90 14.58
CA VAL F 77 2.32 31.32 14.59
C VAL F 77 3.71 31.52 15.19
N GLU F 78 4.24 32.74 15.05
CA GLU F 78 5.56 33.11 15.56
C GLU F 78 5.42 34.29 16.52
N PRO F 79 5.31 34.05 17.82
CA PRO F 79 5.30 35.18 18.76
C PRO F 79 6.69 35.75 18.97
N LYS F 80 6.75 37.07 19.13
CA LYS F 80 8.00 37.78 19.32
C LYS F 80 7.78 38.94 20.28
N ARG F 81 8.82 39.24 21.06
CA ARG F 81 8.78 40.46 21.86
C ARG F 81 8.62 41.65 20.93
N ALA F 82 7.75 42.57 21.32
CA ALA F 82 7.40 43.68 20.44
C ALA F 82 8.58 44.63 20.28
N VAL F 83 8.91 44.94 19.03
CA VAL F 83 9.93 45.94 18.72
C VAL F 83 9.23 47.29 18.60
N ALA F 84 9.77 48.29 19.30
CA ALA F 84 9.14 49.60 19.35
C ALA F 84 9.06 50.22 17.96
N ARG F 85 8.02 51.03 17.74
CA ARG F 85 7.85 51.70 16.46
C ARG F 85 9.03 52.61 16.15
N GLU F 86 9.65 53.18 17.18
CA GLU F 86 10.77 54.09 16.98
C GLU F 86 11.97 53.40 16.33
N GLU F 87 12.04 52.07 16.41
CA GLU F 87 13.14 51.34 15.80
C GLU F 87 12.95 51.11 14.30
N SER F 88 11.78 51.45 13.76
CA SER F 88 11.53 51.27 12.33
C SER F 88 12.53 52.09 11.53
N GLY F 89 13.10 51.47 10.49
CA GLY F 89 14.10 52.09 9.66
C GLY F 89 15.53 51.76 10.03
N LYS F 90 15.75 51.12 11.17
CA LYS F 90 17.10 50.73 11.54
C LYS F 90 17.43 49.35 10.99
N PRO F 91 18.66 49.11 10.55
CA PRO F 91 19.00 47.77 10.05
C PRO F 91 18.78 46.70 11.10
N GLY F 92 18.08 45.65 10.73
CA GLY F 92 17.88 44.53 11.62
C GLY F 92 16.82 44.74 12.69
N ALA F 93 16.05 45.82 12.61
CA ALA F 93 15.07 46.10 13.66
C ALA F 93 14.14 44.93 13.90
N HIS F 94 13.75 44.23 12.84
CA HIS F 94 12.72 43.19 12.94
C HIS F 94 13.23 41.80 12.61
N VAL F 95 14.54 41.59 12.54
CA VAL F 95 15.08 40.27 12.24
C VAL F 95 15.02 39.39 13.48
N THR F 96 14.76 38.10 13.27
CA THR F 96 14.70 37.11 14.33
C THR F 96 15.94 36.24 14.23
N VAL F 97 16.81 36.31 15.24
CA VAL F 97 18.08 35.60 15.22
C VAL F 97 18.34 35.01 16.61
N LYS F 98 19.21 34.01 16.64
CA LYS F 98 19.62 33.37 17.89
C LYS F 98 20.94 33.91 18.43
N LYS F 99 21.60 34.81 17.71
CA LYS F 99 22.92 35.30 18.09
C LYS F 99 22.83 36.77 18.48
N LEU F 100 23.63 37.15 19.48
CA LEU F 100 23.61 38.48 20.03
C LEU F 100 25.03 39.06 19.98
N PHE F 101 25.16 40.27 19.47
CA PHE F 101 26.43 40.99 19.45
C PHE F 101 26.64 41.74 20.76
N VAL F 102 27.83 41.63 21.32
CA VAL F 102 28.20 42.30 22.57
C VAL F 102 29.47 43.09 22.33
N GLY F 103 29.39 44.41 22.46
CA GLY F 103 30.55 45.27 22.28
C GLY F 103 30.90 46.04 23.54
N GLY F 104 32.12 46.58 23.59
CA GLY F 104 32.57 47.34 24.74
C GLY F 104 33.24 46.53 25.82
N ILE F 105 33.40 45.22 25.63
CA ILE F 105 34.07 44.39 26.63
C ILE F 105 35.56 44.66 26.72
N LYS F 106 36.12 45.43 25.77
CA LYS F 106 37.52 45.80 25.82
C LYS F 106 38.41 44.56 25.78
N GLU F 107 39.70 44.76 26.04
CA GLU F 107 40.66 43.65 26.03
C GLU F 107 40.62 42.81 27.28
N ASP F 108 39.89 43.24 28.31
CA ASP F 108 39.82 42.52 29.58
C ASP F 108 38.47 41.82 29.69
N THR F 109 38.25 40.84 28.81
CA THR F 109 37.01 40.09 28.84
C THR F 109 37.20 38.77 28.10
N GLU F 110 36.79 37.68 28.72
CA GLU F 110 36.92 36.35 28.16
C GLU F 110 35.55 35.71 28.02
N GLU F 111 35.52 34.53 27.40
CA GLU F 111 34.26 33.83 27.17
C GLU F 111 33.49 33.65 28.47
N HIS F 112 34.19 33.26 29.54
CA HIS F 112 33.50 32.97 30.80
C HIS F 112 32.86 34.21 31.40
N HIS F 113 33.42 35.39 31.13
CA HIS F 113 32.82 36.62 31.63
C HIS F 113 31.43 36.83 31.05
N LEU F 114 31.29 36.63 29.73
CA LEU F 114 29.98 36.76 29.10
C LEU F 114 29.02 35.67 29.55
N ARG F 115 29.53 34.48 29.82
CA ARG F 115 28.65 33.36 30.19
C ARG F 115 28.00 33.59 31.54
N ASP F 116 28.74 34.24 32.43
CA ASP F 116 28.32 34.57 33.81
C ASP F 116 27.13 35.51 33.79
N TYR F 117 27.26 36.63 33.09
CA TYR F 117 26.26 37.73 33.00
C TYR F 117 25.05 37.38 32.11
N PHE F 118 25.14 36.39 31.23
CA PHE F 118 24.05 36.03 30.27
C PHE F 118 23.36 34.69 30.56
N GLU F 119 24.02 33.70 31.14
CA GLU F 119 23.40 32.36 31.36
C GLU F 119 22.00 32.48 31.99
N GLU F 120 21.57 33.68 32.40
CA GLU F 120 20.30 33.89 33.14
C GLU F 120 19.04 33.86 32.28
N TYR F 121 19.12 34.31 31.01
CA TYR F 121 17.96 34.44 30.09
C TYR F 121 17.64 33.13 29.36
N GLY F 122 18.67 32.35 29.01
CA GLY F 122 18.48 31.06 28.33
C GLY F 122 19.75 30.26 28.19
N LYS F 123 19.64 29.13 27.50
CA LYS F 123 20.73 28.20 27.22
C LYS F 123 21.59 28.73 26.09
N ILE F 124 22.89 28.82 26.34
CA ILE F 124 23.85 29.36 25.38
C ILE F 124 24.49 28.20 24.62
N ASP F 125 24.47 28.29 23.30
CA ASP F 125 25.10 27.29 22.45
C ASP F 125 26.59 27.56 22.25
N THR F 126 26.94 28.82 21.94
CA THR F 126 28.34 29.16 21.71
C THR F 126 28.58 30.60 22.15
N ILE F 127 29.85 30.89 22.45
CA ILE F 127 30.31 32.23 22.77
C ILE F 127 31.58 32.49 21.98
N GLU F 128 31.68 33.70 21.41
CA GLU F 128 32.83 34.06 20.59
C GLU F 128 33.39 35.39 21.06
N ILE F 129 34.68 35.42 21.37
CA ILE F 129 35.41 36.64 21.69
C ILE F 129 36.30 36.95 20.49
N ILE F 130 36.01 38.04 19.78
CA ILE F 130 36.70 38.32 18.54
C ILE F 130 38.13 38.78 18.83
N THR F 131 39.08 38.27 18.05
CA THR F 131 40.48 38.60 18.19
C THR F 131 41.06 38.91 16.81
N ASP F 132 42.21 39.57 16.81
CA ASP F 132 42.90 39.88 15.56
C ASP F 132 43.60 38.62 15.05
N ARG F 133 43.38 38.30 13.78
CA ARG F 133 43.89 37.05 13.23
C ARG F 133 45.41 37.00 13.26
N GLN F 134 46.07 38.15 13.09
CA GLN F 134 47.53 38.20 13.00
C GLN F 134 48.18 38.54 14.34
N SER F 135 47.67 39.55 15.05
CA SER F 135 48.28 39.96 16.31
C SER F 135 47.85 39.07 17.46
N GLY F 136 46.63 38.54 17.42
CA GLY F 136 46.09 37.75 18.51
C GLY F 136 45.45 38.56 19.61
N LYS F 137 45.44 39.88 19.50
CA LYS F 137 44.85 40.73 20.53
C LYS F 137 43.33 40.77 20.38
N LYS F 138 42.64 40.79 21.52
CA LYS F 138 41.19 40.88 21.50
C LYS F 138 40.76 42.22 20.92
N ARG F 139 39.78 42.18 20.01
CA ARG F 139 39.42 43.36 19.24
C ARG F 139 38.50 44.31 19.99
N GLY F 140 37.80 43.84 21.02
CA GLY F 140 36.92 44.67 21.80
C GLY F 140 35.44 44.39 21.65
N PHE F 141 35.06 43.18 21.26
CA PHE F 141 33.66 42.82 21.08
C PHE F 141 33.57 41.31 20.89
N GLY F 142 32.38 40.77 21.13
CA GLY F 142 32.17 39.35 21.00
C GLY F 142 30.73 39.02 20.66
N PHE F 143 30.45 37.72 20.55
CA PHE F 143 29.13 37.23 20.17
C PHE F 143 28.67 36.13 21.12
N VAL F 144 27.38 36.11 21.41
CA VAL F 144 26.75 35.08 22.22
C VAL F 144 25.63 34.45 21.40
N THR F 145 25.66 33.14 21.23
CA THR F 145 24.67 32.41 20.46
C THR F 145 23.81 31.58 21.39
N PHE F 146 22.51 31.83 21.39
CA PHE F 146 21.55 31.07 22.17
C PHE F 146 20.92 29.96 21.33
N ASP F 147 20.16 29.10 22.02
CA ASP F 147 19.41 28.05 21.34
C ASP F 147 18.06 28.53 20.82
N ASP F 148 17.67 29.77 21.12
CA ASP F 148 16.40 30.32 20.68
C ASP F 148 16.55 31.81 20.45
N HIS F 149 15.63 32.37 19.68
CA HIS F 149 15.66 33.80 19.39
C HIS F 149 15.10 34.63 20.53
N ASP F 150 14.24 34.06 21.36
CA ASP F 150 13.57 34.84 22.39
C ASP F 150 14.53 35.45 23.40
N PRO F 151 15.55 34.74 23.89
CA PRO F 151 16.52 35.39 24.78
C PRO F 151 17.13 36.65 24.18
N VAL F 152 17.51 36.60 22.90
CA VAL F 152 18.04 37.78 22.23
C VAL F 152 17.02 38.91 22.27
N ASP F 153 15.77 38.61 21.92
CA ASP F 153 14.74 39.64 21.86
C ASP F 153 14.59 40.34 23.21
N LYS F 154 14.62 39.58 24.30
CA LYS F 154 14.43 40.18 25.61
C LYS F 154 15.66 41.00 26.03
N ILE F 155 16.85 40.51 25.71
CA ILE F 155 18.07 41.21 26.12
C ILE F 155 18.13 42.60 25.49
N VAL F 156 17.76 42.72 24.22
CA VAL F 156 18.01 43.95 23.49
C VAL F 156 17.07 45.08 23.90
N LEU F 157 16.06 44.79 24.71
CA LEU F 157 15.23 45.86 25.26
C LEU F 157 16.01 46.78 26.17
N GLN F 158 17.16 46.34 26.67
CA GLN F 158 18.09 47.18 27.43
C GLN F 158 19.38 47.29 26.62
N LYS F 159 19.61 48.47 26.03
CA LYS F 159 20.73 48.62 25.10
C LYS F 159 22.07 48.45 25.78
N TYR F 160 22.23 49.00 26.99
CA TYR F 160 23.53 49.09 27.64
C TYR F 160 23.67 48.15 28.82
N HIS F 161 24.78 47.42 28.87
CA HIS F 161 25.08 46.45 29.93
C HIS F 161 26.55 46.57 30.32
N THR F 162 26.82 46.83 31.59
CA THR F 162 28.20 46.90 32.05
C THR F 162 28.79 45.51 32.21
N ILE F 163 30.10 45.41 32.05
CA ILE F 163 30.81 44.14 32.18
C ILE F 163 32.32 44.37 32.14
N GLU F 169 27.54 47.39 24.69
CA GLU F 169 26.12 47.40 24.32
C GLU F 169 25.72 46.08 23.68
N VAL F 170 24.43 45.77 23.74
CA VAL F 170 23.88 44.56 23.13
C VAL F 170 23.17 44.94 21.84
N ARG F 171 23.33 44.09 20.82
CA ARG F 171 22.68 44.27 19.53
C ARG F 171 22.34 42.89 18.98
N LYS F 172 21.23 42.82 18.23
CA LYS F 172 20.94 41.60 17.49
C LYS F 172 22.00 41.40 16.43
N ALA F 173 22.53 40.19 16.34
CA ALA F 173 23.65 39.92 15.44
C ALA F 173 23.18 39.97 13.99
N LEU F 174 23.91 40.72 13.16
CA LEU F 174 23.60 40.87 11.75
C LEU F 174 24.77 40.36 10.92
N SER F 175 24.44 39.82 9.75
CA SER F 175 25.44 39.39 8.79
C SER F 175 26.04 40.59 8.08
N ARG F 176 27.18 40.35 7.40
CA ARG F 176 27.84 41.43 6.67
C ARG F 176 26.92 42.03 5.62
N GLN F 177 26.03 41.22 5.04
CA GLN F 177 25.09 41.74 4.05
C GLN F 177 24.08 42.69 4.67
N GLU F 178 23.63 42.42 5.89
CA GLU F 178 22.57 43.23 6.55
C GLU F 178 23.12 44.53 7.13
N MET F 179 24.44 44.72 7.17
CA MET F 179 25.08 45.91 7.76
C MET F 179 25.79 46.72 6.68
N ARG S 1 -38.63 32.17 -6.80
CA ARG S 1 -38.87 31.28 -5.67
C ARG S 1 -38.17 29.95 -5.87
N GLU S 2 -38.05 29.19 -4.78
CA GLU S 2 -37.36 27.88 -4.79
C GLU S 2 -38.14 26.95 -5.72
N LYS S 3 -37.49 25.89 -6.17
CA LYS S 3 -38.03 24.83 -7.09
C LYS S 3 -39.18 24.07 -6.42
N GLU S 4 -40.04 23.42 -7.20
CA GLU S 4 -41.19 22.63 -6.69
C GLU S 4 -40.70 21.64 -5.62
N GLN S 5 -39.62 20.93 -5.90
CA GLN S 5 -38.98 19.97 -4.97
C GLN S 5 -38.91 20.54 -3.56
N PHE S 6 -38.48 21.79 -3.37
CA PHE S 6 -38.35 22.36 -2.04
C PHE S 6 -39.66 22.89 -1.48
N ARG S 7 -40.74 22.87 -2.26
CA ARG S 7 -42.05 23.32 -1.80
C ARG S 7 -43.07 22.19 -1.76
N LYS S 8 -42.61 20.94 -1.83
CA LYS S 8 -43.48 19.78 -1.96
C LYS S 8 -43.38 18.92 -0.70
N LEU S 9 -44.52 18.38 -0.28
CA LEU S 9 -44.60 17.50 0.88
C LEU S 9 -45.14 16.16 0.46
N PHE S 10 -44.44 15.09 0.82
CA PHE S 10 -44.98 13.74 0.70
C PHE S 10 -45.89 13.45 1.89
N ILE S 11 -47.13 13.10 1.62
CA ILE S 11 -48.13 12.81 2.65
C ILE S 11 -48.44 11.33 2.60
N GLY S 12 -47.91 10.58 3.57
CA GLY S 12 -48.04 9.14 3.61
C GLY S 12 -49.21 8.71 4.48
N GLY S 13 -49.78 7.56 4.14
CA GLY S 13 -50.86 6.99 4.93
C GLY S 13 -52.21 7.64 4.75
N LEU S 14 -52.49 8.16 3.56
CA LEU S 14 -53.80 8.74 3.29
C LEU S 14 -54.87 7.66 3.35
N SER S 15 -56.06 8.04 3.81
CA SER S 15 -57.22 7.17 3.68
C SER S 15 -57.50 6.91 2.22
N PHE S 16 -57.84 5.66 1.89
CA PHE S 16 -58.11 5.30 0.51
C PHE S 16 -59.29 6.07 -0.06
N GLU S 17 -60.11 6.68 0.79
CA GLU S 17 -61.21 7.51 0.33
C GLU S 17 -60.81 8.97 0.16
N THR S 18 -59.64 9.37 0.67
CA THR S 18 -59.17 10.73 0.47
C THR S 18 -59.02 11.01 -1.03
N THR S 19 -59.50 12.17 -1.46
CA THR S 19 -59.43 12.59 -2.84
C THR S 19 -58.57 13.84 -2.95
N GLU S 20 -58.23 14.19 -4.20
CA GLU S 20 -57.52 15.44 -4.44
C GLU S 20 -58.27 16.62 -3.84
N GLU S 21 -59.60 16.55 -3.82
CA GLU S 21 -60.40 17.66 -3.31
C GLU S 21 -60.24 17.81 -1.80
N SER S 22 -60.42 16.73 -1.05
CA SER S 22 -60.32 16.81 0.40
C SER S 22 -58.90 17.05 0.86
N LEU S 23 -57.92 16.46 0.15
CA LEU S 23 -56.52 16.72 0.49
C LEU S 23 -56.17 18.17 0.22
N ARG S 24 -56.73 18.76 -0.83
CA ARG S 24 -56.46 20.16 -1.14
C ARG S 24 -57.06 21.09 -0.09
N ASN S 25 -58.31 20.81 0.31
CA ASN S 25 -59.00 21.68 1.26
C ASN S 25 -58.25 21.79 2.58
N TYR S 26 -57.61 20.70 3.02
CA TYR S 26 -56.96 20.72 4.33
C TYR S 26 -55.67 21.53 4.30
N TYR S 27 -54.76 21.21 3.38
CA TYR S 27 -53.45 21.85 3.37
C TYR S 27 -53.50 23.28 2.85
N GLU S 28 -54.62 23.71 2.26
CA GLU S 28 -54.77 25.12 1.92
C GLU S 28 -54.87 26.02 3.15
N GLN S 29 -55.01 25.44 4.34
CA GLN S 29 -55.05 26.23 5.57
C GLN S 29 -53.78 27.05 5.77
N TRP S 30 -52.67 26.66 5.14
CA TRP S 30 -51.38 27.31 5.37
C TRP S 30 -50.88 28.07 4.15
N GLY S 31 -51.69 28.20 3.11
CA GLY S 31 -51.30 28.96 1.94
C GLY S 31 -51.89 28.36 0.69
N LYS S 32 -51.57 29.00 -0.44
CA LYS S 32 -52.06 28.55 -1.73
C LYS S 32 -51.23 27.37 -2.22
N LEU S 33 -51.93 26.35 -2.74
CA LEU S 33 -51.28 25.16 -3.28
C LEU S 33 -51.16 25.29 -4.79
N THR S 34 -49.95 25.05 -5.30
CA THR S 34 -49.71 25.04 -6.74
C THR S 34 -49.92 23.66 -7.35
N ASP S 35 -50.03 22.62 -6.54
CA ASP S 35 -50.23 21.27 -7.05
C ASP S 35 -50.76 20.40 -5.92
N CYS S 36 -51.53 19.38 -6.30
CA CYS S 36 -52.11 18.44 -5.35
C CYS S 36 -52.55 17.20 -6.11
N VAL S 37 -52.13 16.04 -5.63
CA VAL S 37 -52.38 14.79 -6.34
C VAL S 37 -52.46 13.65 -5.33
N VAL S 38 -53.41 12.74 -5.57
CA VAL S 38 -53.48 11.46 -4.87
C VAL S 38 -53.03 10.39 -5.85
N MET S 39 -51.95 9.70 -5.51
CA MET S 39 -51.38 8.70 -6.41
C MET S 39 -52.25 7.44 -6.40
N ARG S 40 -52.58 6.97 -7.60
CA ARG S 40 -53.48 5.83 -7.75
C ARG S 40 -52.85 4.79 -8.67
N ASP S 41 -53.34 3.56 -8.57
CA ASP S 41 -52.90 2.51 -9.47
C ASP S 41 -53.44 2.78 -10.87
N PRO S 42 -52.60 2.77 -11.90
CA PRO S 42 -53.10 3.09 -13.25
C PRO S 42 -54.16 2.12 -13.74
N ALA S 43 -54.06 0.84 -13.38
CA ALA S 43 -55.00 -0.15 -13.90
C ALA S 43 -56.36 -0.06 -13.20
N SER S 44 -56.37 -0.14 -11.87
CA SER S 44 -57.61 -0.19 -11.11
C SER S 44 -58.06 1.19 -10.61
N LYS S 45 -57.21 2.20 -10.69
CA LYS S 45 -57.50 3.54 -10.19
C LYS S 45 -57.64 3.56 -8.67
N ARG S 46 -57.21 2.51 -7.97
CA ARG S 46 -57.31 2.47 -6.53
C ARG S 46 -56.29 3.42 -5.90
N SER S 47 -56.67 4.04 -4.80
CA SER S 47 -55.75 4.91 -4.09
C SER S 47 -54.58 4.09 -3.57
N ARG S 48 -53.37 4.60 -3.77
CA ARG S 48 -52.17 3.94 -3.30
C ARG S 48 -51.82 4.31 -1.86
N GLY S 49 -52.59 5.20 -1.23
CA GLY S 49 -52.38 5.54 0.16
C GLY S 49 -51.42 6.69 0.40
N PHE S 50 -51.11 7.48 -0.61
CA PHE S 50 -50.23 8.63 -0.44
C PHE S 50 -50.46 9.61 -1.57
N GLY S 51 -49.91 10.80 -1.42
CA GLY S 51 -50.03 11.83 -2.43
C GLY S 51 -49.02 12.92 -2.22
N PHE S 52 -49.17 13.99 -3.00
CA PHE S 52 -48.28 15.13 -2.91
C PHE S 52 -49.09 16.41 -2.98
N VAL S 53 -48.63 17.42 -2.24
CA VAL S 53 -49.14 18.78 -2.31
C VAL S 53 -47.97 19.75 -2.37
N THR S 54 -48.11 20.79 -3.17
CA THR S 54 -47.07 21.78 -3.40
C THR S 54 -47.57 23.15 -3.00
N PHE S 55 -46.86 23.78 -2.07
CA PHE S 55 -47.21 25.12 -1.60
C PHE S 55 -46.55 26.17 -2.49
N SER S 56 -47.03 27.41 -2.35
CA SER S 56 -46.53 28.51 -3.17
C SER S 56 -45.16 29.01 -2.70
N SER S 57 -44.72 28.62 -1.50
CA SER S 57 -43.43 29.06 -0.99
C SER S 57 -42.96 28.06 0.04
N MET S 58 -41.65 28.10 0.33
CA MET S 58 -41.10 27.28 1.40
C MET S 58 -41.73 27.65 2.74
N ALA S 59 -41.94 28.95 2.98
CA ALA S 59 -42.51 29.39 4.25
C ALA S 59 -43.86 28.74 4.50
N GLU S 60 -44.64 28.53 3.44
CA GLU S 60 -45.94 27.88 3.60
C GLU S 60 -45.77 26.41 3.95
N VAL S 61 -44.72 25.76 3.45
CA VAL S 61 -44.46 24.38 3.83
C VAL S 61 -44.02 24.31 5.28
N ASP S 62 -43.09 25.19 5.67
CA ASP S 62 -42.64 25.21 7.05
C ASP S 62 -43.79 25.44 8.01
N ALA S 63 -44.72 26.33 7.64
CA ALA S 63 -45.89 26.57 8.48
C ALA S 63 -46.74 25.31 8.60
N ALA S 64 -46.94 24.59 7.49
CA ALA S 64 -47.72 23.36 7.53
C ALA S 64 -47.06 22.32 8.43
N MET S 65 -45.74 22.15 8.32
CA MET S 65 -45.05 21.15 9.11
C MET S 65 -45.00 21.53 10.58
N ALA S 66 -45.02 22.82 10.90
CA ALA S 66 -45.04 23.25 12.29
C ALA S 66 -46.36 22.95 12.98
N ALA S 67 -47.42 22.66 12.22
CA ALA S 67 -48.74 22.46 12.78
C ALA S 67 -49.14 20.99 12.85
N ARG S 68 -48.18 20.08 12.78
CA ARG S 68 -48.47 18.66 12.96
C ARG S 68 -48.96 18.42 14.39
N PRO S 69 -49.67 17.31 14.61
CA PRO S 69 -50.04 16.26 13.65
C PRO S 69 -51.15 16.69 12.69
N HIS S 70 -51.23 16.02 11.55
CA HIS S 70 -52.24 16.28 10.55
C HIS S 70 -53.17 15.07 10.44
N SER S 71 -54.47 15.32 10.47
CA SER S 71 -55.48 14.28 10.32
C SER S 71 -56.34 14.63 9.12
N ILE S 72 -56.51 13.67 8.21
CA ILE S 72 -57.22 13.89 6.97
C ILE S 72 -58.27 12.79 6.82
N ASP S 73 -59.53 13.19 6.65
CA ASP S 73 -60.60 12.23 6.43
C ASP S 73 -60.62 11.16 7.52
N GLY S 74 -60.35 11.58 8.75
CA GLY S 74 -60.40 10.69 9.88
C GLY S 74 -59.19 9.79 10.06
N ARG S 75 -58.09 10.06 9.37
CA ARG S 75 -56.88 9.26 9.48
C ARG S 75 -55.68 10.17 9.68
N VAL S 76 -54.80 9.78 10.61
CA VAL S 76 -53.59 10.53 10.89
C VAL S 76 -52.56 10.22 9.80
N VAL S 77 -52.07 11.27 9.15
CA VAL S 77 -51.11 11.13 8.06
C VAL S 77 -49.74 11.56 8.55
N GLU S 78 -48.72 11.25 7.75
CA GLU S 78 -47.34 11.61 8.06
C GLU S 78 -46.77 12.43 6.92
N PRO S 79 -46.79 13.76 7.00
CA PRO S 79 -46.18 14.57 5.94
C PRO S 79 -44.66 14.56 6.03
N LYS S 80 -44.02 14.59 4.86
CA LYS S 80 -42.57 14.59 4.77
C LYS S 80 -42.15 15.45 3.60
N ARG S 81 -41.01 16.13 3.75
CA ARG S 81 -40.41 16.82 2.62
C ARG S 81 -40.07 15.83 1.50
N ALA S 82 -40.38 16.23 0.26
CA ALA S 82 -40.29 15.32 -0.87
C ALA S 82 -38.84 14.98 -1.21
N VAL S 83 -38.57 13.68 -1.33
CA VAL S 83 -37.29 13.19 -1.84
C VAL S 83 -37.39 13.03 -3.34
N ALA S 84 -36.40 13.57 -4.06
CA ALA S 84 -36.43 13.55 -5.52
C ALA S 84 -36.43 12.13 -6.06
N ARG S 85 -37.07 11.94 -7.21
CA ARG S 85 -37.13 10.63 -7.85
C ARG S 85 -35.74 10.12 -8.20
N GLU S 86 -34.80 11.01 -8.49
CA GLU S 86 -33.45 10.58 -8.82
C GLU S 86 -32.78 9.86 -7.67
N GLU S 87 -33.26 10.04 -6.44
CA GLU S 87 -32.68 9.35 -5.30
C GLU S 87 -33.21 7.94 -5.14
N SER S 88 -34.23 7.55 -5.90
CA SER S 88 -34.76 6.20 -5.82
C SER S 88 -33.68 5.19 -6.19
N GLY S 89 -33.60 4.12 -5.42
CA GLY S 89 -32.60 3.10 -5.59
C GLY S 89 -31.39 3.26 -4.67
N LYS S 90 -31.22 4.43 -4.07
CA LYS S 90 -30.15 4.63 -3.12
C LYS S 90 -30.57 4.13 -1.74
N PRO S 91 -29.66 3.52 -0.98
CA PRO S 91 -30.03 3.06 0.37
C PRO S 91 -30.42 4.24 1.26
N GLY S 92 -31.56 4.11 1.94
CA GLY S 92 -32.01 5.10 2.88
C GLY S 92 -32.62 6.34 2.28
N ALA S 93 -32.88 6.35 0.98
CA ALA S 93 -33.41 7.54 0.33
C ALA S 93 -34.70 8.02 1.01
N HIS S 94 -35.55 7.08 1.42
CA HIS S 94 -36.89 7.38 1.93
C HIS S 94 -37.06 7.04 3.39
N VAL S 95 -35.98 6.78 4.11
CA VAL S 95 -36.06 6.48 5.53
C VAL S 95 -36.29 7.78 6.30
N THR S 96 -37.09 7.71 7.35
CA THR S 96 -37.39 8.85 8.21
C THR S 96 -36.71 8.65 9.56
N VAL S 97 -35.75 9.52 9.87
CA VAL S 97 -34.95 9.41 11.09
C VAL S 97 -34.77 10.79 11.71
N LYS S 98 -34.42 10.79 13.00
CA LYS S 98 -34.14 12.02 13.72
C LYS S 98 -32.65 12.32 13.81
N LYS S 99 -31.79 11.45 13.29
CA LYS S 99 -30.36 11.59 13.43
C LYS S 99 -29.74 11.92 12.08
N LEU S 100 -28.69 12.75 12.10
CA LEU S 100 -28.06 13.27 10.90
C LEU S 100 -26.59 12.89 10.90
N PHE S 101 -26.11 12.33 9.79
CA PHE S 101 -24.70 12.07 9.60
C PHE S 101 -24.04 13.31 8.99
N VAL S 102 -22.91 13.72 9.55
CA VAL S 102 -22.17 14.88 9.09
C VAL S 102 -20.73 14.45 8.84
N GLY S 103 -20.29 14.51 7.59
CA GLY S 103 -18.94 14.12 7.23
C GLY S 103 -18.14 15.27 6.63
N GLY S 104 -16.82 15.11 6.59
CA GLY S 104 -15.96 16.14 6.05
C GLY S 104 -15.63 17.25 7.02
N ILE S 105 -15.86 17.05 8.32
CA ILE S 105 -15.56 18.08 9.31
C ILE S 105 -14.14 17.96 9.84
N LYS S 106 -13.38 16.96 9.40
CA LYS S 106 -11.96 16.84 9.73
C LYS S 106 -11.75 16.83 11.24
N GLU S 107 -10.54 17.19 11.67
CA GLU S 107 -10.16 17.06 13.08
C GLU S 107 -10.28 18.35 13.87
N ASP S 108 -10.62 19.47 13.23
CA ASP S 108 -10.72 20.76 13.91
C ASP S 108 -12.16 21.17 14.17
N THR S 109 -13.09 20.22 14.19
CA THR S 109 -14.50 20.49 14.43
C THR S 109 -14.92 19.78 15.70
N GLU S 110 -15.59 20.51 16.58
CA GLU S 110 -16.04 20.00 17.87
C GLU S 110 -17.56 20.10 17.96
N GLU S 111 -18.11 19.56 19.03
CA GLU S 111 -19.56 19.54 19.19
C GLU S 111 -20.16 20.94 19.06
N HIS S 112 -19.51 21.95 19.64
CA HIS S 112 -20.10 23.29 19.63
C HIS S 112 -20.17 23.87 18.23
N HIS S 113 -19.27 23.47 17.33
CA HIS S 113 -19.35 23.94 15.95
C HIS S 113 -20.65 23.49 15.30
N LEU S 114 -21.01 22.22 15.47
CA LEU S 114 -22.26 21.71 14.90
C LEU S 114 -23.46 22.35 15.56
N ARG S 115 -23.41 22.54 16.88
CA ARG S 115 -24.56 23.11 17.59
C ARG S 115 -24.89 24.50 17.07
N ASP S 116 -23.87 25.34 16.91
CA ASP S 116 -24.10 26.70 16.43
C ASP S 116 -24.72 26.69 15.04
N TYR S 117 -24.29 25.76 14.18
CA TYR S 117 -24.78 25.74 12.82
C TYR S 117 -26.18 25.16 12.74
N PHE S 118 -26.42 24.03 13.39
CA PHE S 118 -27.66 23.28 13.21
C PHE S 118 -28.78 23.69 14.16
N GLU S 119 -28.46 24.42 15.24
CA GLU S 119 -29.49 24.79 16.20
C GLU S 119 -30.64 25.54 15.53
N GLU S 120 -30.36 26.26 14.45
CA GLU S 120 -31.40 27.02 13.77
C GLU S 120 -32.42 26.15 13.06
N TYR S 121 -32.08 24.88 12.78
CA TYR S 121 -33.00 24.00 12.06
C TYR S 121 -34.00 23.34 12.99
N GLY S 122 -33.73 23.28 14.28
CA GLY S 122 -34.63 22.65 15.22
C GLY S 122 -33.94 22.38 16.53
N LYS S 123 -34.70 21.77 17.44
CA LYS S 123 -34.20 21.46 18.77
C LYS S 123 -33.25 20.27 18.70
N ILE S 124 -32.04 20.46 19.18
CA ILE S 124 -31.01 19.42 19.17
C ILE S 124 -31.10 18.62 20.46
N ASP S 125 -31.20 17.31 20.34
CA ASP S 125 -31.24 16.43 21.49
C ASP S 125 -29.83 16.03 21.94
N THR S 126 -29.00 15.58 21.01
CA THR S 126 -27.64 15.18 21.33
C THR S 126 -26.75 15.42 20.12
N ILE S 127 -25.45 15.55 20.39
CA ILE S 127 -24.43 15.69 19.36
C ILE S 127 -23.28 14.75 19.72
N GLU S 128 -22.76 14.05 18.73
CA GLU S 128 -21.66 13.10 18.93
C GLU S 128 -20.56 13.38 17.92
N ILE S 129 -19.34 13.55 18.42
CA ILE S 129 -18.15 13.68 17.58
C ILE S 129 -17.40 12.36 17.69
N ILE S 130 -17.32 11.63 16.58
CA ILE S 130 -16.76 10.28 16.61
C ILE S 130 -15.24 10.36 16.74
N THR S 131 -14.70 9.48 17.58
CA THR S 131 -13.27 9.42 17.84
C THR S 131 -12.80 7.96 17.74
N ASP S 132 -11.50 7.77 17.92
CA ASP S 132 -10.90 6.43 17.92
C ASP S 132 -10.73 5.96 19.36
N ARG S 133 -11.11 4.70 19.61
CA ARG S 133 -11.02 4.14 20.94
C ARG S 133 -9.58 3.73 21.26
N GLY S 136 -7.28 8.83 20.75
CA GLY S 136 -8.57 9.49 20.78
C GLY S 136 -8.72 10.53 19.69
N LYS S 137 -8.12 10.27 18.54
CA LYS S 137 -8.17 11.22 17.43
C LYS S 137 -9.56 11.28 16.83
N LYS S 138 -9.93 12.47 16.36
CA LYS S 138 -11.22 12.67 15.72
C LYS S 138 -11.20 12.07 14.32
N ARG S 139 -12.24 11.33 13.98
CA ARG S 139 -12.29 10.59 12.72
C ARG S 139 -12.80 11.43 11.55
N GLY S 140 -13.30 12.63 11.79
CA GLY S 140 -13.73 13.51 10.73
C GLY S 140 -15.21 13.56 10.45
N PHE S 141 -16.04 12.92 11.29
CA PHE S 141 -17.48 12.93 11.09
C PHE S 141 -18.16 12.79 12.45
N GLY S 142 -19.44 13.18 12.49
CA GLY S 142 -20.21 13.12 13.71
C GLY S 142 -21.68 12.95 13.39
N PHE S 143 -22.49 12.92 14.45
CA PHE S 143 -23.94 12.75 14.31
C PHE S 143 -24.66 13.80 15.12
N VAL S 144 -25.79 14.27 14.58
CA VAL S 144 -26.66 15.23 15.25
C VAL S 144 -28.06 14.61 15.30
N THR S 145 -28.61 14.51 16.51
CA THR S 145 -29.94 13.94 16.72
C THR S 145 -30.89 15.05 17.14
N PHE S 146 -31.95 15.24 16.37
CA PHE S 146 -32.98 16.22 16.67
C PHE S 146 -34.14 15.56 17.40
N ASP S 147 -35.06 16.39 17.87
CA ASP S 147 -36.27 15.88 18.50
C ASP S 147 -37.35 15.51 17.48
N ASP S 148 -37.12 15.79 16.20
CA ASP S 148 -38.10 15.49 15.16
C ASP S 148 -37.34 15.15 13.89
N HIS S 149 -38.04 14.46 12.98
CA HIS S 149 -37.43 14.05 11.72
C HIS S 149 -37.40 15.19 10.70
N ASP S 150 -38.30 16.17 10.82
CA ASP S 150 -38.39 17.22 9.80
C ASP S 150 -37.11 18.04 9.70
N PRO S 151 -36.46 18.45 10.79
CA PRO S 151 -35.17 19.16 10.64
C PRO S 151 -34.18 18.36 9.82
N VAL S 152 -34.06 17.07 10.07
CA VAL S 152 -33.17 16.22 9.27
C VAL S 152 -33.58 16.28 7.80
N ASP S 153 -34.88 16.09 7.53
CA ASP S 153 -35.37 16.08 6.16
C ASP S 153 -35.05 17.40 5.45
N LYS S 154 -35.22 18.52 6.17
CA LYS S 154 -34.97 19.82 5.56
C LYS S 154 -33.49 20.04 5.33
N ILE S 155 -32.65 19.59 6.26
CA ILE S 155 -31.20 19.77 6.10
C ILE S 155 -30.70 19.04 4.88
N VAL S 156 -31.17 17.81 4.67
CA VAL S 156 -30.58 16.97 3.62
C VAL S 156 -31.01 17.42 2.23
N LEU S 157 -31.97 18.35 2.13
CA LEU S 157 -32.30 18.93 0.84
C LEU S 157 -31.13 19.72 0.27
N GLN S 158 -30.18 20.11 1.11
CA GLN S 158 -28.91 20.71 0.68
C GLN S 158 -27.82 19.72 1.05
N LYS S 159 -27.24 19.06 0.04
CA LYS S 159 -26.31 17.97 0.31
C LYS S 159 -25.06 18.47 1.03
N TYR S 160 -24.54 19.63 0.63
CA TYR S 160 -23.29 20.15 1.16
C TYR S 160 -23.57 21.40 2.00
N HIS S 161 -22.93 21.45 3.17
CA HIS S 161 -23.12 22.52 4.14
C HIS S 161 -21.76 22.98 4.64
N THR S 162 -21.47 24.27 4.46
CA THR S 162 -20.20 24.83 4.93
C THR S 162 -20.25 24.97 6.45
N ILE S 163 -19.45 24.18 7.15
CA ILE S 163 -19.40 24.16 8.61
C ILE S 163 -17.95 24.26 9.03
N ASN S 164 -17.65 25.24 9.90
CA ASN S 164 -16.31 25.42 10.45
C ASN S 164 -15.26 25.48 9.34
N GLY S 165 -15.63 26.09 8.23
CA GLY S 165 -14.71 26.24 7.11
C GLY S 165 -14.50 24.99 6.29
N HIS S 166 -15.41 24.03 6.36
CA HIS S 166 -15.28 22.78 5.63
C HIS S 166 -16.48 22.57 4.72
N ASN S 167 -16.23 22.00 3.55
CA ASN S 167 -17.31 21.53 2.66
C ASN S 167 -17.83 20.22 3.22
N ALA S 168 -18.82 20.31 4.11
CA ALA S 168 -19.33 19.13 4.79
C ALA S 168 -20.47 18.51 4.00
N GLU S 169 -20.69 17.22 4.25
CA GLU S 169 -21.74 16.45 3.59
C GLU S 169 -22.68 15.88 4.64
N VAL S 170 -23.97 15.96 4.37
CA VAL S 170 -24.99 15.52 5.32
C VAL S 170 -25.74 14.33 4.73
N ARG S 171 -26.06 13.37 5.58
CA ARG S 171 -26.81 12.19 5.20
C ARG S 171 -27.74 11.81 6.34
N LYS S 172 -28.91 11.29 5.99
CA LYS S 172 -29.78 10.70 7.01
C LYS S 172 -29.09 9.48 7.61
N ALA S 173 -29.13 9.38 8.93
CA ALA S 173 -28.39 8.32 9.62
C ALA S 173 -29.02 6.97 9.34
N LEU S 174 -28.18 6.01 8.95
CA LEU S 174 -28.60 4.66 8.67
C LEU S 174 -27.88 3.70 9.61
N SER S 175 -28.56 2.63 9.96
CA SER S 175 -27.94 1.57 10.76
C SER S 175 -27.05 0.70 9.88
N ARG S 176 -26.24 -0.14 10.54
CA ARG S 176 -25.31 -1.00 9.81
C ARG S 176 -26.05 -1.87 8.80
N GLN S 177 -27.16 -2.48 9.22
CA GLN S 177 -27.88 -3.39 8.35
C GLN S 177 -28.35 -2.70 7.07
N GLU S 178 -28.74 -1.43 7.17
CA GLU S 178 -29.28 -0.71 6.02
C GLU S 178 -28.20 -0.24 5.06
N MET S 179 -26.93 -0.24 5.48
CA MET S 179 -25.85 0.18 4.60
C MET S 179 -25.07 -1.02 4.08
N ARG T 1 -55.61 6.96 -22.68
CA ARG T 1 -54.24 7.43 -22.98
C ARG T 1 -53.22 6.62 -22.18
N GLU T 2 -51.94 6.83 -22.46
CA GLU T 2 -50.80 6.21 -21.76
C GLU T 2 -50.23 7.25 -20.79
N LYS T 3 -49.31 6.85 -19.92
CA LYS T 3 -48.65 7.73 -18.93
C LYS T 3 -47.76 8.75 -19.66
N GLU T 4 -47.56 9.92 -19.07
CA GLU T 4 -46.74 11.04 -19.63
C GLU T 4 -45.37 10.53 -20.08
N GLN T 5 -44.74 9.61 -19.36
CA GLN T 5 -43.41 9.12 -19.69
C GLN T 5 -43.37 8.48 -21.07
N PHE T 6 -44.49 7.93 -21.53
CA PHE T 6 -44.54 7.27 -22.83
C PHE T 6 -44.99 8.21 -23.94
N ARG T 7 -45.36 9.45 -23.61
CA ARG T 7 -45.75 10.43 -24.61
C ARG T 7 -44.82 11.64 -24.64
N LYS T 8 -43.66 11.55 -23.99
CA LYS T 8 -42.76 12.68 -23.82
C LYS T 8 -41.45 12.41 -24.55
N LEU T 9 -40.90 13.46 -25.16
CA LEU T 9 -39.65 13.37 -25.89
C LEU T 9 -38.61 14.29 -25.27
N PHE T 10 -37.44 13.73 -25.00
CA PHE T 10 -36.27 14.55 -24.65
C PHE T 10 -35.68 15.11 -25.93
N ILE T 11 -35.54 16.44 -25.98
CA ILE T 11 -35.05 17.13 -27.17
C ILE T 11 -33.66 17.65 -26.82
N GLY T 12 -32.63 16.98 -27.32
CA GLY T 12 -31.26 17.33 -27.03
C GLY T 12 -30.66 18.21 -28.12
N GLY T 13 -29.73 19.07 -27.70
CA GLY T 13 -28.99 19.91 -28.63
C GLY T 13 -29.79 21.06 -29.19
N LEU T 14 -30.75 21.59 -28.43
CA LEU T 14 -31.49 22.76 -28.87
C LEU T 14 -30.57 23.97 -28.95
N SER T 15 -30.81 24.83 -29.93
CA SER T 15 -30.14 26.12 -29.98
C SER T 15 -30.51 26.95 -28.76
N PHE T 16 -29.51 27.65 -28.19
CA PHE T 16 -29.76 28.46 -27.01
C PHE T 16 -30.81 29.53 -27.28
N GLU T 17 -31.03 29.90 -28.54
CA GLU T 17 -32.06 30.87 -28.88
C GLU T 17 -33.46 30.27 -28.89
N THR T 18 -33.57 28.94 -28.90
CA THR T 18 -34.88 28.31 -28.92
C THR T 18 -35.62 28.58 -27.62
N THR T 19 -36.88 28.96 -27.73
CA THR T 19 -37.73 29.24 -26.59
C THR T 19 -38.87 28.23 -26.54
N GLU T 20 -39.62 28.26 -25.44
CA GLU T 20 -40.76 27.36 -25.30
C GLU T 20 -41.76 27.54 -26.43
N GLU T 21 -41.93 28.77 -26.91
CA GLU T 21 -42.89 29.03 -27.97
C GLU T 21 -42.45 28.38 -29.28
N SER T 22 -41.19 28.59 -29.67
CA SER T 22 -40.71 28.03 -30.93
C SER T 22 -40.62 26.52 -30.87
N LEU T 23 -40.27 25.96 -29.71
CA LEU T 23 -40.27 24.51 -29.56
C LEU T 23 -41.69 23.96 -29.66
N ARG T 24 -42.65 24.62 -29.03
CA ARG T 24 -44.04 24.22 -29.14
C ARG T 24 -44.52 24.31 -30.58
N ASN T 25 -44.19 25.42 -31.26
CA ASN T 25 -44.71 25.64 -32.61
C ASN T 25 -44.27 24.53 -33.56
N TYR T 26 -43.06 24.01 -33.36
CA TYR T 26 -42.54 23.00 -34.30
C TYR T 26 -43.18 21.64 -34.08
N TYR T 27 -43.12 21.12 -32.85
CA TYR T 27 -43.60 19.78 -32.60
C TYR T 27 -45.12 19.67 -32.59
N GLU T 28 -45.83 20.80 -32.60
CA GLU T 28 -47.27 20.77 -32.78
C GLU T 28 -47.67 20.28 -34.17
N GLN T 29 -46.71 20.16 -35.10
CA GLN T 29 -47.01 19.64 -36.42
C GLN T 29 -47.56 18.22 -36.38
N TRP T 30 -47.31 17.48 -35.30
CA TRP T 30 -47.67 16.07 -35.21
C TRP T 30 -48.75 15.81 -34.17
N GLY T 31 -49.31 16.85 -33.58
CA GLY T 31 -50.40 16.68 -32.64
C GLY T 31 -50.36 17.76 -31.57
N LYS T 32 -51.33 17.67 -30.67
CA LYS T 32 -51.45 18.61 -29.57
C LYS T 32 -50.46 18.26 -28.47
N LEU T 33 -49.80 19.28 -27.93
CA LEU T 33 -48.83 19.09 -26.86
C LEU T 33 -49.49 19.35 -25.51
N THR T 34 -49.31 18.41 -24.59
CA THR T 34 -49.80 18.58 -23.22
C THR T 34 -48.77 19.25 -22.32
N ASP T 35 -47.53 19.38 -22.78
CA ASP T 35 -46.47 20.02 -22.01
C ASP T 35 -45.34 20.38 -22.94
N CYS T 36 -44.61 21.44 -22.58
CA CYS T 36 -43.47 21.90 -23.36
C CYS T 36 -42.63 22.81 -22.48
N VAL T 37 -41.34 22.55 -22.42
CA VAL T 37 -40.45 23.26 -21.51
C VAL T 37 -39.05 23.29 -22.10
N VAL T 38 -38.39 24.43 -21.99
CA VAL T 38 -36.96 24.56 -22.27
C VAL T 38 -36.25 24.68 -20.92
N MET T 39 -35.43 23.69 -20.61
CA MET T 39 -34.75 23.66 -19.32
C MET T 39 -33.66 24.72 -19.27
N ARG T 40 -33.57 25.41 -18.14
CA ARG T 40 -32.66 26.53 -17.98
C ARG T 40 -31.96 26.43 -16.64
N ASP T 41 -30.79 27.07 -16.56
CA ASP T 41 -30.07 27.12 -15.29
C ASP T 41 -30.84 28.02 -14.32
N PRO T 42 -31.11 27.57 -13.10
CA PRO T 42 -31.91 28.40 -12.18
C PRO T 42 -31.28 29.74 -11.89
N ALA T 43 -29.96 29.80 -11.77
CA ALA T 43 -29.30 31.06 -11.40
C ALA T 43 -29.40 32.07 -12.53
N SER T 44 -28.83 31.75 -13.69
CA SER T 44 -28.74 32.69 -14.79
C SER T 44 -29.96 32.68 -15.70
N LYS T 45 -30.83 31.67 -15.60
CA LYS T 45 -31.94 31.47 -16.51
C LYS T 45 -31.48 31.15 -17.92
N ARG T 46 -30.21 30.80 -18.09
CA ARG T 46 -29.69 30.45 -19.41
C ARG T 46 -30.17 29.07 -19.83
N SER T 47 -30.42 28.91 -21.13
CA SER T 47 -30.85 27.62 -21.67
C SER T 47 -29.78 26.57 -21.46
N ARG T 48 -30.20 25.39 -21.01
CA ARG T 48 -29.30 24.27 -20.81
C ARG T 48 -29.06 23.48 -22.08
N GLY T 49 -29.71 23.84 -23.18
CA GLY T 49 -29.50 23.16 -24.45
C GLY T 49 -30.38 21.96 -24.68
N PHE T 50 -31.46 21.81 -23.91
CA PHE T 50 -32.38 20.71 -24.11
C PHE T 50 -33.72 21.07 -23.49
N GLY T 51 -34.73 20.27 -23.80
CA GLY T 51 -36.05 20.48 -23.27
C GLY T 51 -36.89 19.23 -23.43
N PHE T 52 -38.16 19.33 -23.09
CA PHE T 52 -39.11 18.21 -23.20
C PHE T 52 -40.40 18.68 -23.89
N VAL T 53 -41.00 17.84 -24.73
CA VAL T 53 -42.30 18.13 -25.41
C VAL T 53 -43.13 16.88 -25.19
N THR T 54 -44.31 16.96 -24.59
CA THR T 54 -45.17 15.78 -24.36
C THR T 54 -46.34 15.81 -25.33
N PHE T 55 -46.66 14.69 -25.99
CA PHE T 55 -47.77 14.61 -26.96
C PHE T 55 -49.00 14.07 -26.25
N SER T 56 -50.16 14.18 -26.87
CA SER T 56 -51.39 13.68 -26.28
C SER T 56 -51.56 12.17 -26.41
N SER T 57 -50.77 11.52 -27.25
CA SER T 57 -50.89 10.08 -27.44
C SER T 57 -49.57 9.52 -27.95
N MET T 58 -49.44 8.19 -27.87
CA MET T 58 -48.26 7.53 -28.43
C MET T 58 -48.25 7.62 -29.94
N ALA T 59 -49.41 7.47 -30.58
CA ALA T 59 -49.47 7.57 -32.03
C ALA T 59 -48.88 8.90 -32.50
N GLU T 60 -49.09 9.97 -31.74
CA GLU T 60 -48.56 11.27 -32.11
C GLU T 60 -47.03 11.31 -31.98
N VAL T 61 -46.49 10.71 -30.91
CA VAL T 61 -45.05 10.75 -30.72
C VAL T 61 -44.35 9.89 -31.77
N ASP T 62 -44.94 8.74 -32.10
CA ASP T 62 -44.38 7.91 -33.17
C ASP T 62 -44.36 8.67 -34.49
N ALA T 63 -45.40 9.46 -34.77
CA ALA T 63 -45.42 10.26 -35.98
C ALA T 63 -44.27 11.26 -36.00
N ALA T 64 -44.01 11.90 -34.86
CA ALA T 64 -42.90 12.86 -34.78
C ALA T 64 -41.57 12.18 -35.09
N MET T 65 -41.35 10.99 -34.54
CA MET T 65 -40.08 10.29 -34.76
C MET T 65 -39.97 9.79 -36.19
N ALA T 66 -41.10 9.53 -36.85
CA ALA T 66 -41.06 9.11 -38.25
C ALA T 66 -40.64 10.24 -39.17
N ALA T 67 -40.68 11.49 -38.71
CA ALA T 67 -40.40 12.65 -39.54
C ALA T 67 -39.01 13.24 -39.28
N ARG T 68 -38.13 12.50 -38.61
CA ARG T 68 -36.76 12.97 -38.42
C ARG T 68 -36.07 13.06 -39.78
N PRO T 69 -35.02 13.89 -39.88
CA PRO T 69 -34.42 14.74 -38.84
C PRO T 69 -35.24 15.99 -38.53
N HIS T 70 -35.00 16.56 -37.35
CA HIS T 70 -35.67 17.78 -36.90
C HIS T 70 -34.65 18.90 -36.79
N SER T 71 -34.97 20.06 -37.37
CA SER T 71 -34.12 21.24 -37.30
C SER T 71 -34.92 22.38 -36.69
N ILE T 72 -34.36 23.02 -35.66
CA ILE T 72 -35.04 24.07 -34.91
C ILE T 72 -34.11 25.27 -34.81
N ASP T 73 -34.56 26.43 -35.28
CA ASP T 73 -33.79 27.67 -35.17
C ASP T 73 -32.40 27.49 -35.74
N GLY T 74 -32.31 26.75 -36.85
CA GLY T 74 -31.04 26.57 -37.51
C GLY T 74 -30.16 25.50 -36.91
N ARG T 75 -30.70 24.65 -36.04
CA ARG T 75 -29.93 23.59 -35.39
C ARG T 75 -30.67 22.27 -35.52
N VAL T 76 -29.94 21.23 -35.91
CA VAL T 76 -30.50 19.89 -35.95
C VAL T 76 -30.49 19.32 -34.52
N VAL T 77 -31.64 18.86 -34.07
CA VAL T 77 -31.80 18.39 -32.71
C VAL T 77 -31.84 16.86 -32.71
N GLU T 78 -31.73 16.27 -31.52
CA GLU T 78 -31.74 14.82 -31.34
C GLU T 78 -32.88 14.47 -30.39
N PRO T 79 -34.07 14.15 -30.90
CA PRO T 79 -35.15 13.72 -30.03
C PRO T 79 -34.96 12.28 -29.56
N LYS T 80 -35.38 12.02 -28.32
CA LYS T 80 -35.25 10.70 -27.72
C LYS T 80 -36.45 10.42 -26.84
N ARG T 81 -36.83 9.16 -26.77
CA ARG T 81 -37.86 8.74 -25.81
C ARG T 81 -37.37 9.07 -24.41
N ALA T 82 -38.27 9.60 -23.59
CA ALA T 82 -37.89 10.09 -22.27
C ALA T 82 -37.51 8.94 -21.35
N VAL T 83 -36.33 9.06 -20.74
CA VAL T 83 -35.87 8.11 -19.71
C VAL T 83 -36.33 8.64 -18.36
N ALA T 84 -36.96 7.78 -17.57
CA ALA T 84 -37.53 8.19 -16.30
C ALA T 84 -36.45 8.71 -15.36
N ARG T 85 -36.83 9.67 -14.51
CA ARG T 85 -35.89 10.23 -13.55
C ARG T 85 -35.36 9.18 -12.59
N GLU T 86 -36.18 8.16 -12.28
CA GLU T 86 -35.75 7.11 -11.36
C GLU T 86 -34.56 6.34 -11.88
N GLU T 87 -34.29 6.40 -13.18
CA GLU T 87 -33.16 5.68 -13.77
C GLU T 87 -31.84 6.39 -13.59
N SER T 88 -31.82 7.61 -13.08
CA SER T 88 -30.57 8.32 -12.88
C SER T 88 -29.68 7.54 -11.93
N GLY T 89 -28.39 7.42 -12.29
CA GLY T 89 -27.44 6.66 -11.53
C GLY T 89 -27.22 5.25 -12.04
N LYS T 90 -28.11 4.75 -12.94
CA LYS T 90 -27.94 3.40 -13.48
C LYS T 90 -27.01 3.43 -14.69
N PRO T 91 -26.11 2.46 -14.84
CA PRO T 91 -25.26 2.43 -16.03
C PRO T 91 -26.08 2.30 -17.30
N GLY T 92 -25.78 3.16 -18.27
CA GLY T 92 -26.45 3.12 -19.56
C GLY T 92 -27.84 3.72 -19.60
N ALA T 93 -28.25 4.41 -18.54
CA ALA T 93 -29.60 4.96 -18.50
C ALA T 93 -29.87 5.87 -19.69
N HIS T 94 -28.88 6.67 -20.09
CA HIS T 94 -29.08 7.70 -21.10
C HIS T 94 -28.28 7.45 -22.37
N VAL T 95 -27.75 6.26 -22.56
CA VAL T 95 -27.00 5.96 -23.77
C VAL T 95 -27.96 5.72 -24.93
N THR T 96 -27.56 6.15 -26.12
CA THR T 96 -28.34 5.97 -27.34
C THR T 96 -27.65 4.90 -28.18
N VAL T 97 -28.32 3.77 -28.39
CA VAL T 97 -27.76 2.65 -29.11
C VAL T 97 -28.80 2.05 -30.06
N LYS T 98 -28.31 1.30 -31.05
CA LYS T 98 -29.17 0.58 -31.99
C LYS T 98 -29.33 -0.88 -31.62
N LYS T 99 -28.64 -1.36 -30.60
CA LYS T 99 -28.62 -2.77 -30.24
C LYS T 99 -29.35 -2.98 -28.93
N LEU T 100 -30.05 -4.12 -28.83
CA LEU T 100 -30.88 -4.44 -27.69
C LEU T 100 -30.43 -5.75 -27.08
N PHE T 101 -30.24 -5.74 -25.76
CA PHE T 101 -29.94 -6.96 -25.02
C PHE T 101 -31.26 -7.61 -24.60
N VAL T 102 -31.36 -8.93 -24.79
CA VAL T 102 -32.55 -9.68 -24.42
C VAL T 102 -32.11 -10.86 -23.56
N GLY T 103 -32.55 -10.88 -22.30
CA GLY T 103 -32.20 -11.94 -21.38
C GLY T 103 -33.41 -12.70 -20.88
N GLY T 104 -33.19 -13.91 -20.39
CA GLY T 104 -34.27 -14.74 -19.91
C GLY T 104 -34.96 -15.57 -20.96
N ILE T 105 -34.41 -15.64 -22.18
CA ILE T 105 -35.02 -16.41 -23.26
C ILE T 105 -34.64 -17.88 -23.20
N LYS T 106 -33.66 -18.25 -22.38
CA LYS T 106 -33.30 -19.64 -22.16
C LYS T 106 -32.94 -20.34 -23.48
N GLU T 107 -33.00 -21.67 -23.49
CA GLU T 107 -32.44 -22.46 -24.59
C GLU T 107 -33.45 -22.83 -25.66
N ASP T 108 -34.73 -22.54 -25.47
CA ASP T 108 -35.77 -22.91 -26.42
C ASP T 108 -36.21 -21.73 -27.29
N THR T 109 -35.38 -20.70 -27.40
CA THR T 109 -35.71 -19.50 -28.17
C THR T 109 -34.72 -19.37 -29.31
N GLU T 110 -35.23 -19.09 -30.51
CA GLU T 110 -34.44 -18.98 -31.72
C GLU T 110 -34.56 -17.57 -32.28
N GLU T 111 -33.77 -17.30 -33.32
CA GLU T 111 -33.78 -15.99 -33.93
C GLU T 111 -35.19 -15.58 -34.36
N HIS T 112 -35.95 -16.52 -34.93
CA HIS T 112 -37.25 -16.17 -35.46
C HIS T 112 -38.22 -15.77 -34.35
N HIS T 113 -38.04 -16.30 -33.14
CA HIS T 113 -38.87 -15.88 -32.02
C HIS T 113 -38.66 -14.41 -31.72
N LEU T 114 -37.40 -13.97 -31.68
CA LEU T 114 -37.11 -12.56 -31.44
C LEU T 114 -37.57 -11.70 -32.61
N ARG T 115 -37.40 -12.19 -33.83
CA ARG T 115 -37.72 -11.39 -35.01
C ARG T 115 -39.22 -11.14 -35.11
N ASP T 116 -40.02 -12.18 -34.93
CA ASP T 116 -41.47 -12.01 -34.98
C ASP T 116 -41.94 -11.03 -33.93
N TYR T 117 -41.33 -11.05 -32.75
CA TYR T 117 -41.76 -10.19 -31.66
C TYR T 117 -41.33 -8.75 -31.86
N PHE T 118 -40.06 -8.53 -32.20
CA PHE T 118 -39.49 -7.18 -32.21
C PHE T 118 -39.65 -6.46 -33.54
N GLU T 119 -39.87 -7.17 -34.64
CA GLU T 119 -39.89 -6.51 -35.95
C GLU T 119 -40.98 -5.44 -36.03
N GLU T 120 -42.02 -5.53 -35.21
CA GLU T 120 -43.07 -4.51 -35.24
C GLU T 120 -42.58 -3.17 -34.70
N TYR T 121 -41.48 -3.17 -33.93
CA TYR T 121 -40.97 -1.91 -33.37
C TYR T 121 -40.11 -1.13 -34.35
N GLY T 122 -39.59 -1.78 -35.38
CA GLY T 122 -38.75 -1.10 -36.34
C GLY T 122 -37.97 -2.09 -37.17
N LYS T 123 -37.10 -1.55 -38.02
CA LYS T 123 -36.34 -2.37 -38.95
C LYS T 123 -35.17 -3.04 -38.23
N ILE T 124 -35.11 -4.36 -38.32
CA ILE T 124 -34.08 -5.15 -37.67
C ILE T 124 -32.93 -5.35 -38.65
N ASP T 125 -31.71 -5.04 -38.21
CA ASP T 125 -30.53 -5.24 -39.04
C ASP T 125 -29.96 -6.65 -38.88
N THR T 126 -29.77 -7.09 -37.64
CA THR T 126 -29.22 -8.41 -37.37
C THR T 126 -29.79 -8.92 -36.06
N ILE T 127 -29.72 -10.24 -35.88
CA ILE T 127 -30.12 -10.90 -34.65
C ILE T 127 -29.03 -11.88 -34.26
N GLU T 128 -28.68 -11.91 -32.97
CA GLU T 128 -27.65 -12.78 -32.46
C GLU T 128 -28.22 -13.54 -31.26
N ILE T 129 -28.15 -14.87 -31.33
CA ILE T 129 -28.50 -15.73 -30.21
C ILE T 129 -27.19 -16.28 -29.67
N ILE T 130 -26.82 -15.87 -28.46
CA ILE T 130 -25.52 -16.22 -27.92
C ILE T 130 -25.50 -17.69 -27.52
N THR T 131 -24.38 -18.34 -27.83
CA THR T 131 -24.18 -19.75 -27.53
C THR T 131 -22.84 -19.93 -26.84
N ASP T 132 -22.64 -21.12 -26.28
CA ASP T 132 -21.38 -21.46 -25.65
C ASP T 132 -20.32 -21.79 -26.70
N ARG T 133 -19.11 -21.30 -26.48
CA ARG T 133 -18.05 -21.49 -27.46
C ARG T 133 -17.74 -22.96 -27.68
N GLN T 134 -17.54 -23.71 -26.59
CA GLN T 134 -17.13 -25.10 -26.72
C GLN T 134 -18.33 -26.02 -26.93
N SER T 135 -19.28 -26.01 -25.98
CA SER T 135 -20.39 -26.95 -26.05
C SER T 135 -21.37 -26.58 -27.16
N GLY T 136 -21.41 -25.31 -27.57
CA GLY T 136 -22.39 -24.86 -28.54
C GLY T 136 -23.78 -24.67 -27.97
N LYS T 137 -23.95 -24.78 -26.66
CA LYS T 137 -25.25 -24.63 -26.03
C LYS T 137 -25.64 -23.16 -25.95
N LYS T 138 -26.95 -22.91 -25.98
CA LYS T 138 -27.44 -21.55 -25.85
C LYS T 138 -27.34 -21.08 -24.40
N ARG T 139 -26.90 -19.85 -24.22
CA ARG T 139 -26.68 -19.29 -22.89
C ARG T 139 -27.89 -18.53 -22.35
N GLY T 140 -28.96 -18.43 -23.12
CA GLY T 140 -30.20 -17.85 -22.63
C GLY T 140 -30.35 -16.36 -22.87
N PHE T 141 -29.58 -15.78 -23.76
CA PHE T 141 -29.73 -14.36 -24.08
C PHE T 141 -29.17 -14.10 -25.47
N GLY T 142 -29.60 -12.99 -26.06
CA GLY T 142 -29.16 -12.62 -27.40
C GLY T 142 -29.25 -11.12 -27.57
N PHE T 143 -28.90 -10.67 -28.77
CA PHE T 143 -28.89 -9.25 -29.10
C PHE T 143 -29.68 -9.02 -30.38
N VAL T 144 -30.41 -7.91 -30.41
CA VAL T 144 -31.17 -7.49 -31.59
C VAL T 144 -30.69 -6.09 -31.96
N THR T 145 -30.22 -5.93 -33.20
CA THR T 145 -29.70 -4.67 -33.70
C THR T 145 -30.66 -4.11 -34.74
N PHE T 146 -31.16 -2.91 -34.48
CA PHE T 146 -32.03 -2.21 -35.40
C PHE T 146 -31.23 -1.23 -36.25
N ASP T 147 -31.89 -0.65 -37.25
CA ASP T 147 -31.26 0.37 -38.07
C ASP T 147 -31.32 1.75 -37.44
N ASP T 148 -32.01 1.90 -36.31
CA ASP T 148 -32.12 3.19 -35.64
C ASP T 148 -32.20 2.94 -34.15
N HIS T 149 -31.90 3.99 -33.37
CA HIS T 149 -31.93 3.86 -31.92
C HIS T 149 -33.33 3.95 -31.35
N ASP T 150 -34.25 4.61 -32.05
CA ASP T 150 -35.57 4.84 -31.48
C ASP T 150 -36.33 3.56 -31.16
N PRO T 151 -36.33 2.53 -32.02
CA PRO T 151 -36.99 1.28 -31.62
C PRO T 151 -36.47 0.74 -30.30
N VAL T 152 -35.16 0.78 -30.08
CA VAL T 152 -34.59 0.36 -28.81
C VAL T 152 -35.17 1.19 -27.68
N ASP T 153 -35.20 2.52 -27.86
CA ASP T 153 -35.68 3.41 -26.81
C ASP T 153 -37.12 3.08 -26.43
N LYS T 154 -37.97 2.79 -27.42
CA LYS T 154 -39.37 2.48 -27.11
C LYS T 154 -39.50 1.12 -26.44
N ILE T 155 -38.67 0.15 -26.85
CA ILE T 155 -38.75 -1.18 -26.26
C ILE T 155 -38.44 -1.12 -24.78
N VAL T 156 -37.40 -0.36 -24.40
CA VAL T 156 -36.94 -0.39 -23.01
C VAL T 156 -37.86 0.37 -22.08
N LEU T 157 -38.84 1.10 -22.62
CA LEU T 157 -39.85 1.71 -21.77
C LEU T 157 -40.67 0.68 -21.03
N GLN T 158 -40.69 -0.56 -21.51
CA GLN T 158 -41.28 -1.70 -20.81
C GLN T 158 -40.16 -2.69 -20.52
N LYS T 159 -39.78 -2.81 -19.25
CA LYS T 159 -38.62 -3.60 -18.91
C LYS T 159 -38.80 -5.06 -19.27
N TYR T 160 -40.00 -5.61 -19.05
CA TYR T 160 -40.24 -7.04 -19.21
C TYR T 160 -41.14 -7.29 -20.42
N HIS T 161 -40.77 -8.28 -21.23
CA HIS T 161 -41.44 -8.62 -22.47
C HIS T 161 -41.62 -10.13 -22.57
N THR T 162 -42.87 -10.57 -22.70
CA THR T 162 -43.17 -11.99 -22.83
C THR T 162 -42.81 -12.44 -24.25
N ILE T 163 -41.79 -13.28 -24.36
CA ILE T 163 -41.30 -13.78 -25.64
C ILE T 163 -41.14 -15.28 -25.54
N ASN T 164 -41.73 -16.01 -26.50
CA ASN T 164 -41.59 -17.47 -26.58
C ASN T 164 -41.94 -18.13 -25.24
N GLY T 165 -43.00 -17.63 -24.62
CA GLY T 165 -43.43 -18.18 -23.34
C GLY T 165 -42.54 -17.84 -22.17
N HIS T 166 -41.65 -16.86 -22.31
CA HIS T 166 -40.76 -16.45 -21.24
C HIS T 166 -40.94 -14.96 -20.96
N ASN T 167 -41.01 -14.61 -19.68
CA ASN T 167 -40.96 -13.21 -19.26
C ASN T 167 -39.50 -12.78 -19.36
N ALA T 168 -39.15 -12.18 -20.50
CA ALA T 168 -37.78 -11.79 -20.79
C ALA T 168 -37.54 -10.35 -20.40
N GLU T 169 -36.26 -10.02 -20.22
CA GLU T 169 -35.84 -8.69 -19.82
C GLU T 169 -35.01 -8.05 -20.93
N VAL T 170 -35.25 -6.77 -21.18
CA VAL T 170 -34.60 -6.03 -22.25
C VAL T 170 -33.76 -4.91 -21.65
N ARG T 171 -32.59 -4.70 -22.24
CA ARG T 171 -31.69 -3.63 -21.81
C ARG T 171 -31.00 -3.05 -23.04
N LYS T 172 -30.72 -1.76 -23.00
CA LYS T 172 -29.89 -1.17 -24.04
C LYS T 172 -28.50 -1.77 -24.00
N ALA T 173 -27.98 -2.14 -25.17
CA ALA T 173 -26.70 -2.84 -25.23
C ALA T 173 -25.56 -1.91 -24.83
N LEU T 174 -24.72 -2.38 -23.90
CA LEU T 174 -23.57 -1.64 -23.42
C LEU T 174 -22.29 -2.43 -23.69
N SER T 175 -21.20 -1.72 -23.90
CA SER T 175 -19.93 -2.41 -23.99
C SER T 175 -19.47 -2.81 -22.59
N ARG T 176 -18.54 -3.77 -22.54
CA ARG T 176 -18.06 -4.25 -21.24
C ARG T 176 -17.42 -3.13 -20.43
N GLN T 177 -16.86 -2.11 -21.08
CA GLN T 177 -16.28 -0.99 -20.32
C GLN T 177 -17.35 -0.31 -19.47
N GLU T 178 -18.52 -0.07 -20.04
CA GLU T 178 -19.59 0.62 -19.33
C GLU T 178 -20.29 -0.26 -18.30
N MET T 179 -20.08 -1.57 -18.34
CA MET T 179 -20.68 -2.47 -17.37
C MET T 179 -19.68 -2.88 -16.30
N ARG U 1 31.39 -34.55 2.17
CA ARG U 1 30.20 -33.75 1.91
C ARG U 1 30.45 -32.30 2.30
N GLU U 2 29.54 -31.41 1.90
CA GLU U 2 29.70 -29.99 2.15
C GLU U 2 29.25 -29.64 3.57
N LYS U 3 29.56 -28.40 3.97
CA LYS U 3 29.20 -27.93 5.29
C LYS U 3 27.69 -27.75 5.41
N GLU U 4 27.22 -27.66 6.67
CA GLU U 4 25.79 -27.51 6.92
C GLU U 4 25.25 -26.26 6.25
N GLN U 5 26.05 -25.19 6.20
CA GLN U 5 25.59 -23.94 5.58
C GLN U 5 25.22 -24.14 4.12
N PHE U 6 25.90 -25.06 3.44
CA PHE U 6 25.63 -25.32 2.03
C PHE U 6 24.54 -26.37 1.83
N ARG U 7 24.05 -27.00 2.90
CA ARG U 7 22.98 -27.98 2.82
C ARG U 7 21.73 -27.51 3.53
N LYS U 8 21.65 -26.22 3.87
CA LYS U 8 20.59 -25.69 4.69
C LYS U 8 19.71 -24.74 3.88
N LEU U 9 18.42 -24.77 4.14
CA LEU U 9 17.45 -23.93 3.45
C LEU U 9 16.74 -23.04 4.47
N PHE U 10 16.70 -21.74 4.18
CA PHE U 10 15.84 -20.82 4.91
C PHE U 10 14.43 -20.95 4.37
N ILE U 11 13.49 -21.26 5.25
CA ILE U 11 12.09 -21.45 4.87
C ILE U 11 11.32 -20.27 5.42
N GLY U 12 11.00 -19.31 4.55
CA GLY U 12 10.33 -18.10 4.96
C GLY U 12 8.82 -18.16 4.75
N GLY U 13 8.10 -17.43 5.59
CA GLY U 13 6.66 -17.35 5.44
C GLY U 13 5.91 -18.58 5.90
N LEU U 14 6.43 -19.29 6.89
CA LEU U 14 5.72 -20.44 7.43
C LEU U 14 4.42 -19.99 8.09
N SER U 15 3.40 -20.83 7.97
CA SER U 15 2.20 -20.62 8.76
C SER U 15 2.54 -20.70 10.24
N PHE U 16 2.00 -19.76 11.02
CA PHE U 16 2.28 -19.74 12.45
C PHE U 16 1.79 -21.01 13.16
N GLU U 17 0.95 -21.80 12.50
CA GLU U 17 0.57 -23.11 13.02
C GLU U 17 1.59 -24.18 12.69
N THR U 18 2.54 -23.91 11.80
CA THR U 18 3.52 -24.92 11.42
C THR U 18 4.48 -25.18 12.57
N THR U 19 4.73 -26.45 12.85
CA THR U 19 5.62 -26.86 13.92
C THR U 19 6.82 -27.59 13.34
N GLU U 20 7.78 -27.90 14.23
CA GLU U 20 8.97 -28.64 13.81
C GLU U 20 8.60 -29.99 13.21
N GLU U 21 7.57 -30.63 13.76
CA GLU U 21 7.17 -31.96 13.26
C GLU U 21 6.66 -31.87 11.83
N SER U 22 5.73 -30.94 11.56
CA SER U 22 5.17 -30.84 10.23
C SER U 22 6.19 -30.34 9.22
N LEU U 23 7.10 -29.45 9.63
CA LEU U 23 8.14 -29.00 8.72
C LEU U 23 9.08 -30.15 8.36
N ARG U 24 9.45 -30.98 9.34
CA ARG U 24 10.29 -32.14 9.05
C ARG U 24 9.58 -33.10 8.12
N ASN U 25 8.34 -33.45 8.44
CA ASN U 25 7.59 -34.41 7.61
C ASN U 25 7.53 -33.96 6.16
N TYR U 26 7.45 -32.66 5.90
CA TYR U 26 7.30 -32.18 4.53
C TYR U 26 8.60 -32.31 3.75
N TYR U 27 9.67 -31.71 4.25
CA TYR U 27 10.93 -31.69 3.51
C TYR U 27 11.68 -33.01 3.59
N GLU U 28 11.32 -33.92 4.50
CA GLU U 28 11.91 -35.24 4.46
C GLU U 28 11.49 -36.03 3.23
N GLN U 29 10.50 -35.54 2.49
CA GLN U 29 10.08 -36.18 1.25
C GLN U 29 11.22 -36.23 0.22
N TRP U 30 12.23 -35.38 0.37
CA TRP U 30 13.32 -35.29 -0.59
C TRP U 30 14.65 -35.78 -0.01
N GLY U 31 14.64 -36.36 1.18
CA GLY U 31 15.85 -36.90 1.77
C GLY U 31 15.82 -36.77 3.28
N LYS U 32 16.88 -37.25 3.90
CA LYS U 32 17.02 -37.21 5.35
C LYS U 32 17.43 -35.83 5.82
N LEU U 33 16.79 -35.36 6.89
CA LEU U 33 17.10 -34.07 7.48
C LEU U 33 18.01 -34.29 8.69
N THR U 34 19.12 -33.55 8.73
CA THR U 34 20.02 -33.57 9.86
C THR U 34 19.67 -32.53 10.90
N ASP U 35 18.81 -31.58 10.57
CA ASP U 35 18.40 -30.54 11.52
C ASP U 35 17.12 -29.90 11.00
N CYS U 36 16.30 -29.42 11.94
CA CYS U 36 15.04 -28.78 11.58
C CYS U 36 14.55 -27.99 12.79
N VAL U 37 14.19 -26.73 12.57
CA VAL U 37 13.83 -25.84 13.66
C VAL U 37 12.87 -24.78 13.14
N VAL U 38 11.86 -24.48 13.95
CA VAL U 38 10.98 -23.33 13.75
C VAL U 38 11.37 -22.28 14.79
N MET U 39 11.72 -21.09 14.32
CA MET U 39 12.21 -20.04 15.20
C MET U 39 11.03 -19.35 15.88
N ARG U 40 11.24 -18.96 17.15
CA ARG U 40 10.19 -18.38 17.96
C ARG U 40 10.74 -17.25 18.80
N ASP U 41 9.87 -16.30 19.13
CA ASP U 41 10.25 -15.21 20.02
C ASP U 41 10.54 -15.78 21.40
N PRO U 42 11.71 -15.52 21.98
CA PRO U 42 11.98 -16.09 23.31
C PRO U 42 10.99 -15.65 24.36
N ALA U 43 10.49 -14.41 24.27
CA ALA U 43 9.62 -13.88 25.31
C ALA U 43 8.24 -14.51 25.26
N SER U 44 7.57 -14.43 24.12
CA SER U 44 6.17 -14.83 24.01
C SER U 44 5.97 -16.25 23.52
N LYS U 45 6.99 -16.88 22.95
CA LYS U 45 6.94 -18.23 22.40
C LYS U 45 6.11 -18.31 21.12
N ARG U 46 5.73 -17.18 20.54
CA ARG U 46 4.99 -17.18 19.29
C ARG U 46 5.93 -17.44 18.12
N SER U 47 5.44 -18.17 17.12
CA SER U 47 6.24 -18.43 15.94
C SER U 47 6.54 -17.13 15.20
N ARG U 48 7.79 -16.97 14.79
CA ARG U 48 8.21 -15.78 14.04
C ARG U 48 7.97 -15.93 12.54
N GLY U 49 7.47 -17.06 12.07
CA GLY U 49 7.13 -17.22 10.68
C GLY U 49 8.24 -17.74 9.78
N PHE U 50 9.28 -18.35 10.32
CA PHE U 50 10.32 -18.93 9.48
C PHE U 50 11.07 -20.00 10.26
N GLY U 51 11.86 -20.77 9.53
CA GLY U 51 12.66 -21.82 10.11
C GLY U 51 13.74 -22.27 9.15
N PHE U 52 14.41 -23.35 9.52
CA PHE U 52 15.47 -23.91 8.71
C PHE U 52 15.35 -25.43 8.65
N VAL U 53 15.73 -25.99 7.51
CA VAL U 53 15.89 -27.42 7.32
C VAL U 53 17.22 -27.66 6.64
N THR U 54 17.93 -28.69 7.08
CA THR U 54 19.25 -29.04 6.59
C THR U 54 19.21 -30.46 6.06
N PHE U 55 19.53 -30.64 4.80
CA PHE U 55 19.54 -31.95 4.17
C PHE U 55 20.91 -32.62 4.34
N SER U 56 20.94 -33.92 4.07
CA SER U 56 22.16 -34.72 4.21
C SER U 56 23.15 -34.50 3.08
N SER U 57 22.74 -33.87 1.98
CA SER U 57 23.64 -33.64 0.86
C SER U 57 23.12 -32.45 0.06
N MET U 58 24.02 -31.86 -0.73
CA MET U 58 23.61 -30.77 -1.62
C MET U 58 22.68 -31.27 -2.71
N ALA U 59 22.84 -32.53 -3.13
CA ALA U 59 21.97 -33.09 -4.16
C ALA U 59 20.51 -33.13 -3.70
N GLU U 60 20.30 -33.40 -2.41
CA GLU U 60 18.94 -33.43 -1.88
C GLU U 60 18.33 -32.03 -1.84
N VAL U 61 19.14 -31.02 -1.55
CA VAL U 61 18.65 -29.64 -1.56
C VAL U 61 18.18 -29.27 -2.95
N ASP U 62 18.99 -29.56 -3.97
CA ASP U 62 18.63 -29.24 -5.34
C ASP U 62 17.34 -29.94 -5.75
N ALA U 63 17.17 -31.20 -5.31
CA ALA U 63 15.93 -31.90 -5.60
C ALA U 63 14.74 -31.21 -4.95
N ALA U 64 14.89 -30.80 -3.69
CA ALA U 64 13.81 -30.09 -3.01
C ALA U 64 13.46 -28.80 -3.74
N MET U 65 14.48 -28.03 -4.15
CA MET U 65 14.24 -26.78 -4.83
C MET U 65 13.70 -27.01 -6.24
N ALA U 66 14.00 -28.16 -6.85
CA ALA U 66 13.45 -28.47 -8.17
C ALA U 66 11.96 -28.74 -8.11
N ALA U 67 11.40 -28.96 -6.91
CA ALA U 67 10.01 -29.33 -6.75
C ALA U 67 9.15 -28.17 -6.25
N ARG U 68 9.62 -26.94 -6.40
CA ARG U 68 8.83 -25.77 -6.03
C ARG U 68 7.65 -25.61 -7.00
N PRO U 69 6.59 -24.92 -6.57
CA PRO U 69 6.41 -24.26 -5.27
C PRO U 69 6.15 -25.25 -4.13
N HIS U 70 6.40 -24.80 -2.90
CA HIS U 70 6.18 -25.61 -1.71
C HIS U 70 5.06 -25.01 -0.87
N SER U 71 4.11 -25.83 -0.47
CA SER U 71 3.00 -25.41 0.39
C SER U 71 3.01 -26.28 1.64
N ILE U 72 3.00 -25.61 2.79
CA ILE U 72 3.07 -26.30 4.08
C ILE U 72 1.99 -25.74 4.99
N ASP U 73 1.15 -26.62 5.53
CA ASP U 73 0.10 -26.24 6.46
C ASP U 73 -0.80 -25.15 5.87
N GLY U 74 -1.00 -25.29 4.56
CA GLY U 74 -1.90 -24.46 3.74
C GLY U 74 -1.30 -23.14 3.32
N ARG U 75 -0.05 -22.86 3.66
CA ARG U 75 0.58 -21.59 3.26
C ARG U 75 1.70 -21.89 2.25
N VAL U 76 1.78 -21.16 1.14
CA VAL U 76 2.87 -21.35 0.15
C VAL U 76 4.10 -20.68 0.74
N VAL U 77 5.20 -21.40 0.89
CA VAL U 77 6.38 -20.89 1.53
C VAL U 77 7.42 -20.55 0.46
N GLU U 78 8.48 -19.85 0.87
CA GLU U 78 9.56 -19.44 -0.02
C GLU U 78 10.87 -20.01 0.51
N PRO U 79 11.30 -21.16 0.02
CA PRO U 79 12.62 -21.68 0.43
C PRO U 79 13.74 -20.93 -0.27
N LYS U 80 14.83 -20.76 0.47
CA LYS U 80 15.99 -20.05 -0.04
C LYS U 80 17.26 -20.71 0.47
N ARG U 81 18.31 -20.65 -0.34
CA ARG U 81 19.62 -21.05 0.12
C ARG U 81 20.02 -20.17 1.31
N ALA U 82 20.56 -20.79 2.35
CA ALA U 82 20.84 -20.06 3.58
C ALA U 82 21.98 -19.08 3.38
N VAL U 83 21.75 -17.83 3.77
CA VAL U 83 22.79 -16.80 3.80
C VAL U 83 23.43 -16.83 5.17
N ALA U 84 24.76 -16.88 5.20
CA ALA U 84 25.49 -17.01 6.46
C ALA U 84 25.23 -15.82 7.37
N ARG U 85 25.26 -16.09 8.68
CA ARG U 85 25.05 -15.03 9.67
C ARG U 85 26.11 -13.93 9.55
N GLU U 86 27.31 -14.28 9.12
CA GLU U 86 28.39 -13.30 9.00
C GLU U 86 28.08 -12.24 7.96
N GLU U 87 27.14 -12.48 7.05
CA GLU U 87 26.77 -11.51 6.04
C GLU U 87 25.80 -10.45 6.54
N SER U 88 25.26 -10.60 7.74
CA SER U 88 24.30 -9.63 8.26
C SER U 88 24.93 -8.26 8.33
N GLY U 89 24.20 -7.25 7.85
CA GLY U 89 24.68 -5.89 7.78
C GLY U 89 25.22 -5.49 6.43
N LYS U 90 25.49 -6.46 5.53
CA LYS U 90 25.98 -6.09 4.20
C LYS U 90 24.80 -5.78 3.27
N PRO U 91 24.90 -4.74 2.44
CA PRO U 91 23.78 -4.41 1.55
C PRO U 91 23.42 -5.58 0.64
N GLY U 92 22.13 -5.90 0.59
CA GLY U 92 21.67 -6.95 -0.29
C GLY U 92 21.90 -8.36 0.22
N ALA U 93 22.33 -8.51 1.48
CA ALA U 93 22.64 -9.84 1.99
C ALA U 93 21.46 -10.78 1.85
N HIS U 94 20.24 -10.29 2.06
CA HIS U 94 19.06 -11.15 2.11
C HIS U 94 18.06 -10.90 1.00
N VAL U 95 18.41 -10.13 -0.02
CA VAL U 95 17.50 -9.87 -1.12
C VAL U 95 17.48 -11.09 -2.04
N THR U 96 16.30 -11.37 -2.60
CA THR U 96 16.11 -12.47 -3.53
C THR U 96 15.92 -11.90 -4.93
N VAL U 97 16.86 -12.19 -5.84
CA VAL U 97 16.83 -11.65 -7.19
C VAL U 97 17.22 -12.74 -8.18
N LYS U 98 16.84 -12.52 -9.44
CA LYS U 98 17.17 -13.41 -10.53
C LYS U 98 18.38 -12.94 -11.32
N LYS U 99 18.95 -11.80 -10.96
CA LYS U 99 20.03 -11.18 -11.72
C LYS U 99 21.33 -11.25 -10.94
N LEU U 100 22.43 -11.48 -11.65
CA LEU U 100 23.73 -11.69 -11.05
C LEU U 100 24.73 -10.69 -11.61
N PHE U 101 25.46 -10.02 -10.73
CA PHE U 101 26.56 -9.15 -11.14
C PHE U 101 27.82 -9.97 -11.25
N VAL U 102 28.58 -9.76 -12.32
CA VAL U 102 29.83 -10.47 -12.56
C VAL U 102 30.90 -9.43 -12.83
N GLY U 103 31.93 -9.40 -11.98
CA GLY U 103 33.02 -8.46 -12.13
C GLY U 103 34.36 -9.15 -12.25
N GLY U 104 35.36 -8.43 -12.75
CA GLY U 104 36.68 -9.00 -12.95
C GLY U 104 36.88 -9.72 -14.27
N ILE U 105 35.92 -9.64 -15.19
CA ILE U 105 36.01 -10.35 -16.46
C ILE U 105 36.84 -9.59 -17.49
N LYS U 106 37.19 -8.33 -17.23
CA LYS U 106 38.09 -7.58 -18.09
C LYS U 106 37.51 -7.42 -19.48
N GLU U 107 38.36 -7.08 -20.45
CA GLU U 107 37.90 -6.71 -21.79
C GLU U 107 37.88 -7.85 -22.79
N ASP U 108 38.33 -9.05 -22.39
CA ASP U 108 38.42 -10.18 -23.30
C ASP U 108 37.36 -11.24 -23.03
N THR U 109 36.26 -10.86 -22.38
CA THR U 109 35.18 -11.79 -22.06
C THR U 109 33.92 -11.37 -22.80
N GLU U 110 33.26 -12.33 -23.44
CA GLU U 110 32.08 -12.09 -24.24
C GLU U 110 30.90 -12.85 -23.65
N GLU U 111 29.73 -12.62 -24.24
CA GLU U 111 28.51 -13.25 -23.73
C GLU U 111 28.66 -14.76 -23.63
N HIS U 112 29.27 -15.38 -24.65
CA HIS U 112 29.34 -16.84 -24.68
C HIS U 112 30.22 -17.37 -23.55
N HIS U 113 31.22 -16.61 -23.12
CA HIS U 113 32.04 -17.04 -21.99
C HIS U 113 31.20 -17.18 -20.72
N LEU U 114 30.36 -16.18 -20.45
CA LEU U 114 29.49 -16.24 -19.28
C LEU U 114 28.44 -17.33 -19.42
N ARG U 115 27.79 -17.41 -20.59
CA ARG U 115 26.77 -18.42 -20.79
C ARG U 115 27.34 -19.82 -20.58
N ASP U 116 28.48 -20.11 -21.19
CA ASP U 116 29.05 -21.45 -21.08
C ASP U 116 29.34 -21.79 -19.63
N TYR U 117 29.80 -20.82 -18.84
CA TYR U 117 30.14 -21.10 -17.45
C TYR U 117 28.90 -21.21 -16.58
N PHE U 118 27.97 -20.28 -16.72
CA PHE U 118 26.84 -20.18 -15.80
C PHE U 118 25.63 -21.02 -16.21
N GLU U 119 25.55 -21.46 -17.47
CA GLU U 119 24.36 -22.19 -17.91
C GLU U 119 24.21 -23.52 -17.18
N GLU U 120 25.23 -23.98 -16.46
CA GLU U 120 25.12 -25.21 -15.69
C GLU U 120 24.32 -25.01 -14.41
N TYR U 121 24.17 -23.78 -13.93
CA TYR U 121 23.44 -23.49 -12.71
C TYR U 121 21.95 -23.34 -12.92
N GLY U 122 21.51 -23.06 -14.14
CA GLY U 122 20.09 -22.89 -14.40
C GLY U 122 19.87 -22.22 -15.73
N LYS U 123 18.58 -22.05 -16.04
CA LYS U 123 18.18 -21.46 -17.31
C LYS U 123 18.48 -19.97 -17.32
N ILE U 124 19.30 -19.54 -18.27
CA ILE U 124 19.72 -18.14 -18.38
C ILE U 124 18.70 -17.41 -19.25
N ASP U 125 18.18 -16.31 -18.72
CA ASP U 125 17.22 -15.47 -19.42
C ASP U 125 17.92 -14.43 -20.30
N THR U 126 18.90 -13.72 -19.75
CA THR U 126 19.61 -12.69 -20.49
C THR U 126 21.04 -12.62 -20.00
N ILE U 127 21.91 -12.09 -20.86
CA ILE U 127 23.30 -11.83 -20.51
C ILE U 127 23.63 -10.42 -21.01
N GLU U 128 24.30 -9.64 -20.18
CA GLU U 128 24.64 -8.27 -20.51
C GLU U 128 26.13 -8.08 -20.27
N ILE U 129 26.84 -7.63 -21.30
CA ILE U 129 28.24 -7.26 -21.20
C ILE U 129 28.30 -5.74 -21.30
N ILE U 130 28.65 -5.10 -20.20
CA ILE U 130 28.60 -3.63 -20.13
C ILE U 130 29.79 -3.05 -20.88
N THR U 131 29.53 -2.00 -21.64
CA THR U 131 30.53 -1.29 -22.42
C THR U 131 30.41 0.20 -22.17
N ASP U 132 31.43 0.96 -22.56
CA ASP U 132 31.49 2.42 -22.36
C ASP U 132 30.55 3.05 -23.38
N ARG U 133 29.74 4.04 -22.98
CA ARG U 133 28.70 4.63 -23.84
C ARG U 133 29.35 5.51 -24.92
N GLN U 134 30.56 6.01 -24.69
CA GLN U 134 31.28 6.88 -25.67
C GLN U 134 32.27 6.01 -26.46
N SER U 135 33.27 5.45 -25.79
CA SER U 135 34.37 4.69 -26.40
C SER U 135 33.90 3.37 -26.99
N GLY U 136 32.94 2.70 -26.36
CA GLY U 136 32.44 1.38 -26.80
C GLY U 136 33.34 0.26 -26.32
N LYS U 137 34.29 0.56 -25.44
CA LYS U 137 35.25 -0.42 -24.92
C LYS U 137 34.57 -1.10 -23.75
N LYS U 138 34.86 -2.35 -23.54
CA LYS U 138 34.27 -3.11 -22.45
C LYS U 138 34.76 -2.57 -21.12
N ARG U 139 33.84 -2.49 -20.15
CA ARG U 139 34.16 -1.94 -18.84
C ARG U 139 34.57 -3.00 -17.83
N GLY U 140 34.60 -4.27 -18.21
CA GLY U 140 35.10 -5.31 -17.35
C GLY U 140 34.11 -5.94 -16.41
N PHE U 141 32.81 -5.85 -16.69
CA PHE U 141 31.81 -6.51 -15.86
C PHE U 141 30.53 -6.66 -16.66
N GLY U 142 29.69 -7.58 -16.21
CA GLY U 142 28.43 -7.84 -16.88
C GLY U 142 27.41 -8.40 -15.91
N PHE U 143 26.23 -8.71 -16.45
CA PHE U 143 25.11 -9.23 -15.66
C PHE U 143 24.57 -10.49 -16.30
N VAL U 144 24.16 -11.44 -15.47
CA VAL U 144 23.51 -12.67 -15.90
C VAL U 144 22.16 -12.74 -15.22
N THR U 145 21.10 -12.84 -16.00
CA THR U 145 19.73 -12.90 -15.50
C THR U 145 19.18 -14.30 -15.74
N PHE U 146 18.81 -14.96 -14.66
CA PHE U 146 18.20 -16.28 -14.74
C PHE U 146 16.68 -16.18 -14.72
N ASP U 147 16.02 -17.31 -14.98
CA ASP U 147 14.57 -17.37 -14.88
C ASP U 147 14.11 -17.64 -13.45
N ASP U 148 15.05 -17.87 -12.53
CA ASP U 148 14.70 -18.16 -11.14
C ASP U 148 15.78 -17.57 -10.25
N HIS U 149 15.42 -17.35 -8.98
CA HIS U 149 16.37 -16.78 -8.03
C HIS U 149 17.32 -17.83 -7.47
N ASP U 150 16.93 -19.09 -7.45
CA ASP U 150 17.74 -20.11 -6.80
C ASP U 150 19.12 -20.25 -7.43
N PRO U 151 19.27 -20.26 -8.76
CA PRO U 151 20.63 -20.31 -9.32
C PRO U 151 21.53 -19.20 -8.81
N VAL U 152 21.02 -17.97 -8.73
CA VAL U 152 21.80 -16.86 -8.19
C VAL U 152 22.19 -17.17 -6.75
N ASP U 153 21.22 -17.59 -5.93
CA ASP U 153 21.51 -17.87 -4.52
C ASP U 153 22.58 -18.93 -4.38
N LYS U 154 22.52 -19.96 -5.23
CA LYS U 154 23.51 -21.03 -5.17
C LYS U 154 24.87 -20.54 -5.64
N ILE U 155 24.89 -19.71 -6.68
CA ILE U 155 26.16 -19.21 -7.23
C ILE U 155 26.91 -18.39 -6.19
N VAL U 156 26.19 -17.52 -5.46
CA VAL U 156 26.86 -16.56 -4.59
C VAL U 156 27.42 -17.21 -3.34
N LEU U 157 27.12 -18.48 -3.10
CA LEU U 157 27.75 -19.20 -1.99
C LEU U 157 29.24 -19.35 -2.21
N GLN U 158 29.72 -19.21 -3.45
CA GLN U 158 31.15 -19.17 -3.76
C GLN U 158 31.45 -17.79 -4.33
N LYS U 159 32.14 -16.96 -3.55
CA LYS U 159 32.33 -15.56 -3.95
C LYS U 159 33.14 -15.44 -5.23
N TYR U 160 34.17 -16.26 -5.39
CA TYR U 160 35.11 -16.13 -6.49
C TYR U 160 34.94 -17.29 -7.47
N HIS U 161 34.89 -16.95 -8.76
CA HIS U 161 34.65 -17.92 -9.84
C HIS U 161 35.62 -17.65 -10.97
N THR U 162 36.43 -18.65 -11.32
CA THR U 162 37.37 -18.53 -12.43
C THR U 162 36.60 -18.62 -13.74
N ILE U 163 36.58 -17.53 -14.49
CA ILE U 163 35.85 -17.43 -15.75
C ILE U 163 36.78 -16.85 -16.81
N ASN U 164 36.95 -17.57 -17.91
CA ASN U 164 37.75 -17.10 -19.04
C ASN U 164 39.14 -16.70 -18.58
N GLY U 165 39.71 -17.47 -17.65
CA GLY U 165 41.05 -17.21 -17.17
C GLY U 165 41.17 -16.03 -16.23
N HIS U 166 40.06 -15.55 -15.68
CA HIS U 166 40.05 -14.41 -14.77
C HIS U 166 39.49 -14.83 -13.42
N ASN U 167 40.06 -14.29 -12.34
CA ASN U 167 39.47 -14.42 -11.02
C ASN U 167 38.32 -13.42 -10.93
N ALA U 168 37.10 -13.92 -11.14
CA ALA U 168 35.92 -13.08 -11.17
C ALA U 168 35.19 -13.12 -9.83
N GLU U 169 34.41 -12.07 -9.59
CA GLU U 169 33.66 -11.91 -8.35
C GLU U 169 32.18 -11.74 -8.71
N VAL U 170 31.33 -12.51 -8.04
CA VAL U 170 29.90 -12.50 -8.30
C VAL U 170 29.18 -11.89 -7.11
N ARG U 171 28.14 -11.10 -7.40
CA ARG U 171 27.33 -10.46 -6.38
C ARG U 171 25.89 -10.48 -6.85
N LYS U 172 24.95 -10.58 -5.91
CA LYS U 172 23.55 -10.42 -6.27
C LYS U 172 23.32 -9.00 -6.76
N ALA U 173 22.62 -8.87 -7.88
CA ALA U 173 22.43 -7.57 -8.51
C ALA U 173 21.52 -6.71 -7.66
N LEU U 174 21.96 -5.48 -7.40
CA LEU U 174 21.20 -4.52 -6.61
C LEU U 174 20.90 -3.28 -7.45
N SER U 175 19.77 -2.65 -7.15
CA SER U 175 19.45 -1.38 -7.79
C SER U 175 20.28 -0.26 -7.17
N ARG U 176 20.29 0.89 -7.86
CA ARG U 176 21.06 2.02 -7.37
C ARG U 176 20.62 2.43 -5.97
N GLN U 177 19.32 2.35 -5.70
CA GLN U 177 18.80 2.75 -4.40
C GLN U 177 19.35 1.88 -3.28
N GLU U 178 19.59 0.59 -3.56
CA GLU U 178 20.09 -0.33 -2.56
C GLU U 178 21.59 -0.25 -2.36
N MET U 179 22.32 0.40 -3.27
CA MET U 179 23.76 0.53 -3.14
C MET U 179 24.14 1.93 -2.65
N ARG V 1 16.63 -20.75 30.68
CA ARG V 1 18.06 -20.46 30.51
C ARG V 1 18.27 -19.50 29.35
N GLU V 2 19.26 -18.62 29.51
CA GLU V 2 19.60 -17.57 28.52
C GLU V 2 19.90 -18.23 27.17
N LYS V 3 20.07 -17.40 26.14
CA LYS V 3 20.38 -17.83 24.76
C LYS V 3 21.77 -18.46 24.74
N GLU V 4 22.01 -19.43 23.85
CA GLU V 4 23.30 -20.17 23.75
C GLU V 4 24.49 -19.23 23.73
N GLN V 5 24.43 -18.15 22.94
CA GLN V 5 25.51 -17.13 22.79
C GLN V 5 25.95 -16.61 24.15
N PHE V 6 25.04 -16.36 25.09
CA PHE V 6 25.41 -15.86 26.43
C PHE V 6 25.98 -16.98 27.29
N ARG V 7 26.04 -18.22 26.82
CA ARG V 7 26.58 -19.30 27.64
C ARG V 7 27.77 -19.97 26.97
N LYS V 8 28.36 -19.35 25.95
CA LYS V 8 29.42 -19.94 25.15
C LYS V 8 30.70 -19.13 25.31
N LEU V 9 31.83 -19.84 25.35
CA LEU V 9 33.14 -19.22 25.49
C LEU V 9 33.99 -19.56 24.27
N PHE V 10 34.59 -18.53 23.67
CA PHE V 10 35.62 -18.74 22.66
C PHE V 10 36.94 -19.05 23.36
N ILE V 11 37.55 -20.18 22.99
CA ILE V 11 38.80 -20.63 23.59
C ILE V 11 39.89 -20.47 22.55
N GLY V 12 40.71 -19.44 22.70
CA GLY V 12 41.75 -19.13 21.74
C GLY V 12 43.09 -19.69 22.16
N GLY V 13 43.92 -20.00 21.17
CA GLY V 13 45.27 -20.46 21.42
C GLY V 13 45.37 -21.90 21.89
N LEU V 14 44.45 -22.76 21.45
CA LEU V 14 44.53 -24.17 21.79
C LEU V 14 45.77 -24.81 21.18
N SER V 15 46.33 -25.78 21.91
CA SER V 15 47.36 -26.63 21.32
C SER V 15 46.79 -27.37 20.13
N PHE V 16 47.58 -27.45 19.05
CA PHE V 16 47.10 -28.11 17.84
C PHE V 16 46.79 -29.58 18.05
N GLU V 17 47.30 -30.18 19.13
CA GLU V 17 47.01 -31.56 19.45
C GLU V 17 45.79 -31.73 20.33
N THR V 18 45.25 -30.64 20.88
CA THR V 18 44.08 -30.73 21.73
C THR V 18 42.86 -31.15 20.90
N THR V 19 42.10 -32.09 21.44
CA THR V 19 40.91 -32.61 20.78
C THR V 19 39.67 -32.25 21.59
N GLU V 20 38.50 -32.50 20.98
CA GLU V 20 37.24 -32.19 21.66
C GLU V 20 37.10 -32.95 22.97
N GLU V 21 37.68 -34.13 23.06
CA GLU V 21 37.60 -34.90 24.30
C GLU V 21 38.39 -34.23 25.42
N SER V 22 39.65 -33.87 25.14
CA SER V 22 40.49 -33.26 26.15
C SER V 22 40.00 -31.86 26.51
N LEU V 23 39.48 -31.12 25.53
CA LEU V 23 38.91 -29.81 25.81
C LEU V 23 37.69 -29.94 26.71
N ARG V 24 36.86 -30.96 26.48
CA ARG V 24 35.68 -31.17 27.30
C ARG V 24 36.07 -31.51 28.74
N ASN V 25 37.09 -32.35 28.91
CA ASN V 25 37.45 -32.80 30.24
C ASN V 25 37.85 -31.65 31.16
N TYR V 26 38.50 -30.62 30.61
CA TYR V 26 38.98 -29.53 31.45
C TYR V 26 37.83 -28.63 31.89
N TYR V 27 37.05 -28.12 30.94
CA TYR V 27 36.00 -27.16 31.28
C TYR V 27 34.80 -27.81 31.97
N GLU V 28 34.73 -29.14 32.00
CA GLU V 28 33.69 -29.81 32.77
C GLU V 28 33.86 -29.59 34.27
N GLN V 29 34.99 -29.04 34.72
CA GLN V 29 35.18 -28.76 36.13
C GLN V 29 34.14 -27.80 36.70
N TRP V 30 33.47 -27.01 35.85
CA TRP V 30 32.60 -25.96 36.33
C TRP V 30 31.11 -26.20 36.05
N GLY V 31 30.75 -27.37 35.55
CA GLY V 31 29.34 -27.68 35.35
C GLY V 31 29.15 -28.57 34.14
N LYS V 32 27.89 -28.87 33.85
CA LYS V 32 27.55 -29.68 32.70
C LYS V 32 27.57 -28.82 31.44
N LEU V 33 28.22 -29.33 30.40
CA LEU V 33 28.36 -28.63 29.14
C LEU V 33 27.43 -29.21 28.08
N THR V 34 26.71 -28.34 27.38
CA THR V 34 25.81 -28.74 26.31
C THR V 34 26.49 -28.80 24.94
N ASP V 35 27.70 -28.25 24.78
CA ASP V 35 28.36 -28.29 23.49
C ASP V 35 29.85 -28.03 23.66
N CYS V 36 30.64 -28.61 22.76
CA CYS V 36 32.08 -28.47 22.78
C CYS V 36 32.63 -28.89 21.42
N VAL V 37 33.48 -28.05 20.84
CA VAL V 37 33.96 -28.27 19.48
C VAL V 37 35.34 -27.65 19.33
N VAL V 38 36.22 -28.35 18.62
CA VAL V 38 37.50 -27.81 18.17
C VAL V 38 37.38 -27.56 16.67
N MET V 39 37.56 -26.31 16.26
CA MET V 39 37.43 -25.94 14.86
C MET V 39 38.69 -26.35 14.10
N ARG V 40 38.50 -26.92 12.92
CA ARG V 40 39.60 -27.43 12.11
C ARG V 40 39.42 -26.97 10.67
N ASP V 41 40.54 -26.89 9.95
CA ASP V 41 40.48 -26.58 8.54
C ASP V 41 39.81 -27.72 7.79
N PRO V 42 38.77 -27.46 7.00
CA PRO V 42 38.05 -28.57 6.36
C PRO V 42 38.92 -29.38 5.41
N ALA V 43 39.88 -28.76 4.74
CA ALA V 43 40.70 -29.47 3.77
C ALA V 43 41.70 -30.40 4.48
N SER V 44 42.59 -29.83 5.28
CA SER V 44 43.68 -30.58 5.88
C SER V 44 43.34 -31.20 7.22
N LYS V 45 42.22 -30.82 7.83
CA LYS V 45 41.80 -31.30 9.14
C LYS V 45 42.74 -30.86 10.25
N ARG V 46 43.62 -29.91 9.98
CA ARG V 46 44.51 -29.40 11.02
C ARG V 46 43.75 -28.52 12.00
N SER V 47 44.13 -28.59 13.27
CA SER V 47 43.50 -27.74 14.26
C SER V 47 43.79 -26.27 13.92
N ARG V 48 42.76 -25.44 13.99
CA ARG V 48 42.93 -24.02 13.72
C ARG V 48 43.40 -23.25 14.94
N GLY V 49 43.57 -23.92 16.08
CA GLY V 49 44.08 -23.28 17.27
C GLY V 49 43.03 -22.63 18.13
N PHE V 50 41.76 -22.97 17.94
CA PHE V 50 40.71 -22.39 18.76
C PHE V 50 39.49 -23.32 18.70
N GLY V 51 38.55 -23.03 19.59
CA GLY V 51 37.31 -23.78 19.65
C GLY V 51 36.29 -23.01 20.44
N PHE V 52 35.17 -23.68 20.72
CA PHE V 52 34.09 -23.10 21.49
C PHE V 52 33.64 -24.11 22.53
N VAL V 53 33.24 -23.58 23.68
CA VAL V 53 32.68 -24.38 24.75
C VAL V 53 31.41 -23.70 25.24
N THR V 54 30.38 -24.49 25.50
CA THR V 54 29.08 -23.98 25.90
C THR V 54 28.68 -24.59 27.23
N PHE V 55 28.46 -23.75 28.24
CA PHE V 55 28.04 -24.21 29.55
C PHE V 55 26.51 -24.29 29.61
N SER V 56 26.01 -24.97 30.65
CA SER V 56 24.57 -25.13 30.83
C SER V 56 23.90 -23.91 31.40
N SER V 57 24.67 -22.95 31.93
CA SER V 57 24.09 -21.74 32.50
C SER V 57 25.14 -20.64 32.46
N MET V 58 24.68 -19.40 32.64
CA MET V 58 25.61 -18.27 32.70
C MET V 58 26.45 -18.32 33.97
N ALA V 59 25.87 -18.78 35.09
CA ALA V 59 26.64 -18.90 36.32
C ALA V 59 27.85 -19.80 36.12
N GLU V 60 27.71 -20.84 35.29
CA GLU V 60 28.83 -21.73 35.03
C GLU V 60 29.91 -21.02 34.21
N VAL V 61 29.49 -20.18 33.26
CA VAL V 61 30.45 -19.40 32.49
C VAL V 61 31.21 -18.46 33.41
N ASP V 62 30.48 -17.75 34.27
CA ASP V 62 31.13 -16.80 35.18
C ASP V 62 32.08 -17.52 36.12
N ALA V 63 31.69 -18.69 36.61
CA ALA V 63 32.58 -19.47 37.48
C ALA V 63 33.84 -19.88 36.74
N ALA V 64 33.70 -20.33 35.49
CA ALA V 64 34.86 -20.72 34.71
C ALA V 64 35.81 -19.54 34.50
N MET V 65 35.27 -18.37 34.18
CA MET V 65 36.11 -17.20 33.94
C MET V 65 36.74 -16.69 35.23
N ALA V 66 36.09 -16.92 36.36
CA ALA V 66 36.65 -16.51 37.65
C ALA V 66 37.85 -17.36 38.05
N ALA V 67 38.05 -18.51 37.42
CA ALA V 67 39.12 -19.43 37.79
C ALA V 67 40.31 -19.39 36.85
N ARG V 68 40.42 -18.35 36.03
CA ARG V 68 41.57 -18.18 35.16
C ARG V 68 42.83 -18.02 35.99
N PRO V 69 44.01 -18.26 35.40
CA PRO V 69 44.25 -18.69 34.02
C PRO V 69 43.93 -20.16 33.76
N HIS V 70 43.69 -20.50 32.50
CA HIS V 70 43.40 -21.87 32.08
C HIS V 70 44.54 -22.40 31.24
N SER V 71 45.00 -23.61 31.56
CA SER V 71 46.07 -24.28 30.83
C SER V 71 45.54 -25.61 30.33
N ILE V 72 45.73 -25.88 29.03
CA ILE V 72 45.19 -27.06 28.38
C ILE V 72 46.32 -27.75 27.63
N ASP V 73 46.56 -29.02 27.95
CA ASP V 73 47.57 -29.82 27.25
C ASP V 73 48.91 -29.10 27.24
N GLY V 74 49.24 -28.45 28.35
CA GLY V 74 50.52 -27.79 28.49
C GLY V 74 50.61 -26.43 27.84
N ARG V 75 49.49 -25.84 27.43
CA ARG V 75 49.48 -24.54 26.80
C ARG V 75 48.42 -23.67 27.46
N VAL V 76 48.78 -22.43 27.77
CA VAL V 76 47.84 -21.48 28.35
C VAL V 76 46.94 -20.92 27.25
N VAL V 77 45.64 -21.01 27.45
CA VAL V 77 44.66 -20.58 26.46
C VAL V 77 44.05 -19.26 26.93
N GLU V 78 43.30 -18.63 26.02
CA GLU V 78 42.63 -17.35 26.29
C GLU V 78 41.14 -17.52 26.10
N PRO V 79 40.37 -17.81 27.15
CA PRO V 79 38.93 -17.87 27.01
C PRO V 79 38.30 -16.49 26.92
N LYS V 80 37.26 -16.39 26.09
CA LYS V 80 36.56 -15.13 25.89
C LYS V 80 35.08 -15.41 25.69
N ARG V 81 34.25 -14.49 26.17
CA ARG V 81 32.82 -14.57 25.88
C ARG V 81 32.62 -14.50 24.37
N ALA V 82 31.74 -15.34 23.86
CA ALA V 82 31.57 -15.50 22.43
C ALA V 82 30.93 -14.26 21.80
N VAL V 83 31.56 -13.74 20.76
CA VAL V 83 30.98 -12.67 19.95
C VAL V 83 30.17 -13.31 18.84
N ALA V 84 28.93 -12.86 18.66
CA ALA V 84 28.04 -13.47 17.69
C ALA V 84 28.61 -13.34 16.28
N ARG V 85 28.28 -14.33 15.45
CA ARG V 85 28.75 -14.31 14.06
C ARG V 85 28.26 -13.07 13.32
N GLU V 86 27.09 -12.55 13.69
CA GLU V 86 26.54 -11.38 13.02
C GLU V 86 27.43 -10.15 13.19
N GLU V 87 28.31 -10.15 14.20
CA GLU V 87 29.21 -9.02 14.42
C GLU V 87 30.44 -9.04 13.53
N SER V 88 30.66 -10.13 12.81
CA SER V 88 31.83 -10.21 11.93
C SER V 88 31.78 -9.11 10.88
N GLY V 89 32.92 -8.47 10.66
CA GLY V 89 33.03 -7.35 9.75
C GLY V 89 32.95 -6.00 10.42
N LYS V 90 32.43 -5.93 11.64
CA LYS V 90 32.39 -4.69 12.39
C LYS V 90 33.78 -4.36 12.93
N PRO V 91 34.18 -3.09 12.95
CA PRO V 91 35.45 -2.72 13.59
C PRO V 91 35.42 -3.02 15.09
N GLY V 92 36.45 -3.71 15.57
CA GLY V 92 36.57 -4.01 16.98
C GLY V 92 35.72 -5.15 17.47
N ALA V 93 35.08 -5.91 16.58
CA ALA V 93 34.20 -6.98 17.02
C ALA V 93 34.92 -7.98 17.93
N HIS V 94 36.17 -8.29 17.64
CA HIS V 94 36.89 -9.34 18.34
C HIS V 94 38.07 -8.85 19.17
N VAL V 95 38.18 -7.55 19.41
CA VAL V 95 39.29 -7.03 20.21
C VAL V 95 39.02 -7.28 21.68
N THR V 96 40.07 -7.58 22.42
CA THR V 96 40.01 -7.80 23.86
C THR V 96 40.64 -6.62 24.57
N VAL V 97 39.84 -5.86 25.32
CA VAL V 97 40.30 -4.66 25.98
C VAL V 97 39.69 -4.59 27.38
N LYS V 98 40.31 -3.78 28.23
CA LYS V 98 39.81 -3.54 29.58
C LYS V 98 39.02 -2.25 29.68
N LYS V 99 38.90 -1.49 28.60
CA LYS V 99 38.27 -0.18 28.61
C LYS V 99 36.94 -0.23 27.87
N LEU V 100 35.98 0.52 28.37
CA LEU V 100 34.61 0.51 27.87
C LEU V 100 34.20 1.91 27.46
N PHE V 101 33.65 2.04 26.26
CA PHE V 101 33.07 3.29 25.80
C PHE V 101 31.61 3.33 26.23
N VAL V 102 31.19 4.46 26.78
CA VAL V 102 29.81 4.65 27.21
C VAL V 102 29.31 5.96 26.60
N GLY V 103 28.30 5.86 25.72
CA GLY V 103 27.74 7.01 25.08
C GLY V 103 26.29 7.21 25.48
N GLY V 104 25.75 8.38 25.11
CA GLY V 104 24.38 8.71 25.40
C GLY V 104 24.10 9.10 26.83
N ILE V 105 25.14 9.37 27.62
CA ILE V 105 24.94 9.78 29.01
C ILE V 105 24.66 11.27 29.15
N LYS V 106 24.86 12.04 28.08
CA LYS V 106 24.46 13.44 28.06
C LYS V 106 25.22 14.24 29.10
N GLU V 107 24.60 15.29 29.64
CA GLU V 107 25.34 16.29 30.41
C GLU V 107 25.07 16.26 31.90
N ASP V 108 24.21 15.36 32.39
CA ASP V 108 23.87 15.29 33.81
C ASP V 108 24.41 14.03 34.46
N THR V 109 25.42 13.41 33.88
CA THR V 109 26.00 12.18 34.39
C THR V 109 27.44 12.43 34.80
N GLU V 110 27.80 11.97 35.99
CA GLU V 110 29.12 12.14 36.56
C GLU V 110 29.76 10.77 36.80
N GLU V 111 31.02 10.79 37.21
CA GLU V 111 31.75 9.55 37.42
C GLU V 111 31.00 8.61 38.36
N HIS V 112 30.40 9.15 39.42
CA HIS V 112 29.77 8.29 40.42
C HIS V 112 28.58 7.53 39.84
N HIS V 113 27.90 8.11 38.84
CA HIS V 113 26.80 7.40 38.19
C HIS V 113 27.30 6.13 37.51
N LEU V 114 28.40 6.25 36.78
CA LEU V 114 28.99 5.08 36.12
C LEU V 114 29.54 4.09 37.14
N ARG V 115 30.27 4.60 38.14
CA ARG V 115 30.86 3.72 39.14
C ARG V 115 29.79 2.88 39.84
N ASP V 116 28.73 3.54 40.32
CA ASP V 116 27.67 2.82 41.01
C ASP V 116 27.06 1.74 40.12
N TYR V 117 26.92 2.03 38.82
CA TYR V 117 26.27 1.09 37.91
C TYR V 117 27.19 -0.09 37.58
N PHE V 118 28.45 0.20 37.23
CA PHE V 118 29.33 -0.82 36.68
C PHE V 118 30.14 -1.57 37.74
N GLU V 119 30.22 -1.06 38.97
CA GLU V 119 31.09 -1.67 39.96
C GLU V 119 30.69 -3.12 40.27
N GLU V 120 29.46 -3.51 39.96
CA GLU V 120 29.04 -4.89 40.16
C GLU V 120 29.60 -5.84 39.10
N TYR V 121 30.03 -5.31 37.96
CA TYR V 121 30.55 -6.15 36.89
C TYR V 121 32.02 -6.53 37.08
N GLY V 122 32.75 -5.79 37.89
CA GLY V 122 34.15 -6.06 38.11
C GLY V 122 34.84 -4.87 38.72
N LYS V 123 36.15 -5.03 38.94
CA LYS V 123 36.95 -4.01 39.58
C LYS V 123 37.23 -2.88 38.59
N ILE V 124 36.83 -1.67 38.95
CA ILE V 124 37.02 -0.49 38.12
C ILE V 124 38.34 0.17 38.51
N ASP V 125 39.20 0.41 37.52
CA ASP V 125 40.46 1.09 37.76
C ASP V 125 40.32 2.61 37.69
N THR V 126 39.68 3.11 36.62
CA THR V 126 39.51 4.54 36.44
C THR V 126 38.22 4.78 35.68
N ILE V 127 37.70 6.00 35.81
CA ILE V 127 36.52 6.44 35.08
C ILE V 127 36.82 7.82 34.50
N GLU V 128 36.41 8.04 33.26
CA GLU V 128 36.66 9.29 32.56
C GLU V 128 35.35 9.83 32.00
N ILE V 129 35.02 11.06 32.35
CA ILE V 129 33.89 11.77 31.78
C ILE V 129 34.46 12.82 30.84
N ILE V 130 34.25 12.64 29.54
CA ILE V 130 34.89 13.48 28.54
C ILE V 130 34.21 14.84 28.52
N THR V 131 35.03 15.89 28.39
CA THR V 131 34.54 17.27 28.37
C THR V 131 35.16 18.01 27.19
N ASP V 132 34.67 19.23 26.95
CA ASP V 132 35.21 20.08 25.91
C ASP V 132 36.44 20.80 26.43
N ARG V 133 37.51 20.80 25.62
CA ARG V 133 38.79 21.34 26.07
C ARG V 133 38.64 22.72 26.69
N GLN V 134 37.87 23.60 26.04
CA GLN V 134 37.75 24.97 26.49
C GLN V 134 36.52 25.18 27.36
N SER V 135 35.33 24.90 26.81
CA SER V 135 34.10 25.19 27.52
C SER V 135 33.98 24.37 28.81
N GLY V 136 34.58 23.18 28.84
CA GLY V 136 34.47 22.34 30.01
C GLY V 136 33.12 21.69 30.19
N LYS V 137 32.26 21.74 29.18
CA LYS V 137 30.96 21.08 29.26
C LYS V 137 31.09 19.60 28.91
N LYS V 138 30.26 18.79 29.55
CA LYS V 138 30.27 17.35 29.30
C LYS V 138 29.79 17.08 27.88
N ARG V 139 30.59 16.32 27.13
CA ARG V 139 30.29 16.03 25.73
C ARG V 139 29.27 14.91 25.56
N GLY V 140 28.95 14.16 26.62
CA GLY V 140 27.94 13.15 26.57
C GLY V 140 28.42 11.72 26.54
N PHE V 141 29.70 11.47 26.84
CA PHE V 141 30.21 10.11 26.83
C PHE V 141 31.48 10.06 27.69
N GLY V 142 31.81 8.85 28.13
CA GLY V 142 32.96 8.63 28.97
C GLY V 142 33.51 7.22 28.78
N PHE V 143 34.55 6.91 29.56
CA PHE V 143 35.22 5.62 29.48
C PHE V 143 35.37 5.03 30.88
N VAL V 144 35.23 3.72 30.97
CA VAL V 144 35.43 2.96 32.21
C VAL V 144 36.49 1.90 31.92
N THR V 145 37.56 1.90 32.72
CA THR V 145 38.65 0.96 32.56
C THR V 145 38.62 -0.02 33.72
N PHE V 146 38.48 -1.30 33.43
CA PHE V 146 38.50 -2.34 34.44
C PHE V 146 39.90 -2.95 34.54
N ASP V 147 40.08 -3.81 35.55
CA ASP V 147 41.32 -4.54 35.72
C ASP V 147 41.37 -5.80 34.86
N ASP V 148 40.29 -6.14 34.17
CA ASP V 148 40.24 -7.33 33.34
C ASP V 148 39.36 -7.04 32.13
N HIS V 149 39.53 -7.85 31.08
CA HIS V 149 38.75 -7.68 29.87
C HIS V 149 37.36 -8.29 29.99
N ASP V 150 37.19 -9.28 30.85
CA ASP V 150 35.91 -9.99 30.92
C ASP V 150 34.75 -9.09 31.31
N PRO V 151 34.86 -8.19 32.30
CA PRO V 151 33.73 -7.29 32.58
C PRO V 151 33.28 -6.53 31.35
N VAL V 152 34.22 -6.03 30.55
CA VAL V 152 33.87 -5.37 29.30
C VAL V 152 33.10 -6.34 28.40
N ASP V 153 33.61 -7.55 28.24
CA ASP V 153 32.96 -8.52 27.37
C ASP V 153 31.54 -8.81 27.83
N LYS V 154 31.32 -8.96 29.13
CA LYS V 154 29.99 -9.26 29.64
C LYS V 154 29.06 -8.07 29.48
N ILE V 155 29.57 -6.86 29.72
CA ILE V 155 28.74 -5.67 29.59
C ILE V 155 28.23 -5.52 28.17
N VAL V 156 29.09 -5.74 27.18
CA VAL V 156 28.73 -5.42 25.80
C VAL V 156 27.80 -6.45 25.18
N LEU V 157 27.56 -7.58 25.85
CA LEU V 157 26.56 -8.53 25.37
C LEU V 157 25.16 -7.91 25.41
N GLN V 158 24.97 -6.86 26.20
CA GLN V 158 23.76 -6.06 26.19
C GLN V 158 24.15 -4.69 25.69
N LYS V 159 23.75 -4.37 24.46
CA LYS V 159 24.24 -3.16 23.82
C LYS V 159 23.81 -1.90 24.57
N TYR V 160 22.58 -1.88 25.07
CA TYR V 160 22.00 -0.69 25.68
C TYR V 160 21.83 -0.90 27.18
N HIS V 161 22.23 0.10 27.96
CA HIS V 161 22.24 0.05 29.41
C HIS V 161 21.64 1.33 29.97
N THR V 162 20.58 1.19 30.76
CA THR V 162 19.94 2.36 31.38
C THR V 162 20.82 2.84 32.53
N ILE V 163 21.39 4.04 32.37
CA ILE V 163 22.29 4.63 33.35
C ILE V 163 21.83 6.06 33.59
N ASN V 164 21.55 6.39 34.86
CA ASN V 164 21.15 7.73 35.25
C ASN V 164 19.99 8.23 34.38
N GLY V 165 19.02 7.35 34.14
CA GLY V 165 17.84 7.72 33.39
C GLY V 165 18.06 7.91 31.91
N HIS V 166 19.17 7.42 31.37
CA HIS V 166 19.49 7.56 29.96
C HIS V 166 19.67 6.19 29.32
N ASN V 167 19.16 6.05 28.09
CA ASN V 167 19.49 4.91 27.25
C ASN V 167 20.92 5.10 26.76
N ALA V 168 21.87 4.47 27.42
CA ALA V 168 23.28 4.61 27.11
C ALA V 168 23.75 3.42 26.28
N GLU V 169 24.69 3.68 25.38
CA GLU V 169 25.23 2.67 24.49
C GLU V 169 26.67 2.36 24.90
N VAL V 170 26.99 1.07 25.01
CA VAL V 170 28.32 0.63 25.41
C VAL V 170 29.01 0.00 24.21
N ARG V 171 30.30 0.23 24.08
CA ARG V 171 31.11 -0.33 23.02
C ARG V 171 32.49 -0.64 23.60
N LYS V 172 33.13 -1.69 23.08
CA LYS V 172 34.51 -1.94 23.45
C LYS V 172 35.37 -0.77 22.96
N ALA V 173 36.23 -0.26 23.83
CA ALA V 173 36.99 0.93 23.51
C ALA V 173 38.02 0.64 22.42
N LEU V 174 38.03 1.47 21.39
CA LEU V 174 38.94 1.33 20.27
C LEU V 174 39.82 2.57 20.17
N SER V 175 41.04 2.34 19.69
CA SER V 175 41.96 3.44 19.41
C SER V 175 41.55 4.14 18.11
N ARG V 176 42.12 5.33 17.90
CA ARG V 176 41.81 6.09 16.69
C ARG V 176 42.17 5.28 15.45
N GLN V 177 43.32 4.61 15.47
CA GLN V 177 43.76 3.84 14.31
C GLN V 177 42.76 2.76 13.94
N GLU V 178 41.98 2.28 14.90
CA GLU V 178 41.03 1.21 14.66
C GLU V 178 39.65 1.70 14.26
N MET V 179 39.36 2.99 14.44
CA MET V 179 38.07 3.55 14.06
C MET V 179 38.19 4.29 12.74
N GLU W 2 4.46 -54.35 -6.95
CA GLU W 2 3.06 -54.70 -6.74
C GLU W 2 2.27 -54.57 -8.03
N LYS W 3 1.03 -55.08 -8.01
CA LYS W 3 0.20 -55.07 -9.20
C LYS W 3 -0.16 -53.64 -9.62
N GLU W 4 -0.53 -53.50 -10.89
CA GLU W 4 -0.88 -52.18 -11.42
C GLU W 4 -2.03 -51.56 -10.65
N GLN W 5 -2.97 -52.37 -10.13
CA GLN W 5 -4.09 -51.82 -9.38
C GLN W 5 -3.61 -51.03 -8.17
N PHE W 6 -2.46 -51.37 -7.62
CA PHE W 6 -1.94 -50.70 -6.43
C PHE W 6 -0.99 -49.56 -6.75
N ARG W 7 -0.61 -49.37 -8.01
CA ARG W 7 0.26 -48.28 -8.44
C ARG W 7 -0.43 -47.35 -9.43
N LYS W 8 -1.75 -47.42 -9.55
CA LYS W 8 -2.48 -46.69 -10.58
C LYS W 8 -3.36 -45.64 -9.94
N LEU W 9 -3.45 -44.48 -10.61
CA LEU W 9 -4.28 -43.37 -10.16
C LEU W 9 -5.31 -43.04 -11.22
N PHE W 10 -6.56 -42.94 -10.82
CA PHE W 10 -7.61 -42.40 -11.68
C PHE W 10 -7.53 -40.88 -11.66
N ILE W 11 -7.41 -40.27 -12.84
CA ILE W 11 -7.26 -38.83 -12.97
C ILE W 11 -8.56 -38.30 -13.58
N GLY W 12 -9.39 -37.69 -12.75
CA GLY W 12 -10.68 -37.19 -13.17
C GLY W 12 -10.66 -35.71 -13.51
N GLY W 13 -11.56 -35.31 -14.41
CA GLY W 13 -11.72 -33.91 -14.75
C GLY W 13 -10.66 -33.33 -15.65
N LEU W 14 -10.07 -34.12 -16.55
CA LEU W 14 -9.10 -33.59 -17.49
C LEU W 14 -9.77 -32.62 -18.45
N SER W 15 -9.04 -31.56 -18.83
CA SER W 15 -9.47 -30.73 -19.94
C SER W 15 -9.47 -31.57 -21.21
N PHE W 16 -10.49 -31.36 -22.05
CA PHE W 16 -10.61 -32.15 -23.27
C PHE W 16 -9.43 -31.95 -24.20
N GLU W 17 -8.63 -30.91 -24.01
CA GLU W 17 -7.44 -30.68 -24.83
C GLU W 17 -6.20 -31.38 -24.29
N THR W 18 -6.27 -31.96 -23.09
CA THR W 18 -5.13 -32.69 -22.56
C THR W 18 -4.96 -34.01 -23.28
N THR W 19 -3.72 -34.33 -23.62
CA THR W 19 -3.39 -35.56 -24.30
C THR W 19 -2.49 -36.40 -23.41
N GLU W 20 -2.34 -37.67 -23.79
CA GLU W 20 -1.49 -38.58 -23.02
C GLU W 20 -0.09 -38.01 -22.84
N GLU W 21 0.41 -37.27 -23.83
CA GLU W 21 1.73 -36.66 -23.72
C GLU W 21 1.76 -35.63 -22.60
N SER W 22 0.79 -34.71 -22.59
CA SER W 22 0.78 -33.66 -21.59
C SER W 22 0.49 -34.22 -20.20
N LEU W 23 -0.37 -35.24 -20.11
CA LEU W 23 -0.62 -35.88 -18.83
C LEU W 23 0.63 -36.59 -18.33
N ARG W 24 1.35 -37.28 -19.22
CA ARG W 24 2.58 -37.95 -18.83
C ARG W 24 3.60 -36.96 -18.30
N ASN W 25 3.78 -35.83 -19.01
CA ASN W 25 4.83 -34.89 -18.65
C ASN W 25 4.65 -34.38 -17.22
N TYR W 26 3.41 -34.20 -16.77
CA TYR W 26 3.17 -33.65 -15.45
C TYR W 26 3.47 -34.68 -14.36
N TYR W 27 2.86 -35.85 -14.44
CA TYR W 27 3.02 -36.85 -13.40
C TYR W 27 4.39 -37.52 -13.43
N GLU W 28 5.17 -37.33 -14.50
CA GLU W 28 6.55 -37.80 -14.49
C GLU W 28 7.41 -37.04 -13.48
N GLN W 29 6.90 -35.93 -12.95
CA GLN W 29 7.63 -35.19 -11.91
C GLN W 29 7.86 -36.03 -10.66
N TRP W 30 7.07 -37.09 -10.46
CA TRP W 30 7.13 -37.90 -9.24
C TRP W 30 7.64 -39.31 -9.48
N GLY W 31 8.12 -39.61 -10.68
CA GLY W 31 8.71 -40.90 -10.95
C GLY W 31 8.42 -41.33 -12.37
N LYS W 32 8.94 -42.51 -12.70
CA LYS W 32 8.74 -43.09 -14.01
C LYS W 32 7.36 -43.72 -14.12
N LEU W 33 6.68 -43.47 -15.23
CA LEU W 33 5.35 -44.00 -15.48
C LEU W 33 5.46 -45.26 -16.32
N THR W 34 4.79 -46.33 -15.87
CA THR W 34 4.72 -47.56 -16.63
C THR W 34 3.52 -47.59 -17.57
N ASP W 35 2.58 -46.65 -17.41
CA ASP W 35 1.43 -46.56 -18.28
C ASP W 35 0.81 -45.17 -18.12
N CYS W 36 0.18 -44.70 -19.19
CA CYS W 36 -0.47 -43.40 -19.20
C CYS W 36 -1.41 -43.36 -20.38
N VAL W 37 -2.66 -42.98 -20.14
CA VAL W 37 -3.69 -43.06 -21.17
C VAL W 37 -4.74 -41.99 -20.91
N VAL W 38 -5.20 -41.37 -22.00
CA VAL W 38 -6.37 -40.50 -21.99
C VAL W 38 -7.49 -41.26 -22.67
N MET W 39 -8.53 -41.60 -21.92
CA MET W 39 -9.63 -42.38 -22.47
C MET W 39 -10.48 -41.50 -23.38
N ARG W 40 -11.00 -42.11 -24.45
CA ARG W 40 -11.69 -41.35 -25.49
C ARG W 40 -12.91 -42.12 -25.97
N ASP W 41 -13.80 -41.39 -26.62
CA ASP W 41 -14.97 -42.01 -27.24
C ASP W 41 -14.52 -42.79 -28.47
N PRO W 42 -14.89 -44.07 -28.58
CA PRO W 42 -14.40 -44.85 -29.74
C PRO W 42 -14.78 -44.25 -31.08
N ALA W 43 -16.01 -43.73 -31.19
CA ALA W 43 -16.50 -43.23 -32.47
C ALA W 43 -15.80 -41.93 -32.86
N SER W 44 -15.90 -40.92 -32.00
CA SER W 44 -15.41 -39.59 -32.33
C SER W 44 -13.96 -39.36 -31.93
N LYS W 45 -13.40 -40.21 -31.07
CA LYS W 45 -12.05 -40.05 -30.56
C LYS W 45 -11.90 -38.82 -29.67
N ARG W 46 -13.01 -38.21 -29.26
CA ARG W 46 -12.94 -37.07 -28.36
C ARG W 46 -12.61 -37.52 -26.94
N SER W 47 -11.85 -36.68 -26.24
CA SER W 47 -11.47 -37.00 -24.87
C SER W 47 -12.70 -37.10 -23.98
N ARG W 48 -12.73 -38.14 -23.15
CA ARG W 48 -13.83 -38.34 -22.21
C ARG W 48 -13.64 -37.57 -20.90
N GLY W 49 -12.53 -36.87 -20.74
CA GLY W 49 -12.31 -36.05 -19.57
C GLY W 49 -11.64 -36.77 -18.41
N PHE W 50 -11.01 -37.92 -18.66
CA PHE W 50 -10.31 -38.62 -17.60
C PHE W 50 -9.28 -39.55 -18.24
N GLY W 51 -8.40 -40.07 -17.39
CA GLY W 51 -7.38 -40.99 -17.85
C GLY W 51 -6.78 -41.73 -16.67
N PHE W 52 -5.70 -42.45 -16.96
CA PHE W 52 -5.00 -43.22 -15.94
C PHE W 52 -3.50 -43.02 -16.10
N VAL W 53 -2.81 -43.01 -14.97
CA VAL W 53 -1.36 -43.04 -14.90
C VAL W 53 -0.95 -44.09 -13.89
N THR W 54 0.09 -44.85 -14.22
CA THR W 54 0.59 -45.94 -13.40
C THR W 54 2.05 -45.67 -13.07
N PHE W 55 2.35 -45.59 -11.78
CA PHE W 55 3.71 -45.32 -11.34
C PHE W 55 4.49 -46.62 -11.21
N SER W 56 5.82 -46.48 -11.13
CA SER W 56 6.71 -47.63 -11.04
C SER W 56 6.74 -48.25 -9.66
N SER W 57 6.21 -47.58 -8.64
CA SER W 57 6.21 -48.11 -7.29
C SER W 57 5.07 -47.47 -6.50
N MET W 58 4.54 -48.19 -5.54
CA MET W 58 3.42 -47.70 -4.70
C MET W 58 3.87 -46.41 -4.04
N ALA W 59 5.10 -46.38 -3.54
CA ALA W 59 5.71 -45.23 -2.83
C ALA W 59 5.70 -44.00 -3.73
N GLU W 60 5.97 -44.17 -5.02
CA GLU W 60 5.96 -43.07 -6.02
C GLU W 60 4.53 -42.47 -6.11
N VAL W 61 3.48 -43.29 -5.97
CA VAL W 61 2.08 -42.77 -5.99
C VAL W 61 1.96 -41.77 -4.83
N ASP W 62 2.22 -42.20 -3.60
CA ASP W 62 2.12 -41.37 -2.36
C ASP W 62 2.80 -40.01 -2.57
N ALA W 63 4.01 -39.98 -3.10
CA ALA W 63 4.73 -38.74 -3.41
C ALA W 63 3.86 -37.85 -4.29
N ALA W 64 3.12 -38.42 -5.24
CA ALA W 64 2.29 -37.60 -6.11
C ALA W 64 1.07 -37.07 -5.39
N MET W 65 0.38 -37.94 -4.63
CA MET W 65 -0.81 -37.51 -3.91
C MET W 65 -0.47 -36.61 -2.74
N ALA W 66 0.74 -36.71 -2.20
CA ALA W 66 1.14 -35.79 -1.14
C ALA W 66 1.32 -34.38 -1.67
N ALA W 67 1.42 -34.22 -3.00
CA ALA W 67 1.69 -32.92 -3.62
C ALA W 67 0.45 -32.29 -4.25
N ARG W 68 -0.74 -32.72 -3.85
CA ARG W 68 -1.96 -32.09 -4.36
C ARG W 68 -2.07 -30.67 -3.80
N PRO W 69 -2.83 -29.80 -4.49
CA PRO W 69 -3.61 -30.03 -5.70
C PRO W 69 -2.77 -30.12 -6.98
N HIS W 70 -3.33 -30.77 -8.00
CA HIS W 70 -2.69 -30.92 -9.30
C HIS W 70 -3.47 -30.13 -10.34
N SER W 71 -2.77 -29.33 -11.13
CA SER W 71 -3.37 -28.54 -12.20
C SER W 71 -2.73 -28.92 -13.53
N ILE W 72 -3.56 -29.24 -14.51
CA ILE W 72 -3.08 -29.73 -15.80
C ILE W 72 -3.75 -28.91 -16.90
N ASP W 73 -2.94 -28.30 -17.76
CA ASP W 73 -3.45 -27.55 -18.91
C ASP W 73 -4.49 -26.52 -18.47
N GLY W 74 -4.23 -25.89 -17.32
CA GLY W 74 -5.11 -24.85 -16.83
C GLY W 74 -6.34 -25.33 -16.10
N ARG W 75 -6.40 -26.62 -15.74
CA ARG W 75 -7.55 -27.18 -15.03
C ARG W 75 -7.05 -28.00 -13.85
N VAL W 76 -7.68 -27.81 -12.70
CA VAL W 76 -7.37 -28.61 -11.51
C VAL W 76 -8.04 -29.96 -11.65
N VAL W 77 -7.27 -31.03 -11.52
CA VAL W 77 -7.77 -32.38 -11.71
C VAL W 77 -7.94 -33.03 -10.33
N GLU W 78 -8.62 -34.18 -10.32
CA GLU W 78 -8.87 -34.93 -9.09
C GLU W 78 -8.29 -36.34 -9.23
N PRO W 79 -7.06 -36.56 -8.77
CA PRO W 79 -6.50 -37.92 -8.79
C PRO W 79 -7.09 -38.78 -7.68
N LYS W 80 -7.28 -40.06 -7.99
CA LYS W 80 -7.86 -41.01 -7.06
C LYS W 80 -7.20 -42.37 -7.24
N ARG W 81 -7.08 -43.11 -6.14
CA ARG W 81 -6.66 -44.50 -6.21
C ARG W 81 -7.62 -45.29 -7.10
N ALA W 82 -7.05 -46.13 -7.96
CA ALA W 82 -7.85 -46.83 -8.96
C ALA W 82 -8.74 -47.89 -8.30
N VAL W 83 -10.03 -47.84 -8.61
CA VAL W 83 -10.98 -48.87 -8.21
C VAL W 83 -11.01 -49.95 -9.28
N ALA W 84 -10.89 -51.20 -8.87
CA ALA W 84 -10.83 -52.30 -9.83
C ALA W 84 -12.12 -52.37 -10.64
N ARG W 85 -11.98 -52.82 -11.89
CA ARG W 85 -13.14 -52.97 -12.76
C ARG W 85 -14.14 -53.98 -12.21
N GLU W 86 -13.66 -54.98 -11.46
CA GLU W 86 -14.55 -55.99 -10.91
C GLU W 86 -15.54 -55.40 -9.91
N GLU W 87 -15.24 -54.22 -9.36
CA GLU W 87 -16.15 -53.58 -8.41
C GLU W 87 -17.28 -52.81 -9.09
N SER W 88 -17.25 -52.65 -10.41
CA SER W 88 -18.31 -51.93 -11.10
C SER W 88 -19.66 -52.60 -10.86
N GLY W 89 -20.67 -51.78 -10.58
CA GLY W 89 -21.99 -52.26 -10.26
C GLY W 89 -22.29 -52.33 -8.77
N LYS W 90 -21.25 -52.20 -7.90
CA LYS W 90 -21.48 -52.20 -6.46
C LYS W 90 -21.82 -50.78 -5.98
N PRO W 91 -22.75 -50.64 -5.03
CA PRO W 91 -23.03 -49.30 -4.50
C PRO W 91 -21.78 -48.66 -3.90
N GLY W 92 -21.52 -47.42 -4.30
CA GLY W 92 -20.40 -46.68 -3.75
C GLY W 92 -19.04 -47.05 -4.29
N ALA W 93 -18.98 -47.86 -5.35
CA ALA W 93 -17.69 -48.30 -5.87
C ALA W 93 -16.79 -47.11 -6.20
N HIS W 94 -17.36 -46.05 -6.77
CA HIS W 94 -16.59 -44.93 -7.27
C HIS W 94 -16.86 -43.63 -6.51
N VAL W 95 -17.51 -43.69 -5.36
CA VAL W 95 -17.78 -42.49 -4.57
C VAL W 95 -16.50 -42.10 -3.84
N THR W 96 -16.27 -40.80 -3.71
CA THR W 96 -15.11 -40.26 -3.00
C THR W 96 -15.59 -39.66 -1.69
N VAL W 97 -15.16 -40.26 -0.57
CA VAL W 97 -15.60 -39.84 0.75
C VAL W 97 -14.41 -39.83 1.70
N LYS W 98 -14.56 -39.08 2.79
CA LYS W 98 -13.55 -39.00 3.84
C LYS W 98 -13.86 -39.92 5.01
N LYS W 99 -14.99 -40.62 4.97
CA LYS W 99 -15.46 -41.43 6.09
C LYS W 99 -15.36 -42.91 5.75
N LEU W 100 -15.00 -43.72 6.74
CA LEU W 100 -14.72 -45.14 6.54
C LEU W 100 -15.57 -45.97 7.49
N PHE W 101 -16.24 -46.98 6.95
CA PHE W 101 -17.01 -47.94 7.75
C PHE W 101 -16.10 -49.09 8.17
N VAL W 102 -16.19 -49.47 9.44
CA VAL W 102 -15.42 -50.58 10.00
C VAL W 102 -16.40 -51.54 10.67
N GLY W 103 -16.41 -52.78 10.22
CA GLY W 103 -17.33 -53.78 10.75
C GLY W 103 -16.62 -54.86 11.54
N ASP W 108 -16.48 -54.39 22.70
CA ASP W 108 -15.32 -55.26 22.57
C ASP W 108 -14.11 -54.48 22.07
N THR W 109 -14.38 -53.48 21.25
CA THR W 109 -13.37 -52.62 20.65
C THR W 109 -13.61 -51.17 21.05
N GLU W 110 -12.53 -50.45 21.31
CA GLU W 110 -12.64 -49.06 21.76
C GLU W 110 -12.07 -48.12 20.71
N GLU W 111 -12.35 -46.83 20.92
CA GLU W 111 -11.95 -45.79 19.96
C GLU W 111 -10.45 -45.79 19.71
N HIS W 112 -9.66 -45.91 20.78
CA HIS W 112 -8.21 -45.76 20.65
C HIS W 112 -7.60 -46.86 19.79
N HIS W 113 -8.22 -48.04 19.78
CA HIS W 113 -7.70 -49.12 18.94
C HIS W 113 -7.72 -48.72 17.47
N LEU W 114 -8.83 -48.15 17.00
CA LEU W 114 -8.91 -47.71 15.62
C LEU W 114 -7.94 -46.55 15.36
N ARG W 115 -7.77 -45.66 16.32
CA ARG W 115 -6.85 -44.54 16.15
C ARG W 115 -5.43 -45.02 15.95
N ASP W 116 -4.95 -45.89 16.85
CA ASP W 116 -3.59 -46.40 16.74
C ASP W 116 -3.36 -47.11 15.41
N TYR W 117 -4.37 -47.85 14.94
CA TYR W 117 -4.22 -48.61 13.70
C TYR W 117 -4.29 -47.71 12.47
N PHE W 118 -5.27 -46.81 12.42
CA PHE W 118 -5.55 -46.03 11.23
C PHE W 118 -4.77 -44.72 11.18
N GLU W 119 -4.19 -44.28 12.30
CA GLU W 119 -3.48 -43.01 12.30
C GLU W 119 -2.33 -43.00 11.31
N GLU W 120 -1.75 -44.17 11.03
CA GLU W 120 -0.63 -44.25 10.09
C GLU W 120 -1.06 -43.92 8.66
N TYR W 121 -2.35 -44.03 8.35
CA TYR W 121 -2.82 -43.79 6.99
C TYR W 121 -3.08 -42.31 6.72
N GLY W 122 -3.28 -41.51 7.75
CA GLY W 122 -3.57 -40.10 7.56
C GLY W 122 -4.15 -39.50 8.82
N LYS W 123 -4.37 -38.19 8.75
CA LYS W 123 -4.90 -37.44 9.89
C LYS W 123 -6.36 -37.80 10.11
N ILE W 124 -6.67 -38.29 11.30
CA ILE W 124 -8.03 -38.71 11.65
C ILE W 124 -8.78 -37.52 12.25
N ASP W 125 -9.96 -37.24 11.71
CA ASP W 125 -10.80 -36.16 12.21
C ASP W 125 -11.68 -36.59 13.37
N THR W 126 -12.38 -37.71 13.23
CA THR W 126 -13.26 -38.20 14.28
C THR W 126 -13.33 -39.72 14.21
N ILE W 127 -13.69 -40.34 15.33
CA ILE W 127 -13.89 -41.78 15.42
C ILE W 127 -15.19 -42.04 16.19
N GLU W 128 -16.00 -42.97 15.68
CA GLU W 128 -17.27 -43.30 16.29
C GLU W 128 -17.41 -44.81 16.42
N ILE W 129 -17.70 -45.29 17.63
CA ILE W 129 -18.01 -46.70 17.88
C ILE W 129 -19.50 -46.78 18.19
N ILE W 130 -20.26 -47.45 17.32
CA ILE W 130 -21.71 -47.47 17.43
C ILE W 130 -22.12 -48.37 18.60
N THR W 131 -23.11 -47.92 19.36
CA THR W 131 -23.62 -48.68 20.49
C THR W 131 -25.15 -48.75 20.46
N LYS W 137 -23.99 -52.02 25.50
CA LYS W 137 -24.36 -52.81 24.34
C LYS W 137 -23.68 -52.28 23.08
N LYS W 138 -22.35 -52.30 23.08
CA LYS W 138 -21.58 -51.79 21.95
C LYS W 138 -21.79 -52.67 20.71
N PHE W 141 -19.41 -52.24 15.51
CA PHE W 141 -18.84 -51.59 14.33
C PHE W 141 -18.77 -50.08 14.56
N GLY W 142 -17.93 -49.39 13.78
CA GLY W 142 -17.74 -47.97 13.96
C GLY W 142 -17.34 -47.28 12.67
N PHE W 143 -17.12 -45.98 12.78
CA PHE W 143 -16.77 -45.13 11.64
C PHE W 143 -15.55 -44.30 11.97
N VAL W 144 -14.68 -44.09 10.97
CA VAL W 144 -13.50 -43.25 11.08
C VAL W 144 -13.56 -42.18 10.01
N THR W 145 -13.48 -40.91 10.42
CA THR W 145 -13.53 -39.78 9.51
C THR W 145 -12.16 -39.11 9.44
N PHE W 146 -11.58 -39.08 8.25
CA PHE W 146 -10.31 -38.40 8.00
C PHE W 146 -10.56 -37.00 7.46
N ASP W 147 -9.48 -36.23 7.35
CA ASP W 147 -9.54 -34.91 6.75
C ASP W 147 -9.46 -34.93 5.23
N ASP W 148 -9.25 -36.10 4.63
CA ASP W 148 -9.16 -36.21 3.18
C ASP W 148 -9.70 -37.56 2.76
N HIS W 149 -10.05 -37.66 1.47
CA HIS W 149 -10.60 -38.90 0.94
C HIS W 149 -9.53 -39.95 0.66
N ASP W 150 -8.29 -39.55 0.43
CA ASP W 150 -7.27 -40.51 0.02
C ASP W 150 -7.02 -41.60 1.06
N PRO W 151 -6.93 -41.30 2.36
CA PRO W 151 -6.77 -42.42 3.31
C PRO W 151 -7.87 -43.46 3.19
N VAL W 152 -9.12 -43.03 3.08
CA VAL W 152 -10.22 -43.99 2.93
C VAL W 152 -9.97 -44.87 1.72
N ASP W 153 -9.58 -44.26 0.61
CA ASP W 153 -9.35 -45.02 -0.62
C ASP W 153 -8.29 -46.10 -0.42
N LYS W 154 -7.21 -45.78 0.30
CA LYS W 154 -6.12 -46.74 0.46
C LYS W 154 -6.49 -47.91 1.38
N ILE W 155 -7.21 -47.65 2.47
CA ILE W 155 -7.57 -48.75 3.37
C ILE W 155 -8.40 -49.79 2.62
N VAL W 156 -9.34 -49.34 1.80
CA VAL W 156 -10.29 -50.26 1.17
C VAL W 156 -9.68 -51.04 0.03
N LEU W 157 -8.46 -50.70 -0.42
CA LEU W 157 -7.77 -51.56 -1.37
C LEU W 157 -7.48 -52.93 -0.78
N GLN W 158 -7.51 -53.04 0.54
CA GLN W 158 -7.47 -54.32 1.23
C GLN W 158 -8.83 -54.46 1.90
N LYS W 159 -9.69 -55.30 1.32
CA LYS W 159 -11.08 -55.50 1.79
C LYS W 159 -11.08 -55.72 3.30
N TYR W 160 -10.63 -56.87 3.78
CA TYR W 160 -10.67 -57.25 5.21
C TYR W 160 -9.35 -56.85 5.87
N HIS W 161 -9.36 -56.03 6.94
CA HIS W 161 -8.16 -55.58 7.68
C HIS W 161 -7.96 -56.33 8.99
N THR W 162 -8.94 -57.16 9.42
CA THR W 162 -8.97 -58.07 10.60
C THR W 162 -10.36 -58.70 10.62
N ILE W 163 -10.49 -60.00 10.91
CA ILE W 163 -11.79 -60.71 10.90
C ILE W 163 -12.57 -60.33 12.16
N VAL W 170 -13.84 -53.61 6.12
CA VAL W 170 -13.91 -52.16 6.02
C VAL W 170 -14.61 -51.79 4.71
N ARG W 171 -15.42 -50.74 4.76
CA ARG W 171 -16.18 -50.28 3.60
C ARG W 171 -16.22 -48.75 3.58
N LYS W 172 -16.27 -48.17 2.39
CA LYS W 172 -16.50 -46.73 2.29
C LYS W 172 -17.88 -46.39 2.82
N ALA W 173 -17.95 -45.34 3.63
CA ALA W 173 -19.19 -44.97 4.29
C ALA W 173 -20.18 -44.43 3.28
N LEU W 174 -21.39 -44.97 3.29
CA LEU W 174 -22.47 -44.56 2.42
C LEU W 174 -23.66 -44.08 3.25
N SER W 175 -24.39 -43.13 2.70
CA SER W 175 -25.62 -42.67 3.33
C SER W 175 -26.74 -43.69 3.13
N ARG W 176 -27.80 -43.54 3.91
CA ARG W 176 -28.95 -44.45 3.78
C ARG W 176 -29.53 -44.40 2.38
N GLN W 177 -29.47 -43.24 1.72
CA GLN W 177 -30.01 -43.12 0.37
C GLN W 177 -29.24 -43.97 -0.63
N GLU W 178 -27.95 -44.18 -0.39
CA GLU W 178 -27.11 -44.92 -1.32
C GLU W 178 -27.06 -46.42 -1.04
N MET W 179 -27.51 -46.85 0.14
CA MET W 179 -27.51 -48.28 0.45
C MET W 179 -28.90 -48.87 0.33
N ARG X 1 33.92 62.78 -17.93
CA ARG X 1 33.72 61.41 -17.44
C ARG X 1 32.63 61.36 -16.38
N GLU X 2 32.37 60.17 -15.88
CA GLU X 2 31.43 59.98 -14.79
C GLU X 2 32.16 59.97 -13.45
N LYS X 3 31.40 60.23 -12.38
CA LYS X 3 31.97 60.24 -11.06
C LYS X 3 32.52 58.86 -10.70
N GLU X 4 33.46 58.83 -9.75
CA GLU X 4 34.06 57.57 -9.35
C GLU X 4 33.04 56.57 -8.86
N GLN X 5 31.94 57.05 -8.26
CA GLN X 5 30.91 56.13 -7.77
C GLN X 5 30.40 55.22 -8.88
N PHE X 6 30.45 55.69 -10.12
CA PHE X 6 29.98 54.90 -11.25
C PHE X 6 31.08 54.10 -11.94
N ARG X 7 32.35 54.29 -11.53
CA ARG X 7 33.46 53.57 -12.12
C ARG X 7 34.22 52.72 -11.12
N LYS X 8 33.66 52.48 -9.94
CA LYS X 8 34.36 51.79 -8.86
C LYS X 8 33.67 50.46 -8.56
N LEU X 9 34.47 49.43 -8.30
CA LEU X 9 33.98 48.10 -7.97
C LEU X 9 34.47 47.68 -6.60
N PHE X 10 33.54 47.24 -5.76
CA PHE X 10 33.90 46.55 -4.52
C PHE X 10 34.20 45.09 -4.84
N ILE X 11 35.38 44.64 -4.44
CA ILE X 11 35.83 43.27 -4.69
C ILE X 11 35.84 42.57 -3.34
N GLY X 12 34.83 41.73 -3.11
CA GLY X 12 34.69 41.03 -1.84
C GLY X 12 35.25 39.62 -1.90
N GLY X 13 35.70 39.14 -0.74
CA GLY X 13 36.17 37.78 -0.63
C GLY X 13 37.54 37.52 -1.22
N LEU X 14 38.41 38.52 -1.20
CA LEU X 14 39.77 38.32 -1.70
C LEU X 14 40.52 37.33 -0.83
N SER X 15 41.39 36.54 -1.46
CA SER X 15 42.34 35.74 -0.71
C SER X 15 43.25 36.68 0.08
N PHE X 16 43.53 36.31 1.32
CA PHE X 16 44.37 37.16 2.17
C PHE X 16 45.77 37.35 1.59
N GLU X 17 46.15 36.56 0.58
CA GLU X 17 47.43 36.73 -0.08
C GLU X 17 47.38 37.73 -1.24
N THR X 18 46.19 38.18 -1.63
CA THR X 18 46.07 39.13 -2.72
C THR X 18 46.65 40.48 -2.31
N THR X 19 47.46 41.06 -3.18
CA THR X 19 48.07 42.37 -2.95
C THR X 19 47.57 43.36 -4.00
N GLU X 20 47.85 44.64 -3.75
CA GLU X 20 47.42 45.68 -4.69
C GLU X 20 48.05 45.48 -6.06
N GLU X 21 49.25 44.90 -6.11
CA GLU X 21 49.92 44.66 -7.39
C GLU X 21 49.16 43.62 -8.21
N SER X 22 48.85 42.48 -7.59
CA SER X 22 48.16 41.41 -8.32
C SER X 22 46.73 41.82 -8.65
N LEU X 23 46.08 42.56 -7.76
CA LEU X 23 44.75 43.07 -8.05
C LEU X 23 44.79 44.08 -9.19
N ARG X 24 45.82 44.91 -9.23
CA ARG X 24 46.01 45.84 -10.34
C ARG X 24 46.13 45.09 -11.66
N ASN X 25 47.08 44.16 -11.73
CA ASN X 25 47.36 43.47 -13.00
C ASN X 25 46.15 42.74 -13.53
N TYR X 26 45.29 42.20 -12.66
CA TYR X 26 44.17 41.42 -13.13
C TYR X 26 43.09 42.30 -13.77
N TYR X 27 42.62 43.30 -13.03
CA TYR X 27 41.53 44.13 -13.54
C TYR X 27 41.99 45.11 -14.61
N GLU X 28 43.29 45.30 -14.79
CA GLU X 28 43.77 46.08 -15.92
C GLU X 28 43.49 45.42 -17.26
N GLN X 29 43.06 44.14 -17.26
CA GLN X 29 42.71 43.47 -18.50
C GLN X 29 41.58 44.17 -19.23
N TRP X 30 40.77 44.97 -18.55
CA TRP X 30 39.59 45.58 -19.13
C TRP X 30 39.71 47.09 -19.26
N GLY X 31 40.88 47.65 -18.99
CA GLY X 31 41.09 49.07 -19.17
C GLY X 31 42.07 49.59 -18.13
N LYS X 32 42.31 50.90 -18.21
CA LYS X 32 43.23 51.55 -17.29
C LYS X 32 42.54 51.80 -15.95
N LEU X 33 43.24 51.50 -14.86
CA LEU X 33 42.71 51.71 -13.52
C LEU X 33 43.26 53.03 -12.98
N THR X 34 42.37 53.88 -12.49
CA THR X 34 42.76 55.13 -11.85
C THR X 34 42.99 54.95 -10.35
N ASP X 35 42.60 53.81 -9.79
CA ASP X 35 42.79 53.56 -8.37
C ASP X 35 42.69 52.06 -8.12
N CYS X 36 43.40 51.61 -7.09
CA CYS X 36 43.39 50.20 -6.70
C CYS X 36 43.95 50.12 -5.28
N VAL X 37 43.23 49.43 -4.41
CA VAL X 37 43.60 49.39 -3.00
C VAL X 37 43.08 48.09 -2.39
N VAL X 38 43.91 47.49 -1.53
CA VAL X 38 43.49 46.39 -0.67
C VAL X 38 43.38 46.96 0.75
N MET X 39 42.21 46.82 1.35
CA MET X 39 41.99 47.37 2.67
C MET X 39 42.59 46.45 3.72
N ARG X 40 43.15 47.05 4.78
CA ARG X 40 43.85 46.30 5.82
C ARG X 40 43.55 46.93 7.18
N ASP X 41 43.58 46.08 8.21
CA ASP X 41 43.43 46.57 9.57
C ASP X 41 44.74 47.23 10.01
N PRO X 42 44.70 48.47 10.52
CA PRO X 42 45.95 49.17 10.84
C PRO X 42 46.73 48.49 11.98
N SER X 44 48.46 45.95 12.53
CA SER X 44 48.57 44.55 12.17
C SER X 44 48.79 44.41 10.67
N LYS X 45 48.17 45.31 9.90
CA LYS X 45 48.34 45.35 8.46
C LYS X 45 47.79 44.11 7.77
N ARG X 46 46.99 43.31 8.48
CA ARG X 46 46.41 42.12 7.87
C ARG X 46 45.31 42.51 6.90
N SER X 47 45.21 41.75 5.80
CA SER X 47 44.18 42.00 4.79
C SER X 47 42.79 41.78 5.37
N ARG X 48 41.88 42.70 5.06
CA ARG X 48 40.50 42.61 5.49
C ARG X 48 39.64 41.74 4.58
N GLY X 49 40.21 41.23 3.48
CA GLY X 49 39.48 40.34 2.60
C GLY X 49 38.67 41.03 1.53
N PHE X 50 38.94 42.30 1.25
CA PHE X 50 38.23 43.02 0.20
C PHE X 50 39.06 44.22 -0.24
N GLY X 51 38.65 44.81 -1.35
CA GLY X 51 39.31 45.98 -1.86
C GLY X 51 38.44 46.69 -2.88
N PHE X 52 39.05 47.67 -3.55
CA PHE X 52 38.35 48.44 -4.57
C PHE X 52 39.26 48.63 -5.77
N VAL X 53 38.64 48.65 -6.96
CA VAL X 53 39.31 49.03 -8.20
C VAL X 53 38.43 50.02 -8.93
N THR X 54 39.06 51.04 -9.49
CA THR X 54 38.38 52.12 -10.20
C THR X 54 38.90 52.19 -11.61
N PHE X 55 38.01 52.02 -12.59
CA PHE X 55 38.37 52.09 -13.99
C PHE X 55 38.28 53.52 -14.51
N SER X 56 38.87 53.74 -15.68
CA SER X 56 38.86 55.05 -16.30
C SER X 56 37.53 55.41 -16.93
N SER X 57 36.63 54.44 -17.10
CA SER X 57 35.33 54.70 -17.70
C SER X 57 34.37 53.62 -17.23
N MET X 58 33.07 53.94 -17.29
CA MET X 58 32.06 52.96 -16.92
C MET X 58 32.00 51.81 -17.93
N ALA X 59 32.29 52.10 -19.20
CA ALA X 59 32.29 51.05 -20.22
C ALA X 59 33.28 49.95 -19.86
N GLU X 60 34.42 50.33 -19.28
CA GLU X 60 35.41 49.33 -18.87
C GLU X 60 34.91 48.50 -17.70
N VAL X 61 34.11 49.11 -16.81
CA VAL X 61 33.52 48.36 -15.70
C VAL X 61 32.55 47.32 -16.24
N ASP X 62 31.67 47.73 -17.15
CA ASP X 62 30.72 46.79 -17.74
C ASP X 62 31.44 45.63 -18.40
N ALA X 63 32.55 45.90 -19.09
CA ALA X 63 33.31 44.84 -19.72
C ALA X 63 33.87 43.87 -18.67
N ALA X 64 34.41 44.41 -17.59
CA ALA X 64 34.93 43.55 -16.53
C ALA X 64 33.82 42.72 -15.90
N MET X 65 32.68 43.35 -15.63
CA MET X 65 31.57 42.63 -15.02
C MET X 65 30.94 41.64 -15.98
N ALA X 66 31.03 41.89 -17.29
CA ALA X 66 30.53 40.95 -18.27
C ALA X 66 31.39 39.68 -18.34
N ALA X 67 32.60 39.72 -17.80
CA ALA X 67 33.54 38.61 -17.88
C ALA X 67 33.63 37.82 -16.57
N ARG X 68 32.58 37.86 -15.75
CA ARG X 68 32.55 37.05 -14.54
C ARG X 68 32.32 35.59 -14.92
N PRO X 69 32.72 34.65 -14.04
CA PRO X 69 33.32 34.88 -12.72
C PRO X 69 34.77 35.34 -12.78
N HIS X 70 35.23 35.96 -11.70
CA HIS X 70 36.60 36.44 -11.57
C HIS X 70 37.31 35.64 -10.49
N SER X 71 38.51 35.18 -10.80
CA SER X 71 39.33 34.43 -9.85
C SER X 71 40.66 35.14 -9.67
N ILE X 72 41.04 35.37 -8.42
CA ILE X 72 42.26 36.11 -8.07
C ILE X 72 43.05 35.26 -7.09
N ASP X 73 44.30 34.96 -7.43
CA ASP X 73 45.19 34.23 -6.53
C ASP X 73 44.55 32.94 -6.05
N GLY X 74 43.84 32.27 -6.95
CA GLY X 74 43.23 30.99 -6.65
C GLY X 74 41.91 31.06 -5.91
N ARG X 75 41.28 32.23 -5.85
CA ARG X 75 39.99 32.40 -5.19
C ARG X 75 39.05 33.15 -6.12
N VAL X 76 37.81 32.66 -6.21
CA VAL X 76 36.78 33.36 -6.97
C VAL X 76 36.26 34.51 -6.13
N VAL X 77 36.27 35.71 -6.70
CA VAL X 77 35.89 36.90 -5.98
C VAL X 77 34.51 37.33 -6.44
N GLU X 78 33.92 38.28 -5.72
CA GLU X 78 32.59 38.81 -6.04
C GLU X 78 32.67 40.30 -6.27
N PRO X 79 32.83 40.77 -7.51
CA PRO X 79 32.81 42.21 -7.76
C PRO X 79 31.40 42.76 -7.70
N LYS X 80 31.30 44.00 -7.21
CA LYS X 80 30.02 44.66 -7.05
C LYS X 80 30.18 46.15 -7.35
N ARG X 81 29.12 46.74 -7.90
CA ARG X 81 29.07 48.18 -8.05
C ARG X 81 29.23 48.83 -6.68
N ALA X 82 30.04 49.87 -6.60
CA ALA X 82 30.38 50.48 -5.32
C ALA X 82 29.16 51.20 -4.74
N VAL X 83 28.84 50.88 -3.50
CA VAL X 83 27.81 51.59 -2.74
C VAL X 83 28.49 52.72 -1.96
N ALA X 84 27.95 53.93 -2.10
CA ALA X 84 28.56 55.10 -1.48
C ALA X 84 28.59 54.96 0.04
N ARG X 85 29.60 55.59 0.64
CA ARG X 85 29.72 55.58 2.10
C ARG X 85 28.51 56.21 2.77
N GLU X 86 27.89 57.18 2.11
CA GLU X 86 26.73 57.86 2.69
C GLU X 86 25.55 56.93 2.92
N GLU X 87 25.52 55.78 2.23
CA GLU X 87 24.43 54.83 2.41
C GLU X 87 24.63 53.92 3.62
N SER X 88 25.80 53.97 4.26
CA SER X 88 26.06 53.14 5.43
C SER X 88 25.07 53.47 6.54
N GLY X 89 24.53 52.44 7.17
CA GLY X 89 23.53 52.58 8.21
C GLY X 89 22.11 52.41 7.72
N LYS X 90 21.90 52.41 6.41
CA LYS X 90 20.57 52.23 5.84
C LYS X 90 20.26 50.74 5.66
N PRO X 91 19.04 50.31 5.93
CA PRO X 91 18.69 48.90 5.69
C PRO X 91 18.88 48.54 4.22
N GLY X 92 19.56 47.43 3.98
CA GLY X 92 19.76 46.93 2.63
C GLY X 92 20.83 47.63 1.83
N ALA X 93 21.62 48.50 2.45
CA ALA X 93 22.63 49.25 1.70
C ALA X 93 23.56 48.32 0.94
N HIS X 94 23.96 47.20 1.55
CA HIS X 94 25.00 46.34 1.01
C HIS X 94 24.51 44.95 0.63
N VAL X 95 23.20 44.73 0.53
CA VAL X 95 22.69 43.43 0.14
C VAL X 95 22.83 43.26 -1.36
N THR X 96 23.12 42.04 -1.78
CA THR X 96 23.25 41.70 -3.19
C THR X 96 22.03 40.86 -3.58
N VAL X 97 21.18 41.40 -4.46
CA VAL X 97 19.95 40.76 -4.86
C VAL X 97 19.73 40.92 -6.35
N LYS X 98 18.89 40.06 -6.91
CA LYS X 98 18.51 40.12 -8.31
C LYS X 98 17.18 40.82 -8.51
N LYS X 99 16.52 41.23 -7.44
CA LYS X 99 15.17 41.76 -7.49
C LYS X 99 15.18 43.25 -7.20
N LEU X 100 14.32 43.99 -7.89
CA LEU X 100 14.30 45.44 -7.80
C LEU X 100 12.91 45.92 -7.43
N PHE X 101 12.83 46.78 -6.41
CA PHE X 101 11.58 47.43 -6.05
C PHE X 101 11.43 48.71 -6.85
N VAL X 102 10.24 48.93 -7.41
CA VAL X 102 9.95 50.12 -8.20
C VAL X 102 8.67 50.75 -7.64
N GLY X 103 8.79 51.96 -7.11
CA GLY X 103 7.66 52.67 -6.54
C GLY X 103 7.35 53.94 -7.29
N GLY X 104 6.14 54.46 -7.10
CA GLY X 104 5.74 55.69 -7.77
C GLY X 104 5.20 55.50 -9.17
N ILE X 105 4.81 54.28 -9.53
CA ILE X 105 4.31 54.02 -10.88
C ILE X 105 2.79 54.13 -10.96
N LYS X 106 2.09 54.18 -9.83
CA LYS X 106 0.66 54.41 -9.80
C LYS X 106 -0.09 53.34 -10.58
N GLU X 107 -1.32 53.64 -11.00
CA GLU X 107 -2.23 52.63 -11.52
C GLU X 107 -2.22 52.51 -13.04
N ASP X 108 -1.56 53.43 -13.75
CA ASP X 108 -1.57 53.43 -15.21
C ASP X 108 -0.31 52.83 -15.81
N THR X 109 0.43 52.02 -15.05
CA THR X 109 1.66 51.39 -15.51
C THR X 109 1.47 49.88 -15.48
N GLU X 110 1.87 49.22 -16.56
CA GLU X 110 1.73 47.79 -16.73
C GLU X 110 3.11 47.17 -16.90
N GLU X 111 3.14 45.83 -16.96
CA GLU X 111 4.41 45.12 -17.05
C GLU X 111 5.26 45.63 -18.21
N HIS X 112 4.64 45.87 -19.37
CA HIS X 112 5.43 46.23 -20.55
C HIS X 112 6.14 47.56 -20.36
N HIS X 113 5.57 48.47 -19.56
CA HIS X 113 6.26 49.71 -19.27
C HIS X 113 7.57 49.45 -18.54
N LEU X 114 7.53 48.56 -17.54
CA LEU X 114 8.75 48.19 -16.84
C LEU X 114 9.69 47.42 -17.76
N ARG X 115 9.15 46.49 -18.54
CA ARG X 115 9.96 45.75 -19.50
C ARG X 115 10.72 46.70 -20.42
N ASP X 116 10.02 47.67 -21.01
CA ASP X 116 10.63 48.55 -21.99
C ASP X 116 11.74 49.40 -21.36
N TYR X 117 11.53 49.87 -20.14
CA TYR X 117 12.50 50.76 -19.51
C TYR X 117 13.73 50.01 -19.01
N PHE X 118 13.52 48.90 -18.28
CA PHE X 118 14.61 48.26 -17.58
C PHE X 118 15.32 47.19 -18.40
N GLU X 119 14.75 46.73 -19.51
CA GLU X 119 15.36 45.64 -20.25
C GLU X 119 16.70 46.03 -20.87
N GLU X 120 17.05 47.31 -20.86
CA GLU X 120 18.38 47.74 -21.31
C GLU X 120 19.45 47.43 -20.29
N TYR X 121 19.08 47.23 -19.02
CA TYR X 121 20.05 46.99 -17.96
C TYR X 121 20.48 45.53 -17.87
N GLY X 122 19.68 44.60 -18.37
CA GLY X 122 20.01 43.20 -18.28
C GLY X 122 18.80 42.33 -18.55
N LYS X 123 19.07 41.03 -18.56
CA LYS X 123 18.03 40.05 -18.84
C LYS X 123 17.04 40.00 -17.67
N ILE X 124 15.77 40.19 -17.98
CA ILE X 124 14.71 40.19 -16.98
C ILE X 124 14.11 38.79 -16.91
N ASP X 125 14.04 38.24 -15.70
CA ASP X 125 13.42 36.93 -15.47
C ASP X 125 11.92 37.03 -15.27
N THR X 126 11.48 37.94 -14.41
CA THR X 126 10.05 38.12 -14.14
C THR X 126 9.79 39.56 -13.77
N ILE X 127 8.53 39.97 -13.93
CA ILE X 127 8.04 41.30 -13.55
C ILE X 127 6.75 41.12 -12.78
N GLU X 128 6.59 41.89 -11.70
CA GLU X 128 5.41 41.81 -10.85
C GLU X 128 4.86 43.22 -10.65
N ILE X 129 3.58 43.40 -10.96
CA ILE X 129 2.87 44.63 -10.68
C ILE X 129 1.92 44.32 -9.53
N ILE X 130 2.18 44.90 -8.36
CA ILE X 130 1.42 44.54 -7.17
C ILE X 130 0.03 45.13 -7.26
N THR X 131 -0.97 44.35 -6.87
CA THR X 131 -2.37 44.76 -6.90
C THR X 131 -3.01 44.44 -5.57
N ASP X 132 -4.14 45.10 -5.31
CA ASP X 132 -4.91 44.80 -4.11
C ASP X 132 -5.56 43.43 -4.25
N ARG X 133 -5.44 42.61 -3.20
CA ARG X 133 -5.95 41.25 -3.27
C ARG X 133 -7.47 41.22 -3.41
N GLN X 134 -8.15 42.12 -2.71
CA GLN X 134 -9.61 42.11 -2.74
C GLN X 134 -10.16 42.87 -3.95
N SER X 135 -9.75 44.12 -4.12
CA SER X 135 -10.32 44.97 -5.15
C SER X 135 -9.70 44.71 -6.53
N GLY X 136 -8.44 44.29 -6.57
CA GLY X 136 -7.75 44.11 -7.83
C GLY X 136 -7.10 45.36 -8.39
N LYS X 137 -7.16 46.47 -7.66
CA LYS X 137 -6.56 47.72 -8.12
C LYS X 137 -5.05 47.68 -7.93
N LYS X 138 -4.32 48.24 -8.90
CA LYS X 138 -2.89 48.36 -8.77
C LYS X 138 -2.54 49.22 -7.56
N ARG X 139 -1.56 48.78 -6.79
CA ARG X 139 -1.15 49.48 -5.58
C ARG X 139 -0.03 50.48 -5.82
N GLY X 140 0.40 50.65 -7.07
CA GLY X 140 1.37 51.68 -7.40
C GLY X 140 2.82 51.30 -7.26
N PHE X 141 3.14 50.01 -7.23
CA PHE X 141 4.53 49.58 -7.19
C PHE X 141 4.60 48.13 -7.67
N GLY X 142 5.80 47.74 -8.08
CA GLY X 142 6.02 46.40 -8.58
C GLY X 142 7.45 45.98 -8.36
N PHE X 143 7.77 44.77 -8.82
CA PHE X 143 9.11 44.21 -8.67
C PHE X 143 9.61 43.71 -10.02
N VAL X 144 10.91 43.89 -10.25
CA VAL X 144 11.57 43.40 -11.45
C VAL X 144 12.72 42.51 -10.98
N THR X 145 12.71 41.26 -11.46
CA THR X 145 13.72 40.27 -11.10
C THR X 145 14.59 40.00 -12.31
N PHE X 146 15.89 40.23 -12.18
CA PHE X 146 16.86 39.95 -13.22
C PHE X 146 17.47 38.57 -12.98
N ASP X 147 18.23 38.11 -13.97
CA ASP X 147 18.96 36.85 -13.83
C ASP X 147 20.28 37.04 -13.09
N ASP X 148 20.65 38.27 -12.80
CA ASP X 148 21.90 38.56 -12.10
C ASP X 148 21.69 39.79 -11.22
N HIS X 149 22.57 39.95 -10.25
CA HIS X 149 22.48 41.07 -9.32
C HIS X 149 23.04 42.36 -9.90
N ASP X 150 23.96 42.28 -10.86
CA ASP X 150 24.62 43.48 -11.36
C ASP X 150 23.66 44.49 -11.98
N PRO X 151 22.68 44.11 -12.79
CA PRO X 151 21.73 45.11 -13.30
C PRO X 151 21.06 45.90 -12.19
N VAL X 152 20.62 45.22 -11.12
CA VAL X 152 20.01 45.92 -10.00
C VAL X 152 20.99 46.92 -9.41
N ASP X 153 22.22 46.48 -9.15
CA ASP X 153 23.22 47.36 -8.53
C ASP X 153 23.45 48.59 -9.38
N LYS X 154 23.51 48.43 -10.70
CA LYS X 154 23.73 49.57 -11.58
C LYS X 154 22.52 50.50 -11.60
N ILE X 155 21.32 49.92 -11.57
CA ILE X 155 20.11 50.72 -11.60
C ILE X 155 20.03 51.62 -10.36
N VAL X 156 20.36 51.07 -9.19
CA VAL X 156 20.11 51.80 -7.94
C VAL X 156 21.13 52.90 -7.72
N LEU X 157 22.17 53.00 -8.55
CA LEU X 157 23.07 54.13 -8.48
C LEU X 157 22.37 55.43 -8.85
N GLN X 158 21.23 55.35 -9.54
CA GLN X 158 20.37 56.49 -9.81
C GLN X 158 19.05 56.26 -9.10
N LYS X 159 18.80 57.04 -8.05
CA LYS X 159 17.65 56.78 -7.19
C LYS X 159 16.34 56.93 -7.93
N TYR X 160 16.23 57.95 -8.78
CA TYR X 160 14.96 58.31 -9.43
C TYR X 160 15.02 58.02 -10.92
N HIS X 161 13.95 57.39 -11.43
CA HIS X 161 13.85 56.95 -12.81
C HIS X 161 12.49 57.33 -13.37
N THR X 162 12.47 58.09 -14.46
CA THR X 162 11.21 58.47 -15.10
C THR X 162 10.68 57.28 -15.89
N ILE X 163 9.53 56.76 -15.48
CA ILE X 163 8.90 55.59 -16.10
C ILE X 163 7.43 55.92 -16.35
N ASN X 164 7.00 55.83 -17.60
CA ASN X 164 5.60 56.06 -17.97
C ASN X 164 5.11 57.40 -17.40
N GLY X 165 5.93 58.43 -17.53
CA GLY X 165 5.56 59.75 -17.08
C GLY X 165 5.47 59.91 -15.58
N HIS X 166 6.14 59.06 -14.81
CA HIS X 166 6.11 59.12 -13.35
C HIS X 166 7.52 59.21 -12.80
N ASN X 167 7.69 59.98 -11.74
CA ASN X 167 8.94 59.99 -10.98
C ASN X 167 8.95 58.74 -10.10
N ALA X 168 9.64 57.70 -10.57
CA ALA X 168 9.67 56.43 -9.87
C ALA X 168 10.93 56.32 -9.03
N GLU X 169 10.82 55.55 -7.95
CA GLU X 169 11.93 55.33 -7.02
C GLU X 169 12.28 53.86 -7.01
N VAL X 170 13.58 53.57 -7.14
CA VAL X 170 14.07 52.19 -7.22
C VAL X 170 14.81 51.87 -5.93
N ARG X 171 14.62 50.65 -5.45
CA ARG X 171 15.29 50.16 -4.26
C ARG X 171 15.60 48.68 -4.46
N LYS X 172 16.71 48.24 -3.90
CA LYS X 172 16.97 46.81 -3.89
C LYS X 172 15.92 46.10 -3.04
N ALA X 173 15.38 45.02 -3.57
CA ALA X 173 14.25 44.36 -2.91
C ALA X 173 14.72 43.71 -1.62
N LEU X 174 13.98 43.97 -0.54
CA LEU X 174 14.28 43.43 0.77
C LEU X 174 13.11 42.57 1.23
N SER X 175 13.42 41.53 2.00
CA SER X 175 12.36 40.73 2.58
C SER X 175 11.73 41.46 3.76
N ARG X 176 10.55 40.98 4.17
CA ARG X 176 9.87 41.60 5.29
C ARG X 176 10.75 41.59 6.53
N GLN X 177 11.52 40.53 6.71
CA GLN X 177 12.40 40.42 7.87
C GLN X 177 13.45 41.53 7.89
N GLU X 178 13.86 42.02 6.72
CA GLU X 178 14.91 43.02 6.63
C GLU X 178 14.40 44.46 6.71
N MET X 179 13.10 44.67 6.55
CA MET X 179 12.54 46.03 6.64
C MET X 179 11.84 46.22 7.98
#